data_1TWQ
# 
_entry.id   1TWQ 
# 
_audit_conform.dict_name       mmcif_pdbx.dic 
_audit_conform.dict_version    5.387 
_audit_conform.dict_location   http://mmcif.pdb.org/dictionaries/ascii/mmcif_pdbx.dic 
# 
loop_
_database_2.database_id 
_database_2.database_code 
_database_2.pdbx_database_accession 
_database_2.pdbx_DOI 
PDB   1TWQ         pdb_00001twq 10.2210/pdb1twq/pdb 
RCSB  RCSB022978   ?            ?                   
WWPDB D_1000022978 ?            ?                   
# 
loop_
_pdbx_audit_revision_history.ordinal 
_pdbx_audit_revision_history.data_content_type 
_pdbx_audit_revision_history.major_revision 
_pdbx_audit_revision_history.minor_revision 
_pdbx_audit_revision_history.revision_date 
1 'Structure model' 1 0 2004-12-14 
2 'Structure model' 1 1 2008-04-30 
3 'Structure model' 1 2 2011-07-13 
4 'Structure model' 1 3 2011-11-16 
5 'Structure model' 1 4 2017-10-11 
6 'Structure model' 1 5 2020-07-29 
7 'Structure model' 1 6 2023-08-23 
8 'Structure model' 2 0 2023-11-15 
9 'Structure model' 3 0 2024-02-28 
# 
loop_
_pdbx_audit_revision_details.ordinal 
_pdbx_audit_revision_details.revision_ordinal 
_pdbx_audit_revision_details.data_content_type 
_pdbx_audit_revision_details.provider 
_pdbx_audit_revision_details.type 
_pdbx_audit_revision_details.description 
_pdbx_audit_revision_details.details 
1 1 'Structure model' repository 'Initial release' ?                          ? 
2 6 'Structure model' repository Remediation       'Carbohydrate remediation' ? 
# 
loop_
_pdbx_audit_revision_group.ordinal 
_pdbx_audit_revision_group.revision_ordinal 
_pdbx_audit_revision_group.data_content_type 
_pdbx_audit_revision_group.group 
1  2 'Structure model' 'Version format compliance' 
2  3 'Structure model' 'Version format compliance' 
3  4 'Structure model' 'Atomic model'              
4  5 'Structure model' Advisory                    
5  5 'Structure model' 'Refinement description'    
6  6 'Structure model' Advisory                    
7  6 'Structure model' 'Data collection'           
8  6 'Structure model' 'Derived calculations'      
9  6 'Structure model' 'Structure summary'         
10 7 'Structure model' 'Data collection'           
11 7 'Structure model' 'Database references'       
12 7 'Structure model' 'Refinement description'    
13 7 'Structure model' 'Structure summary'         
14 8 'Structure model' 'Atomic model'              
15 8 'Structure model' 'Data collection'           
16 8 'Structure model' 'Derived calculations'      
17 9 'Structure model' Advisory                    
18 9 'Structure model' 'Atomic model'              
19 9 'Structure model' 'Data collection'           
20 9 'Structure model' 'Database references'       
21 9 'Structure model' 'Derived calculations'      
22 9 'Structure model' 'Polymer sequence'          
23 9 'Structure model' 'Source and taxonomy'       
24 9 'Structure model' 'Structure summary'         
# 
loop_
_pdbx_audit_revision_category.ordinal 
_pdbx_audit_revision_category.revision_ordinal 
_pdbx_audit_revision_category.data_content_type 
_pdbx_audit_revision_category.category 
1  5 'Structure model' pdbx_validate_polymer_linkage 
2  5 'Structure model' software                      
3  6 'Structure model' chem_comp                     
4  6 'Structure model' database_PDB_caveat           
5  6 'Structure model' pdbx_chem_comp_identifier     
6  6 'Structure model' pdbx_struct_conn_angle        
7  6 'Structure model' struct_conn                   
8  6 'Structure model' struct_site                   
9  6 'Structure model' struct_site_gen               
10 7 'Structure model' chem_comp                     
11 7 'Structure model' chem_comp_atom                
12 7 'Structure model' chem_comp_bond                
13 7 'Structure model' database_2                    
14 7 'Structure model' pdbx_initial_refinement_model 
15 8 'Structure model' atom_site                     
16 8 'Structure model' chem_comp_atom                
17 8 'Structure model' chem_comp_bond                
18 8 'Structure model' pdbx_validate_rmsd_angle      
19 8 'Structure model' struct_conn                   
20 9 'Structure model' atom_site                     
21 9 'Structure model' database_PDB_caveat           
22 9 'Structure model' entity                        
23 9 'Structure model' entity_name_com               
24 9 'Structure model' entity_poly                   
25 9 'Structure model' entity_poly_seq               
26 9 'Structure model' entity_src_gen                
27 9 'Structure model' pdbx_entity_nonpoly           
28 9 'Structure model' pdbx_entity_src_syn           
29 9 'Structure model' pdbx_nonpoly_scheme           
30 9 'Structure model' pdbx_poly_seq_scheme          
31 9 'Structure model' pdbx_struct_assembly_gen      
32 9 'Structure model' pdbx_struct_conn_angle        
33 9 'Structure model' pdbx_struct_mod_residue       
34 9 'Structure model' pdbx_struct_special_symmetry  
35 9 'Structure model' pdbx_validate_chiral          
36 9 'Structure model' struct_asym                   
37 9 'Structure model' struct_conn                   
38 9 'Structure model' struct_ref                    
39 9 'Structure model' struct_ref_seq                
# 
loop_
_pdbx_audit_revision_item.ordinal 
_pdbx_audit_revision_item.revision_ordinal 
_pdbx_audit_revision_item.data_content_type 
_pdbx_audit_revision_item.item 
1   6 'Structure model' '_chem_comp.name'                             
2   6 'Structure model' '_chem_comp.type'                             
3   6 'Structure model' '_pdbx_struct_conn_angle.ptnr1_auth_comp_id'  
4   6 'Structure model' '_pdbx_struct_conn_angle.ptnr1_auth_seq_id'   
5   6 'Structure model' '_pdbx_struct_conn_angle.ptnr1_label_asym_id' 
6   6 'Structure model' '_pdbx_struct_conn_angle.ptnr1_label_atom_id' 
7   6 'Structure model' '_pdbx_struct_conn_angle.ptnr1_label_comp_id' 
8   6 'Structure model' '_pdbx_struct_conn_angle.ptnr1_label_seq_id'  
9   6 'Structure model' '_pdbx_struct_conn_angle.ptnr3_auth_comp_id'  
10  6 'Structure model' '_pdbx_struct_conn_angle.ptnr3_auth_seq_id'   
11  6 'Structure model' '_pdbx_struct_conn_angle.ptnr3_label_asym_id' 
12  6 'Structure model' '_pdbx_struct_conn_angle.ptnr3_label_atom_id' 
13  6 'Structure model' '_pdbx_struct_conn_angle.ptnr3_label_comp_id' 
14  6 'Structure model' '_pdbx_struct_conn_angle.ptnr3_label_seq_id'  
15  6 'Structure model' '_pdbx_struct_conn_angle.value'               
16  6 'Structure model' '_struct_conn.conn_type_id'                   
17  6 'Structure model' '_struct_conn.id'                             
18  6 'Structure model' '_struct_conn.pdbx_dist_value'                
19  6 'Structure model' '_struct_conn.pdbx_leaving_atom_flag'         
20  6 'Structure model' '_struct_conn.ptnr1_auth_asym_id'             
21  6 'Structure model' '_struct_conn.ptnr1_auth_comp_id'             
22  6 'Structure model' '_struct_conn.ptnr1_auth_seq_id'              
23  6 'Structure model' '_struct_conn.ptnr1_label_asym_id'            
24  6 'Structure model' '_struct_conn.ptnr1_label_atom_id'            
25  6 'Structure model' '_struct_conn.ptnr1_label_comp_id'            
26  6 'Structure model' '_struct_conn.ptnr1_label_seq_id'             
27  6 'Structure model' '_struct_conn.ptnr1_symmetry'                 
28  6 'Structure model' '_struct_conn.ptnr2_auth_asym_id'             
29  6 'Structure model' '_struct_conn.ptnr2_auth_comp_id'             
30  6 'Structure model' '_struct_conn.ptnr2_auth_seq_id'              
31  6 'Structure model' '_struct_conn.ptnr2_label_asym_id'            
32  6 'Structure model' '_struct_conn.ptnr2_label_atom_id'            
33  6 'Structure model' '_struct_conn.ptnr2_label_comp_id'            
34  6 'Structure model' '_struct_conn.ptnr2_label_seq_id'             
35  6 'Structure model' '_struct_conn.ptnr2_symmetry'                 
36  7 'Structure model' '_chem_comp.pdbx_synonyms'                    
37  7 'Structure model' '_database_2.pdbx_DOI'                        
38  7 'Structure model' '_database_2.pdbx_database_accession'         
39  8 'Structure model' '_atom_site.auth_atom_id'                     
40  8 'Structure model' '_atom_site.label_atom_id'                    
41  8 'Structure model' '_chem_comp_atom.atom_id'                     
42  8 'Structure model' '_chem_comp_bond.atom_id_1'                   
43  8 'Structure model' '_chem_comp_bond.atom_id_2'                   
44  8 'Structure model' '_struct_conn.pdbx_leaving_atom_flag'         
45  8 'Structure model' '_struct_conn.ptnr1_label_atom_id'            
46  9 'Structure model' '_atom_site.B_iso_or_equiv'                   
47  9 'Structure model' '_atom_site.Cartn_x'                          
48  9 'Structure model' '_atom_site.Cartn_y'                          
49  9 'Structure model' '_atom_site.Cartn_z'                          
50  9 'Structure model' '_atom_site.auth_asym_id'                     
51  9 'Structure model' '_atom_site.auth_atom_id'                     
52  9 'Structure model' '_atom_site.auth_comp_id'                     
53  9 'Structure model' '_atom_site.auth_seq_id'                      
54  9 'Structure model' '_atom_site.group_PDB'                        
55  9 'Structure model' '_atom_site.label_asym_id'                    
56  9 'Structure model' '_atom_site.label_atom_id'                    
57  9 'Structure model' '_atom_site.label_comp_id'                    
58  9 'Structure model' '_atom_site.label_entity_id'                  
59  9 'Structure model' '_atom_site.label_seq_id'                     
60  9 'Structure model' '_atom_site.occupancy'                        
61  9 'Structure model' '_atom_site.type_symbol'                      
62  9 'Structure model' '_database_PDB_caveat.text'                   
63  9 'Structure model' '_entity_poly.pdbx_seq_one_letter_code'       
64  9 'Structure model' '_entity_poly.pdbx_seq_one_letter_code_can'   
65  9 'Structure model' '_entity_src_gen.pdbx_beg_seq_num'            
66  9 'Structure model' '_entity_src_gen.pdbx_end_seq_num'            
67  9 'Structure model' '_entity_src_gen.pdbx_gene_src_gene'          
68  9 'Structure model' '_entity_src_gen.pdbx_seq_type'               
69  9 'Structure model' '_pdbx_entity_src_syn.ncbi_taxonomy_id'       
70  9 'Structure model' '_pdbx_entity_src_syn.organism_scientific'    
71  9 'Structure model' '_pdbx_entity_src_syn.pdbx_beg_seq_num'       
72  9 'Structure model' '_pdbx_entity_src_syn.pdbx_end_seq_num'       
73  9 'Structure model' '_pdbx_struct_assembly_gen.asym_id_list'      
74  9 'Structure model' '_pdbx_struct_conn_angle.ptnr1_auth_comp_id'  
75  9 'Structure model' '_pdbx_struct_conn_angle.ptnr1_auth_seq_id'   
76  9 'Structure model' '_pdbx_struct_conn_angle.ptnr1_label_asym_id' 
77  9 'Structure model' '_pdbx_struct_conn_angle.ptnr1_label_atom_id' 
78  9 'Structure model' '_pdbx_struct_conn_angle.ptnr1_label_comp_id' 
79  9 'Structure model' '_pdbx_struct_conn_angle.ptnr1_label_seq_id'  
80  9 'Structure model' '_pdbx_struct_conn_angle.ptnr1_symmetry'      
81  9 'Structure model' '_pdbx_struct_conn_angle.ptnr3_auth_comp_id'  
82  9 'Structure model' '_pdbx_struct_conn_angle.ptnr3_auth_seq_id'   
83  9 'Structure model' '_pdbx_struct_conn_angle.ptnr3_label_asym_id' 
84  9 'Structure model' '_pdbx_struct_conn_angle.ptnr3_label_atom_id' 
85  9 'Structure model' '_pdbx_struct_conn_angle.ptnr3_label_comp_id' 
86  9 'Structure model' '_pdbx_struct_conn_angle.ptnr3_label_seq_id'  
87  9 'Structure model' '_pdbx_struct_conn_angle.ptnr3_symmetry'      
88  9 'Structure model' '_pdbx_struct_conn_angle.value'               
89  9 'Structure model' '_pdbx_struct_mod_residue.label_seq_id'       
90  9 'Structure model' '_pdbx_struct_special_symmetry.auth_seq_id'   
91  9 'Structure model' '_pdbx_struct_special_symmetry.label_asym_id' 
92  9 'Structure model' '_pdbx_validate_chiral.auth_atom_id'          
93  9 'Structure model' '_pdbx_validate_chiral.auth_comp_id'          
94  9 'Structure model' '_pdbx_validate_chiral.auth_seq_id'           
95  9 'Structure model' '_struct_conn.pdbx_dist_value'                
96  9 'Structure model' '_struct_conn.pdbx_leaving_atom_flag'         
97  9 'Structure model' '_struct_conn.ptnr1_auth_comp_id'             
98  9 'Structure model' '_struct_conn.ptnr1_auth_seq_id'              
99  9 'Structure model' '_struct_conn.ptnr1_label_asym_id'            
100 9 'Structure model' '_struct_conn.ptnr1_label_atom_id'            
101 9 'Structure model' '_struct_conn.ptnr1_label_comp_id'            
102 9 'Structure model' '_struct_conn.ptnr1_label_seq_id'             
103 9 'Structure model' '_struct_conn.ptnr1_symmetry'                 
104 9 'Structure model' '_struct_conn.ptnr2_auth_comp_id'             
105 9 'Structure model' '_struct_conn.ptnr2_auth_seq_id'              
106 9 'Structure model' '_struct_conn.ptnr2_label_asym_id'            
107 9 'Structure model' '_struct_conn.ptnr2_label_atom_id'            
108 9 'Structure model' '_struct_conn.ptnr2_label_comp_id'            
109 9 'Structure model' '_struct_conn.ptnr2_label_seq_id'             
110 9 'Structure model' '_struct_ref.db_code'                         
111 9 'Structure model' '_struct_ref.pdbx_align_begin'                
112 9 'Structure model' '_struct_ref_seq.db_align_beg'                
113 9 'Structure model' '_struct_ref_seq.pdbx_auth_seq_align_beg'     
114 9 'Structure model' '_struct_ref_seq.seq_align_end'               
# 
loop_
_database_PDB_caveat.id 
_database_PDB_caveat.text 
1 'GMA P 997 HAS WRONG CHIRALITY AT ATOM CA'  
2 'AMU P 1001 HAS WRONG CHIRALITY AT ATOM C1' 
# 
_pdbx_database_status.entry_id                        1TWQ 
_pdbx_database_status.status_code                     REL 
_pdbx_database_status.recvd_initial_deposition_date   2004-07-01 
_pdbx_database_status.deposit_site                    RCSB 
_pdbx_database_status.process_site                    RCSB 
_pdbx_database_status.status_code_sf                  REL 
_pdbx_database_status.SG_entry                        . 
_pdbx_database_status.pdb_format_compatible           Y 
_pdbx_database_status.status_code_mr                  ? 
_pdbx_database_status.status_code_cs                  ? 
_pdbx_database_status.methods_development_category    ? 
_pdbx_database_status.status_code_nmr_data            ? 
# 
loop_
_pdbx_database_related.db_name 
_pdbx_database_related.db_id 
_pdbx_database_related.details 
_pdbx_database_related.content_type 
PDB 1SK3 'crystal structure of the C-terminal PGN-binding domain of human PGRP-Ialpha (form I)'  unspecified 
PDB 1SK4 'crystal structure of the C-terminal PGN-binding domain of human PGRP-Ialpha (form II)' unspecified 
# 
loop_
_audit_author.name 
_audit_author.pdbx_ordinal 
'Guan, R.'        1 
'Roychowdury, A.' 2 
'Boons, G.-A.'    3 
'Mariuzza, R.A.'  4 
# 
_citation.id                        primary 
_citation.title                     'Structural basis for peptidoglycan binding by peptidoglycan recognition proteins' 
_citation.journal_abbrev            Proc.Natl.Acad.Sci.USA 
_citation.journal_volume            101 
_citation.page_first                17168 
_citation.page_last                 17173 
_citation.year                      2004 
_citation.journal_id_ASTM           PNASA6 
_citation.country                   US 
_citation.journal_id_ISSN           0027-8424 
_citation.journal_id_CSD            0040 
_citation.book_publisher            ? 
_citation.pdbx_database_id_PubMed   15572450 
_citation.pdbx_database_id_DOI      10.1073/pnas.0407856101 
# 
loop_
_citation_author.citation_id 
_citation_author.name 
_citation_author.ordinal 
_citation_author.identifier_ORCID 
primary 'Guan, R.'         1 ? 
primary 'Roychowdhury, A.' 2 ? 
primary 'Ember, B.'        3 ? 
primary 'Kumar, S.'        4 ? 
primary 'Boons, G.-A.'     5 ? 
primary 'Mariuzza, R.A.'   6 ? 
# 
loop_
_entity.id 
_entity.type 
_entity.src_method 
_entity.pdbx_description 
_entity.formula_weight 
_entity.pdbx_number_of_molecules 
_entity.pdbx_ec 
_entity.pdbx_mutation 
_entity.pdbx_fragment 
_entity.details 
1 polymer     man 'peptidoglycan recognition protein-I-alpha' 18271.795 1  ? ? 'C-terminal domain' 
'complexed with PGN fragment (AMU)A(GMA)K(NH2)' 
2 polymer     syn 'muramyl tripeptide'                        344.409   1  ? ? 'PGN fragment'      ? 
3 non-polymer syn 'NICKEL (II) ION'                           58.693    1  ? ? ?                   ? 
4 non-polymer man 'N-acetyl-beta-muramic acid'                293.270   1  ? ? ?                   ? 
5 water       nat water                                       18.015    48 ? ? ?                   ? 
# 
loop_
_entity_poly.entity_id 
_entity_poly.type 
_entity_poly.nstd_linkage 
_entity_poly.nstd_monomer 
_entity_poly.pdbx_seq_one_letter_code 
_entity_poly.pdbx_seq_one_letter_code_can 
_entity_poly.pdbx_strand_id 
_entity_poly.pdbx_target_identifier 
1 'polypeptide(L)' no no  
;VCPNIIKRSAWEARETHCPKMNLPAKYVIIIHTAGTSCTVSTDCQTVVRNIQSFHMDTRNFCDIGYHFLVGQDGGVYEGV
GWHIQGSHTYGFNDIALGIAFIGYFVEKPPNAAALEAAQDLIQCAVVEGYLTPNYLLMGHSDVVNILSPGQALYNIISTW
PHFKH
;
;VCPNIIKRSAWEARETHCPKMNLPAKYVIIIHTAGTSCTVSTDCQTVVRNIQSFHMDTRNFCDIGYHFLVGQDGGVYEGV
GWHIQGSHTYGFNDIALGIAFIGYFVEKPPNAAALEAAQDLIQCAVVEGYLTPNYLLMGHSDVVNILSPGQALYNIISTW
PHFKH
;
A ? 
2 'polypeptide(L)' no yes 'A(GMA)K(NH2)' AEKX P ? 
# 
loop_
_pdbx_entity_nonpoly.entity_id 
_pdbx_entity_nonpoly.name 
_pdbx_entity_nonpoly.comp_id 
3 'NICKEL (II) ION'            NI  
4 'N-acetyl-beta-muramic acid' AMU 
5 water                        HOH 
# 
loop_
_entity_poly_seq.entity_id 
_entity_poly_seq.num 
_entity_poly_seq.mon_id 
_entity_poly_seq.hetero 
1 1   VAL n 
1 2   CYS n 
1 3   PRO n 
1 4   ASN n 
1 5   ILE n 
1 6   ILE n 
1 7   LYS n 
1 8   ARG n 
1 9   SER n 
1 10  ALA n 
1 11  TRP n 
1 12  GLU n 
1 13  ALA n 
1 14  ARG n 
1 15  GLU n 
1 16  THR n 
1 17  HIS n 
1 18  CYS n 
1 19  PRO n 
1 20  LYS n 
1 21  MET n 
1 22  ASN n 
1 23  LEU n 
1 24  PRO n 
1 25  ALA n 
1 26  LYS n 
1 27  TYR n 
1 28  VAL n 
1 29  ILE n 
1 30  ILE n 
1 31  ILE n 
1 32  HIS n 
1 33  THR n 
1 34  ALA n 
1 35  GLY n 
1 36  THR n 
1 37  SER n 
1 38  CYS n 
1 39  THR n 
1 40  VAL n 
1 41  SER n 
1 42  THR n 
1 43  ASP n 
1 44  CYS n 
1 45  GLN n 
1 46  THR n 
1 47  VAL n 
1 48  VAL n 
1 49  ARG n 
1 50  ASN n 
1 51  ILE n 
1 52  GLN n 
1 53  SER n 
1 54  PHE n 
1 55  HIS n 
1 56  MET n 
1 57  ASP n 
1 58  THR n 
1 59  ARG n 
1 60  ASN n 
1 61  PHE n 
1 62  CYS n 
1 63  ASP n 
1 64  ILE n 
1 65  GLY n 
1 66  TYR n 
1 67  HIS n 
1 68  PHE n 
1 69  LEU n 
1 70  VAL n 
1 71  GLY n 
1 72  GLN n 
1 73  ASP n 
1 74  GLY n 
1 75  GLY n 
1 76  VAL n 
1 77  TYR n 
1 78  GLU n 
1 79  GLY n 
1 80  VAL n 
1 81  GLY n 
1 82  TRP n 
1 83  HIS n 
1 84  ILE n 
1 85  GLN n 
1 86  GLY n 
1 87  SER n 
1 88  HIS n 
1 89  THR n 
1 90  TYR n 
1 91  GLY n 
1 92  PHE n 
1 93  ASN n 
1 94  ASP n 
1 95  ILE n 
1 96  ALA n 
1 97  LEU n 
1 98  GLY n 
1 99  ILE n 
1 100 ALA n 
1 101 PHE n 
1 102 ILE n 
1 103 GLY n 
1 104 TYR n 
1 105 PHE n 
1 106 VAL n 
1 107 GLU n 
1 108 LYS n 
1 109 PRO n 
1 110 PRO n 
1 111 ASN n 
1 112 ALA n 
1 113 ALA n 
1 114 ALA n 
1 115 LEU n 
1 116 GLU n 
1 117 ALA n 
1 118 ALA n 
1 119 GLN n 
1 120 ASP n 
1 121 LEU n 
1 122 ILE n 
1 123 GLN n 
1 124 CYS n 
1 125 ALA n 
1 126 VAL n 
1 127 VAL n 
1 128 GLU n 
1 129 GLY n 
1 130 TYR n 
1 131 LEU n 
1 132 THR n 
1 133 PRO n 
1 134 ASN n 
1 135 TYR n 
1 136 LEU n 
1 137 LEU n 
1 138 MET n 
1 139 GLY n 
1 140 HIS n 
1 141 SER n 
1 142 ASP n 
1 143 VAL n 
1 144 VAL n 
1 145 ASN n 
1 146 ILE n 
1 147 LEU n 
1 148 SER n 
1 149 PRO n 
1 150 GLY n 
1 151 GLN n 
1 152 ALA n 
1 153 LEU n 
1 154 TYR n 
1 155 ASN n 
1 156 ILE n 
1 157 ILE n 
1 158 SER n 
1 159 THR n 
1 160 TRP n 
1 161 PRO n 
1 162 HIS n 
1 163 PHE n 
1 164 LYS n 
1 165 HIS n 
2 1   ALA n 
2 2   GMA n 
2 3   LYS n 
2 4   NH2 n 
# 
_entity_src_gen.entity_id                          1 
_entity_src_gen.pdbx_src_id                        1 
_entity_src_gen.pdbx_alt_source_flag               sample 
_entity_src_gen.pdbx_seq_type                      'Biological sequence' 
_entity_src_gen.pdbx_beg_seq_num                   1 
_entity_src_gen.pdbx_end_seq_num                   165 
_entity_src_gen.gene_src_common_name               human 
_entity_src_gen.gene_src_genus                     Homo 
_entity_src_gen.pdbx_gene_src_gene                 'PGLYRP3, PGRPIA' 
_entity_src_gen.gene_src_species                   ? 
_entity_src_gen.gene_src_strain                    ? 
_entity_src_gen.gene_src_tissue                    ? 
_entity_src_gen.gene_src_tissue_fraction           ? 
_entity_src_gen.gene_src_details                   ? 
_entity_src_gen.pdbx_gene_src_fragment             ? 
_entity_src_gen.pdbx_gene_src_scientific_name      'Homo sapiens' 
_entity_src_gen.pdbx_gene_src_ncbi_taxonomy_id     9606 
_entity_src_gen.pdbx_gene_src_variant              ? 
_entity_src_gen.pdbx_gene_src_cell_line            ? 
_entity_src_gen.pdbx_gene_src_atcc                 ? 
_entity_src_gen.pdbx_gene_src_organ                ? 
_entity_src_gen.pdbx_gene_src_organelle            ? 
_entity_src_gen.pdbx_gene_src_cell                 ? 
_entity_src_gen.pdbx_gene_src_cellular_location    ? 
_entity_src_gen.host_org_common_name               ? 
_entity_src_gen.pdbx_host_org_scientific_name      'Escherichia coli BL21(DE3)' 
_entity_src_gen.pdbx_host_org_ncbi_taxonomy_id     469008 
_entity_src_gen.host_org_genus                     Escherichia 
_entity_src_gen.pdbx_host_org_gene                 ? 
_entity_src_gen.pdbx_host_org_organ                ? 
_entity_src_gen.host_org_species                   'Escherichia coli' 
_entity_src_gen.pdbx_host_org_tissue               ? 
_entity_src_gen.pdbx_host_org_tissue_fraction      ? 
_entity_src_gen.pdbx_host_org_strain               'BL21(DE3)' 
_entity_src_gen.pdbx_host_org_variant              ? 
_entity_src_gen.pdbx_host_org_cell_line            ? 
_entity_src_gen.pdbx_host_org_atcc                 ? 
_entity_src_gen.pdbx_host_org_culture_collection   ? 
_entity_src_gen.pdbx_host_org_cell                 ? 
_entity_src_gen.pdbx_host_org_organelle            ? 
_entity_src_gen.pdbx_host_org_cellular_location    ? 
_entity_src_gen.pdbx_host_org_vector_type          plasmid 
_entity_src_gen.pdbx_host_org_vector               ? 
_entity_src_gen.host_org_details                   ? 
_entity_src_gen.expression_system_id               ? 
_entity_src_gen.plasmid_name                       pT7-7 
_entity_src_gen.plasmid_details                    ? 
_entity_src_gen.pdbx_description                   ? 
# 
_pdbx_entity_src_syn.entity_id              2 
_pdbx_entity_src_syn.pdbx_src_id            1 
_pdbx_entity_src_syn.pdbx_alt_source_flag   sample 
_pdbx_entity_src_syn.pdbx_beg_seq_num       1 
_pdbx_entity_src_syn.pdbx_end_seq_num       4 
_pdbx_entity_src_syn.organism_scientific    'synthetic construct' 
_pdbx_entity_src_syn.organism_common_name   ? 
_pdbx_entity_src_syn.ncbi_taxonomy_id       32630 
_pdbx_entity_src_syn.details                'the muramyl tripeptide exists in all baterial peptidoglycans' 
# 
loop_
_chem_comp.id 
_chem_comp.type 
_chem_comp.mon_nstd_flag 
_chem_comp.name 
_chem_comp.pdbx_synonyms 
_chem_comp.formula 
_chem_comp.formula_weight 
ALA 'L-peptide linking'          y ALANINE                            ?                                                  
'C3 H7 N O2'     89.093  
AMU 'D-saccharide, beta linking' . 'N-acetyl-beta-muramic acid'       'N-acetyl-muramic acid; BETA-N-ACETYLMURAMIC ACID' 
'C11 H19 N O8'   293.270 
ARG 'L-peptide linking'          y ARGININE                           ?                                                  
'C6 H15 N4 O2 1' 175.209 
ASN 'L-peptide linking'          y ASPARAGINE                         ?                                                  
'C4 H8 N2 O3'    132.118 
ASP 'L-peptide linking'          y 'ASPARTIC ACID'                    ?                                                  
'C4 H7 N O4'     133.103 
CYS 'L-peptide linking'          y CYSTEINE                           ?                                                  
'C3 H7 N O2 S'   121.158 
GLN 'L-peptide linking'          y GLUTAMINE                          ?                                                  
'C5 H10 N2 O3'   146.144 
GLU 'L-peptide linking'          y 'GLUTAMIC ACID'                    ?                                                  
'C5 H9 N O4'     147.129 
GLY 'peptide linking'            y GLYCINE                            ?                                                  
'C2 H5 N O2'     75.067  
GMA 'L-peptide linking'          n '4-AMIDO-4-CARBAMOYL-BUTYRIC ACID' ?                                                  
'C5 H10 N2 O3'   146.144 
HIS 'L-peptide linking'          y HISTIDINE                          ?                                                  
'C6 H10 N3 O2 1' 156.162 
HOH non-polymer                  . WATER                              ?                                                  'H2 O' 
18.015  
ILE 'L-peptide linking'          y ISOLEUCINE                         ?                                                  
'C6 H13 N O2'    131.173 
LEU 'L-peptide linking'          y LEUCINE                            ?                                                  
'C6 H13 N O2'    131.173 
LYS 'L-peptide linking'          y LYSINE                             ?                                                  
'C6 H15 N2 O2 1' 147.195 
MET 'L-peptide linking'          y METHIONINE                         ?                                                  
'C5 H11 N O2 S'  149.211 
NH2 non-polymer                  . 'AMINO GROUP'                      ?                                                  'H2 N' 
16.023  
NI  non-polymer                  . 'NICKEL (II) ION'                  ?                                                  'Ni 2' 
58.693  
PHE 'L-peptide linking'          y PHENYLALANINE                      ?                                                  
'C9 H11 N O2'    165.189 
PRO 'L-peptide linking'          y PROLINE                            ?                                                  
'C5 H9 N O2'     115.130 
SER 'L-peptide linking'          y SERINE                             ?                                                  
'C3 H7 N O3'     105.093 
THR 'L-peptide linking'          y THREONINE                          ?                                                  
'C4 H9 N O3'     119.119 
TRP 'L-peptide linking'          y TRYPTOPHAN                         ?                                                  
'C11 H12 N2 O2'  204.225 
TYR 'L-peptide linking'          y TYROSINE                           ?                                                  
'C9 H11 N O3'    181.189 
VAL 'L-peptide linking'          y VALINE                             ?                                                  
'C5 H11 N O2'    117.146 
# 
loop_
_pdbx_chem_comp_identifier.comp_id 
_pdbx_chem_comp_identifier.type 
_pdbx_chem_comp_identifier.program 
_pdbx_chem_comp_identifier.program_version 
_pdbx_chem_comp_identifier.identifier 
AMU 'IUPAC CARBOHYDRATE SYMBOL' PDB-CARE 1.0 b-D-GlcpNAc3<C3O2> 
AMU 'SNFG CARBOHYDRATE SYMBOL'  GMML     1.0 MurNAc             
# 
loop_
_pdbx_poly_seq_scheme.asym_id 
_pdbx_poly_seq_scheme.entity_id 
_pdbx_poly_seq_scheme.seq_id 
_pdbx_poly_seq_scheme.mon_id 
_pdbx_poly_seq_scheme.ndb_seq_num 
_pdbx_poly_seq_scheme.pdb_seq_num 
_pdbx_poly_seq_scheme.auth_seq_num 
_pdbx_poly_seq_scheme.pdb_mon_id 
_pdbx_poly_seq_scheme.auth_mon_id 
_pdbx_poly_seq_scheme.pdb_strand_id 
_pdbx_poly_seq_scheme.pdb_ins_code 
_pdbx_poly_seq_scheme.hetero 
A 1 1   VAL 1   177 177 VAL VAL A . n 
A 1 2   CYS 2   178 178 CYS CYS A . n 
A 1 3   PRO 3   179 179 PRO PRO A . n 
A 1 4   ASN 4   180 180 ASN ASN A . n 
A 1 5   ILE 5   181 181 ILE ILE A . n 
A 1 6   ILE 6   182 182 ILE ILE A . n 
A 1 7   LYS 7   183 183 LYS LYS A . n 
A 1 8   ARG 8   184 184 ARG ARG A . n 
A 1 9   SER 9   185 185 SER SER A . n 
A 1 10  ALA 10  186 186 ALA ALA A . n 
A 1 11  TRP 11  187 187 TRP TRP A . n 
A 1 12  GLU 12  188 188 GLU GLU A . n 
A 1 13  ALA 13  189 189 ALA ALA A . n 
A 1 14  ARG 14  190 190 ARG ARG A . n 
A 1 15  GLU 15  191 191 GLU GLU A . n 
A 1 16  THR 16  192 192 THR THR A . n 
A 1 17  HIS 17  193 193 HIS HIS A . n 
A 1 18  CYS 18  194 194 CYS CYS A . n 
A 1 19  PRO 19  195 195 PRO PRO A . n 
A 1 20  LYS 20  196 196 LYS LYS A . n 
A 1 21  MET 21  197 197 MET MET A . n 
A 1 22  ASN 22  198 198 ASN ASN A . n 
A 1 23  LEU 23  199 199 LEU LEU A . n 
A 1 24  PRO 24  200 200 PRO PRO A . n 
A 1 25  ALA 25  201 201 ALA ALA A . n 
A 1 26  LYS 26  202 202 LYS LYS A . n 
A 1 27  TYR 27  203 203 TYR TYR A . n 
A 1 28  VAL 28  204 204 VAL VAL A . n 
A 1 29  ILE 29  205 205 ILE ILE A . n 
A 1 30  ILE 30  206 206 ILE ILE A . n 
A 1 31  ILE 31  207 207 ILE ILE A . n 
A 1 32  HIS 32  208 208 HIS HIS A . n 
A 1 33  THR 33  209 209 THR THR A . n 
A 1 34  ALA 34  210 210 ALA ALA A . n 
A 1 35  GLY 35  211 211 GLY GLY A . n 
A 1 36  THR 36  212 212 THR THR A . n 
A 1 37  SER 37  213 213 SER SER A . n 
A 1 38  CYS 38  214 214 CYS CYS A . n 
A 1 39  THR 39  215 215 THR THR A . n 
A 1 40  VAL 40  216 216 VAL VAL A . n 
A 1 41  SER 41  217 217 SER SER A . n 
A 1 42  THR 42  218 218 THR THR A . n 
A 1 43  ASP 43  219 219 ASP ASP A . n 
A 1 44  CYS 44  220 220 CYS CYS A . n 
A 1 45  GLN 45  221 221 GLN GLN A . n 
A 1 46  THR 46  222 222 THR THR A . n 
A 1 47  VAL 47  223 223 VAL VAL A . n 
A 1 48  VAL 48  224 224 VAL VAL A . n 
A 1 49  ARG 49  225 225 ARG ARG A . n 
A 1 50  ASN 50  226 226 ASN ASN A . n 
A 1 51  ILE 51  227 227 ILE ILE A . n 
A 1 52  GLN 52  228 228 GLN GLN A . n 
A 1 53  SER 53  229 229 SER SER A . n 
A 1 54  PHE 54  230 230 PHE PHE A . n 
A 1 55  HIS 55  231 231 HIS HIS A . n 
A 1 56  MET 56  232 232 MET MET A . n 
A 1 57  ASP 57  233 233 ASP ASP A . n 
A 1 58  THR 58  234 234 THR THR A . n 
A 1 59  ARG 59  235 235 ARG ARG A . n 
A 1 60  ASN 60  236 236 ASN ASN A . n 
A 1 61  PHE 61  237 237 PHE PHE A . n 
A 1 62  CYS 62  238 238 CYS CYS A . n 
A 1 63  ASP 63  239 239 ASP ASP A . n 
A 1 64  ILE 64  240 240 ILE ILE A . n 
A 1 65  GLY 65  241 241 GLY GLY A . n 
A 1 66  TYR 66  242 242 TYR TYR A . n 
A 1 67  HIS 67  243 243 HIS HIS A . n 
A 1 68  PHE 68  244 244 PHE PHE A . n 
A 1 69  LEU 69  245 245 LEU LEU A . n 
A 1 70  VAL 70  246 246 VAL VAL A . n 
A 1 71  GLY 71  247 247 GLY GLY A . n 
A 1 72  GLN 72  248 248 GLN GLN A . n 
A 1 73  ASP 73  249 249 ASP ASP A . n 
A 1 74  GLY 74  250 250 GLY GLY A . n 
A 1 75  GLY 75  251 251 GLY GLY A . n 
A 1 76  VAL 76  252 252 VAL VAL A . n 
A 1 77  TYR 77  253 253 TYR TYR A . n 
A 1 78  GLU 78  254 254 GLU GLU A . n 
A 1 79  GLY 79  255 255 GLY GLY A . n 
A 1 80  VAL 80  256 256 VAL VAL A . n 
A 1 81  GLY 81  257 257 GLY GLY A . n 
A 1 82  TRP 82  258 258 TRP TRP A . n 
A 1 83  HIS 83  259 259 HIS HIS A . n 
A 1 84  ILE 84  260 260 ILE ILE A . n 
A 1 85  GLN 85  261 261 GLN GLN A . n 
A 1 86  GLY 86  262 262 GLY GLY A . n 
A 1 87  SER 87  263 263 SER SER A . n 
A 1 88  HIS 88  264 264 HIS HIS A . n 
A 1 89  THR 89  265 265 THR THR A . n 
A 1 90  TYR 90  266 266 TYR TYR A . n 
A 1 91  GLY 91  267 267 GLY GLY A . n 
A 1 92  PHE 92  268 268 PHE PHE A . n 
A 1 93  ASN 93  269 269 ASN ASN A . n 
A 1 94  ASP 94  270 270 ASP ASP A . n 
A 1 95  ILE 95  271 271 ILE ILE A . n 
A 1 96  ALA 96  272 272 ALA ALA A . n 
A 1 97  LEU 97  273 273 LEU LEU A . n 
A 1 98  GLY 98  274 274 GLY GLY A . n 
A 1 99  ILE 99  275 275 ILE ILE A . n 
A 1 100 ALA 100 276 276 ALA ALA A . n 
A 1 101 PHE 101 277 277 PHE PHE A . n 
A 1 102 ILE 102 278 278 ILE ILE A . n 
A 1 103 GLY 103 279 279 GLY GLY A . n 
A 1 104 TYR 104 280 280 TYR TYR A . n 
A 1 105 PHE 105 281 281 PHE PHE A . n 
A 1 106 VAL 106 282 282 VAL VAL A . n 
A 1 107 GLU 107 283 283 GLU GLU A . n 
A 1 108 LYS 108 284 284 LYS LYS A . n 
A 1 109 PRO 109 285 285 PRO PRO A . n 
A 1 110 PRO 110 286 286 PRO PRO A . n 
A 1 111 ASN 111 287 287 ASN ASN A . n 
A 1 112 ALA 112 288 288 ALA ALA A . n 
A 1 113 ALA 113 289 289 ALA ALA A . n 
A 1 114 ALA 114 290 290 ALA ALA A . n 
A 1 115 LEU 115 291 291 LEU LEU A . n 
A 1 116 GLU 116 292 292 GLU GLU A . n 
A 1 117 ALA 117 293 293 ALA ALA A . n 
A 1 118 ALA 118 294 294 ALA ALA A . n 
A 1 119 GLN 119 295 295 GLN GLN A . n 
A 1 120 ASP 120 296 296 ASP ASP A . n 
A 1 121 LEU 121 297 297 LEU LEU A . n 
A 1 122 ILE 122 298 298 ILE ILE A . n 
A 1 123 GLN 123 299 299 GLN GLN A . n 
A 1 124 CYS 124 300 300 CYS CYS A . n 
A 1 125 ALA 125 301 301 ALA ALA A . n 
A 1 126 VAL 126 302 302 VAL VAL A . n 
A 1 127 VAL 127 303 303 VAL VAL A . n 
A 1 128 GLU 128 304 304 GLU GLU A . n 
A 1 129 GLY 129 305 305 GLY GLY A . n 
A 1 130 TYR 130 306 306 TYR TYR A . n 
A 1 131 LEU 131 307 307 LEU LEU A . n 
A 1 132 THR 132 308 308 THR THR A . n 
A 1 133 PRO 133 309 309 PRO PRO A . n 
A 1 134 ASN 134 310 310 ASN ASN A . n 
A 1 135 TYR 135 311 311 TYR TYR A . n 
A 1 136 LEU 136 312 312 LEU LEU A . n 
A 1 137 LEU 137 313 313 LEU LEU A . n 
A 1 138 MET 138 314 314 MET MET A . n 
A 1 139 GLY 139 315 315 GLY GLY A . n 
A 1 140 HIS 140 316 316 HIS HIS A . n 
A 1 141 SER 141 317 317 SER SER A . n 
A 1 142 ASP 142 318 318 ASP ASP A . n 
A 1 143 VAL 143 319 319 VAL VAL A . n 
A 1 144 VAL 144 320 320 VAL VAL A . n 
A 1 145 ASN 145 321 321 ASN ASN A . n 
A 1 146 ILE 146 322 322 ILE ILE A . n 
A 1 147 LEU 147 323 323 LEU LEU A . n 
A 1 148 SER 148 324 324 SER SER A . n 
A 1 149 PRO 149 325 325 PRO PRO A . n 
A 1 150 GLY 150 326 326 GLY GLY A . n 
A 1 151 GLN 151 327 327 GLN GLN A . n 
A 1 152 ALA 152 328 328 ALA ALA A . n 
A 1 153 LEU 153 329 329 LEU LEU A . n 
A 1 154 TYR 154 330 330 TYR TYR A . n 
A 1 155 ASN 155 331 331 ASN ASN A . n 
A 1 156 ILE 156 332 332 ILE ILE A . n 
A 1 157 ILE 157 333 333 ILE ILE A . n 
A 1 158 SER 158 334 334 SER SER A . n 
A 1 159 THR 159 335 335 THR THR A . n 
A 1 160 TRP 160 336 336 TRP TRP A . n 
A 1 161 PRO 161 337 337 PRO PRO A . n 
A 1 162 HIS 162 338 338 HIS HIS A . n 
A 1 163 PHE 163 339 339 PHE PHE A . n 
A 1 164 LYS 164 340 340 LYS LYS A . n 
A 1 165 HIS 165 341 341 HIS HIS A . n 
B 2 1   ALA 1   996 996 ALA ALA P . n 
B 2 2   GMA 2   997 997 GMA GMA P . n 
B 2 3   LYS 3   998 998 LYS LYS P . n 
B 2 4   NH2 4   999 999 NH2 NH2 P . n 
# 
loop_
_pdbx_nonpoly_scheme.asym_id 
_pdbx_nonpoly_scheme.entity_id 
_pdbx_nonpoly_scheme.mon_id 
_pdbx_nonpoly_scheme.ndb_seq_num 
_pdbx_nonpoly_scheme.pdb_seq_num 
_pdbx_nonpoly_scheme.auth_seq_num 
_pdbx_nonpoly_scheme.pdb_mon_id 
_pdbx_nonpoly_scheme.auth_mon_id 
_pdbx_nonpoly_scheme.pdb_strand_id 
_pdbx_nonpoly_scheme.pdb_ins_code 
C 3 NI  1  900  900 NI  NI  A . 
D 4 AMU 1  1001 995 AMU AMU P . 
E 5 HOH 1  1001 25  HOH HOH A . 
E 5 HOH 2  1002 6   HOH HOH A . 
E 5 HOH 3  1003 1   HOH HOH A . 
E 5 HOH 4  1004 28  HOH HOH A . 
E 5 HOH 5  1005 38  HOH HOH A . 
E 5 HOH 6  1006 2   HOH HOH A . 
E 5 HOH 7  1007 7   HOH HOH A . 
E 5 HOH 8  1008 37  HOH HOH A . 
E 5 HOH 9  1009 19  HOH HOH A . 
E 5 HOH 10 1010 11  HOH HOH A . 
E 5 HOH 11 1011 22  HOH HOH A . 
E 5 HOH 12 1012 12  HOH HOH A . 
E 5 HOH 13 1013 31  HOH HOH A . 
E 5 HOH 14 1014 44  HOH HOH A . 
E 5 HOH 15 1015 48  HOH HOH A . 
E 5 HOH 16 1016 20  HOH HOH A . 
E 5 HOH 17 1017 24  HOH HOH A . 
E 5 HOH 18 1018 13  HOH HOH A . 
E 5 HOH 19 1019 36  HOH HOH A . 
E 5 HOH 20 1020 10  HOH HOH A . 
E 5 HOH 21 1021 9   HOH HOH A . 
E 5 HOH 22 1022 16  HOH HOH A . 
E 5 HOH 23 1023 8   HOH HOH A . 
E 5 HOH 24 1024 3   HOH HOH A . 
E 5 HOH 25 1025 32  HOH HOH A . 
E 5 HOH 26 1026 26  HOH HOH A . 
E 5 HOH 27 1027 14  HOH HOH A . 
E 5 HOH 28 1028 18  HOH HOH A . 
E 5 HOH 29 1029 21  HOH HOH A . 
E 5 HOH 30 1030 41  HOH HOH A . 
E 5 HOH 31 1031 35  HOH HOH A . 
E 5 HOH 32 1032 5   HOH HOH A . 
E 5 HOH 33 1033 33  HOH HOH A . 
E 5 HOH 34 1034 45  HOH HOH A . 
E 5 HOH 35 1035 30  HOH HOH A . 
E 5 HOH 36 1036 17  HOH HOH A . 
E 5 HOH 37 1037 47  HOH HOH A . 
E 5 HOH 38 1038 39  HOH HOH A . 
E 5 HOH 39 1039 29  HOH HOH A . 
E 5 HOH 40 1040 27  HOH HOH A . 
E 5 HOH 41 1041 15  HOH HOH A . 
E 5 HOH 42 1042 43  HOH HOH A . 
E 5 HOH 43 1043 42  HOH HOH A . 
E 5 HOH 44 1044 34  HOH HOH A . 
E 5 HOH 45 1045 46  HOH HOH A . 
E 5 HOH 46 1046 23  HOH HOH A . 
E 5 HOH 47 1047 4   HOH HOH A . 
F 5 HOH 1  1101 40  HOH HOH P . 
# 
loop_
_software.name 
_software.classification 
_software.version 
_software.citation_id 
_software.pdbx_ordinal 
CrystalClear 'data collection' .              ? 1 
CrystalClear 'data reduction'  .              ? 2 
AMoRE        phasing           .              ? 3 
CNS          refinement        1.1            ? 4 
CrystalClear 'data scaling'    '(MSC/RIGAKU)' ? 5 
# 
_cell.entry_id           1TWQ 
_cell.length_a           104.511 
_cell.length_b           104.511 
_cell.length_c           42.050 
_cell.angle_alpha        90.00 
_cell.angle_beta         90.00 
_cell.angle_gamma        120.00 
_cell.Z_PDB              6 
_cell.pdbx_unique_axis   ? 
# 
_symmetry.entry_id                         1TWQ 
_symmetry.space_group_name_H-M             'P 32 2 1' 
_symmetry.cell_setting                     trigonal 
_symmetry.pdbx_full_space_group_name_H-M   ? 
_symmetry.Int_Tables_number                154 
_symmetry.space_group_name_Hall            ? 
# 
_exptl.entry_id          1TWQ 
_exptl.method            'X-RAY DIFFRACTION' 
_exptl.crystals_number   1 
# 
_exptl_crystal.id                    1 
_exptl_crystal.density_percent_sol   64.05 
_exptl_crystal.density_Matthews      3.42 
_exptl_crystal.density_meas          ? 
_exptl_crystal.description           ? 
_exptl_crystal.F_000                 ? 
_exptl_crystal.preparation           ? 
# 
_exptl_crystal_grow.crystal_id      1 
_exptl_crystal_grow.method          'VAPOR DIFFUSION, HANGING DROP' 
_exptl_crystal_grow.temp            293 
_exptl_crystal_grow.pH              8.5 
_exptl_crystal_grow.pdbx_details    
'PEG MME 2000, Nickel sulfate, Tris-HCl, pH 8.5, VAPOR DIFFUSION, HANGING DROP, temperature 293K' 
_exptl_crystal_grow.temp_details    ? 
_exptl_crystal_grow.pdbx_pH_range   . 
# 
_diffrn.id                     1 
_diffrn.ambient_temp           173 
_diffrn.ambient_temp_details   ? 
_diffrn.crystal_id             1 
# 
_diffrn_detector.diffrn_id              1 
_diffrn_detector.detector               'IMAGE PLATE' 
_diffrn_detector.type                   'RIGAKU RAXIS IV' 
_diffrn_detector.pdbx_collection_date   2004-05-04 
_diffrn_detector.details                ? 
# 
_diffrn_radiation.diffrn_id                        1 
_diffrn_radiation.wavelength_id                    1 
_diffrn_radiation.pdbx_monochromatic_or_laue_m_l   M 
_diffrn_radiation.monochromator                    'SI 111' 
_diffrn_radiation.pdbx_diffrn_protocol             'SINGLE WAVELENGTH' 
_diffrn_radiation.pdbx_scattering_type             x-ray 
# 
_diffrn_radiation_wavelength.id           1 
_diffrn_radiation_wavelength.wavelength   1.5418 
_diffrn_radiation_wavelength.wt           1.0 
# 
_diffrn_source.diffrn_id                   1 
_diffrn_source.source                      'ROTATING ANODE' 
_diffrn_source.type                        RIGAKU 
_diffrn_source.pdbx_synchrotron_site       ? 
_diffrn_source.pdbx_synchrotron_beamline   ? 
_diffrn_source.pdbx_wavelength             ? 
_diffrn_source.pdbx_wavelength_list        1.5418 
# 
_reflns.entry_id                     1TWQ 
_reflns.observed_criterion_sigma_I   0 
_reflns.observed_criterion_sigma_F   0 
_reflns.d_resolution_low             26.54 
_reflns.d_resolution_high            2.30 
_reflns.number_obs                   11464 
_reflns.number_all                   11464 
_reflns.percent_possible_obs         95.8 
_reflns.pdbx_Rmerge_I_obs            0.071 
_reflns.pdbx_Rsym_value              ? 
_reflns.pdbx_netI_over_sigmaI        14.8 
_reflns.B_iso_Wilson_estimate        27.3 
_reflns.pdbx_redundancy              5.43 
_reflns.R_free_details               ? 
_reflns.limit_h_max                  ? 
_reflns.limit_h_min                  ? 
_reflns.limit_k_max                  ? 
_reflns.limit_k_min                  ? 
_reflns.limit_l_max                  ? 
_reflns.limit_l_min                  ? 
_reflns.observed_criterion_F_max     ? 
_reflns.observed_criterion_F_min     ? 
_reflns.pdbx_chi_squared             ? 
_reflns.pdbx_scaling_rejects         ? 
_reflns.pdbx_diffrn_id               1 
_reflns.pdbx_ordinal                 1 
# 
_reflns_shell.d_res_high             2.30 
_reflns_shell.d_res_low              2.38 
_reflns_shell.percent_possible_all   93.5 
_reflns_shell.Rmerge_I_obs           0.328 
_reflns_shell.pdbx_Rsym_value        ? 
_reflns_shell.meanI_over_sigI_obs    4.5 
_reflns_shell.pdbx_redundancy        5.08 
_reflns_shell.percent_possible_obs   ? 
_reflns_shell.number_unique_all      1096 
_reflns_shell.number_measured_all    ? 
_reflns_shell.number_measured_obs    ? 
_reflns_shell.number_unique_obs      ? 
_reflns_shell.pdbx_chi_squared       ? 
_reflns_shell.pdbx_diffrn_id         ? 
_reflns_shell.pdbx_ordinal           1 
# 
_refine.entry_id                                 1TWQ 
_refine.ls_number_reflns_obs                     11464 
_refine.ls_number_reflns_all                     11464 
_refine.pdbx_ls_sigma_I                          0 
_refine.pdbx_ls_sigma_F                          0 
_refine.pdbx_data_cutoff_high_absF               1059174.25 
_refine.pdbx_data_cutoff_low_absF                0.000000 
_refine.pdbx_data_cutoff_high_rms_absF           ? 
_refine.ls_d_res_low                             26.54 
_refine.ls_d_res_high                            2.30 
_refine.ls_percent_reflns_obs                    95.7 
_refine.ls_R_factor_obs                          0.2221 
_refine.ls_R_factor_all                          0.2221 
_refine.ls_R_factor_R_work                       0.222 
_refine.ls_R_factor_R_free                       0.252 
_refine.ls_R_factor_R_free_error                 0.011 
_refine.ls_R_factor_R_free_error_details         ? 
_refine.ls_percent_reflns_R_free                 5.2 
_refine.ls_number_reflns_R_free                  592 
_refine.ls_number_parameters                     ? 
_refine.ls_number_restraints                     ? 
_refine.occupancy_min                            ? 
_refine.occupancy_max                            ? 
_refine.correlation_coeff_Fo_to_Fc               ? 
_refine.correlation_coeff_Fo_to_Fc_free          ? 
_refine.B_iso_mean                               32.8 
_refine.aniso_B[1][1]                            1.28 
_refine.aniso_B[2][2]                            1.28 
_refine.aniso_B[3][3]                            -2.55 
_refine.aniso_B[1][2]                            3.78 
_refine.aniso_B[1][3]                            0.00 
_refine.aniso_B[2][3]                            0.00 
_refine.solvent_model_details                    'FLAT MODEL' 
_refine.solvent_model_param_ksol                 0.3328 
_refine.solvent_model_param_bsol                 36.9163 
_refine.pdbx_solvent_vdw_probe_radii             ? 
_refine.pdbx_solvent_ion_probe_radii             ? 
_refine.pdbx_solvent_shrinkage_radii             ? 
_refine.pdbx_ls_cross_valid_method               THROUGHOUT 
_refine.details                                  ? 
_refine.pdbx_starting_model                      'PDB entry 1SK3' 
_refine.pdbx_method_to_determine_struct          'MOLECULAR REPLACEMENT' 
_refine.pdbx_isotropic_thermal_model             RESTRAINED 
_refine.pdbx_stereochemistry_target_values       'Engh & Huber' 
_refine.pdbx_stereochem_target_val_spec_case     ? 
_refine.pdbx_R_Free_selection_details            RANDOM 
_refine.pdbx_overall_ESU_R                       ? 
_refine.pdbx_overall_ESU_R_Free                  ? 
_refine.overall_SU_ML                            ? 
_refine.overall_SU_B                             ? 
_refine.ls_redundancy_reflns_obs                 ? 
_refine.B_iso_min                                ? 
_refine.B_iso_max                                ? 
_refine.overall_SU_R_Cruickshank_DPI             ? 
_refine.overall_SU_R_free                        ? 
_refine.ls_wR_factor_R_free                      ? 
_refine.ls_wR_factor_R_work                      ? 
_refine.overall_FOM_free_R_set                   ? 
_refine.overall_FOM_work_R_set                   ? 
_refine.pdbx_refine_id                           'X-RAY DIFFRACTION' 
_refine.pdbx_diffrn_id                           1 
_refine.pdbx_TLS_residual_ADP_flag               ? 
_refine.pdbx_overall_phase_error                 ? 
_refine.pdbx_overall_SU_R_free_Cruickshank_DPI   ? 
_refine.pdbx_overall_SU_R_Blow_DPI               ? 
_refine.pdbx_overall_SU_R_free_Blow_DPI          ? 
# 
_refine_analyze.entry_id                        1TWQ 
_refine_analyze.Luzzati_coordinate_error_obs    0.30 
_refine_analyze.Luzzati_sigma_a_obs             0.33 
_refine_analyze.Luzzati_d_res_low_obs           5.00 
_refine_analyze.Luzzati_coordinate_error_free   0.37 
_refine_analyze.Luzzati_sigma_a_free            0.39 
_refine_analyze.Luzzati_d_res_low_free          ? 
_refine_analyze.number_disordered_residues      ? 
_refine_analyze.occupancy_sum_hydrogen          ? 
_refine_analyze.occupancy_sum_non_hydrogen      ? 
_refine_analyze.pdbx_Luzzati_d_res_high_obs     ? 
_refine_analyze.pdbx_refine_id                  'X-RAY DIFFRACTION' 
# 
_refine_hist.pdbx_refine_id                   'X-RAY DIFFRACTION' 
_refine_hist.cycle_id                         LAST 
_refine_hist.pdbx_number_atoms_protein        1329 
_refine_hist.pdbx_number_atoms_nucleic_acid   0 
_refine_hist.pdbx_number_atoms_ligand         1 
_refine_hist.number_atoms_solvent             48 
_refine_hist.number_atoms_total               1378 
_refine_hist.d_res_high                       2.30 
_refine_hist.d_res_low                        26.54 
# 
loop_
_refine_ls_restr.type 
_refine_ls_restr.dev_ideal 
_refine_ls_restr.dev_ideal_target 
_refine_ls_restr.weight 
_refine_ls_restr.number 
_refine_ls_restr.pdbx_refine_id 
_refine_ls_restr.pdbx_restraint_function 
c_bond_d           0.007 ? ? ? 'X-RAY DIFFRACTION' ? 
c_angle_deg        1.4   ? ? ? 'X-RAY DIFFRACTION' ? 
c_dihedral_angle_d 23.2  ? ? ? 'X-RAY DIFFRACTION' ? 
c_improper_angle_d 0.85  ? ? ? 'X-RAY DIFFRACTION' ? 
# 
_refine_ls_shell.pdbx_total_number_of_bins_used   6 
_refine_ls_shell.d_res_high                       2.30 
_refine_ls_shell.d_res_low                        2.44 
_refine_ls_shell.number_reflns_R_work             1751 
_refine_ls_shell.R_factor_R_work                  0.285 
_refine_ls_shell.percent_reflns_obs               93.5 
_refine_ls_shell.R_factor_R_free                  0.309 
_refine_ls_shell.R_factor_R_free_error            0.032 
_refine_ls_shell.percent_reflns_R_free            5.0 
_refine_ls_shell.number_reflns_R_free             93 
_refine_ls_shell.number_reflns_obs                ? 
_refine_ls_shell.redundancy_reflns_obs            ? 
_refine_ls_shell.number_reflns_all                ? 
_refine_ls_shell.pdbx_refine_id                   'X-RAY DIFFRACTION' 
_refine_ls_shell.R_factor_all                     ? 
# 
loop_
_pdbx_xplor_file.serial_no 
_pdbx_xplor_file.param_file 
_pdbx_xplor_file.topol_file 
_pdbx_xplor_file.pdbx_refine_id 
1 PROTEIN_REP.PARAM PROTEIN.TOP 'X-RAY DIFFRACTION' 
2 MTP.PAR           ?           'X-RAY DIFFRACTION' 
3 WATER.PARAM       ?           'X-RAY DIFFRACTION' 
4 ION.PARAM         ?           'X-RAY DIFFRACTION' 
# 
_struct.entry_id                  1TWQ 
_struct.title                     
'Crystal structure of the C-terminal PGN-binding domain of human PGRP-Ialpha in complex with PGN analog muramyl tripeptide' 
_struct.pdbx_model_details        ? 
_struct.pdbx_CASP_flag            ? 
_struct.pdbx_model_type_details   ? 
# 
_struct_keywords.entry_id        1TWQ 
_struct_keywords.pdbx_keywords   'IMMUNE SYSTEM, MEMBRANE PROTEIN' 
_struct_keywords.text            'crystal structure; complex; PGRP; PGRP-Ialpha; PGN analog, IMMUNE SYSTEM, MEMBRANE PROTEIN' 
# 
loop_
_struct_asym.id 
_struct_asym.pdbx_blank_PDB_chainid_flag 
_struct_asym.pdbx_modified 
_struct_asym.entity_id 
_struct_asym.details 
A N N 1 ? 
B N N 2 ? 
C N N 3 ? 
D N N 4 ? 
E N N 5 ? 
F N N 5 ? 
# 
loop_
_struct_ref.id 
_struct_ref.db_name 
_struct_ref.db_code 
_struct_ref.pdbx_db_accession 
_struct_ref.pdbx_db_isoform 
_struct_ref.entity_id 
_struct_ref.pdbx_seq_one_letter_code 
_struct_ref.pdbx_align_begin 
1 UNP PGRP3_HUMAN Q96LB9 ? 1 
;VCPNIIKRSAWEARETHCPKMNLPAKYVIIIHTAGTSCTVSTDCQTVVRNIQSFHMDTRNFCDIGYHFLVGQDGGVYEGV
GWHIQGSHTYGFNDIALGIAFIGYFVEKPPNAAALEAAQDLIQCAVVEGYLTPNYLLMGHSDVVNILSPGQALYNIISTW
PHFKH
;
177 
2 PDB 1TWQ        1TWQ   ? 2 ? 1   
# 
loop_
_struct_ref_seq.align_id 
_struct_ref_seq.ref_id 
_struct_ref_seq.pdbx_PDB_id_code 
_struct_ref_seq.pdbx_strand_id 
_struct_ref_seq.seq_align_beg 
_struct_ref_seq.pdbx_seq_align_beg_ins_code 
_struct_ref_seq.seq_align_end 
_struct_ref_seq.pdbx_seq_align_end_ins_code 
_struct_ref_seq.pdbx_db_accession 
_struct_ref_seq.db_align_beg 
_struct_ref_seq.pdbx_db_align_beg_ins_code 
_struct_ref_seq.db_align_end 
_struct_ref_seq.pdbx_db_align_end_ins_code 
_struct_ref_seq.pdbx_auth_seq_align_beg 
_struct_ref_seq.pdbx_auth_seq_align_end 
1 1 1TWQ A 1 ? 165 ? Q96LB9 177 ? 341 ? 177 341 
2 2 1TWQ P 1 ? 4   ? 1TWQ   996 ? 999 ? 996 999 
# 
_pdbx_struct_assembly.id                   1 
_pdbx_struct_assembly.details              author_defined_assembly 
_pdbx_struct_assembly.method_details       ? 
_pdbx_struct_assembly.oligomeric_details   dimeric 
_pdbx_struct_assembly.oligomeric_count     2 
# 
_pdbx_struct_assembly_gen.assembly_id       1 
_pdbx_struct_assembly_gen.oper_expression   1 
_pdbx_struct_assembly_gen.asym_id_list      A,B,C,D,E,F 
# 
_pdbx_struct_oper_list.id                   1 
_pdbx_struct_oper_list.type                 'identity operation' 
_pdbx_struct_oper_list.name                 1_555 
_pdbx_struct_oper_list.symmetry_operation   x,y,z 
_pdbx_struct_oper_list.matrix[1][1]         1.0000000000 
_pdbx_struct_oper_list.matrix[1][2]         0.0000000000 
_pdbx_struct_oper_list.matrix[1][3]         0.0000000000 
_pdbx_struct_oper_list.vector[1]            0.0000000000 
_pdbx_struct_oper_list.matrix[2][1]         0.0000000000 
_pdbx_struct_oper_list.matrix[2][2]         1.0000000000 
_pdbx_struct_oper_list.matrix[2][3]         0.0000000000 
_pdbx_struct_oper_list.vector[2]            0.0000000000 
_pdbx_struct_oper_list.matrix[3][1]         0.0000000000 
_pdbx_struct_oper_list.matrix[3][2]         0.0000000000 
_pdbx_struct_oper_list.matrix[3][3]         1.0000000000 
_pdbx_struct_oper_list.vector[3]            0.0000000000 
# 
_struct_biol.id                    1 
_struct_biol.details               'it is a monomer and there is only one molecule in the asymmetric unit' 
_struct_biol.pdbx_parent_biol_id   ? 
# 
loop_
_struct_conf.conf_type_id 
_struct_conf.id 
_struct_conf.pdbx_PDB_helix_id 
_struct_conf.beg_label_comp_id 
_struct_conf.beg_label_asym_id 
_struct_conf.beg_label_seq_id 
_struct_conf.pdbx_beg_PDB_ins_code 
_struct_conf.end_label_comp_id 
_struct_conf.end_label_asym_id 
_struct_conf.end_label_seq_id 
_struct_conf.pdbx_end_PDB_ins_code 
_struct_conf.beg_auth_comp_id 
_struct_conf.beg_auth_asym_id 
_struct_conf.beg_auth_seq_id 
_struct_conf.end_auth_comp_id 
_struct_conf.end_auth_asym_id 
_struct_conf.end_auth_seq_id 
_struct_conf.pdbx_PDB_helix_class 
_struct_conf.details 
_struct_conf.pdbx_PDB_helix_length 
HELX_P HELX_P1 1 LYS A 7   ? GLU A 12  ? LYS A 183 GLU A 188 5 ? 6  
HELX_P HELX_P2 2 VAL A 40  ? THR A 58  ? VAL A 216 THR A 234 1 ? 19 
HELX_P HELX_P3 3 ASN A 111 ? GLU A 128 ? ASN A 287 GLU A 304 1 ? 18 
HELX_P HELX_P4 4 HIS A 140 ? VAL A 144 ? HIS A 316 VAL A 320 1 ? 5  
HELX_P HELX_P5 5 GLY A 150 ? SER A 158 ? GLY A 326 SER A 334 1 ? 9  
# 
_struct_conf_type.id          HELX_P 
_struct_conf_type.criteria    ? 
_struct_conf_type.reference   ? 
# 
loop_
_struct_conn.id 
_struct_conn.conn_type_id 
_struct_conn.pdbx_leaving_atom_flag 
_struct_conn.pdbx_PDB_id 
_struct_conn.ptnr1_label_asym_id 
_struct_conn.ptnr1_label_comp_id 
_struct_conn.ptnr1_label_seq_id 
_struct_conn.ptnr1_label_atom_id 
_struct_conn.pdbx_ptnr1_label_alt_id 
_struct_conn.pdbx_ptnr1_PDB_ins_code 
_struct_conn.pdbx_ptnr1_standard_comp_id 
_struct_conn.ptnr1_symmetry 
_struct_conn.ptnr2_label_asym_id 
_struct_conn.ptnr2_label_comp_id 
_struct_conn.ptnr2_label_seq_id 
_struct_conn.ptnr2_label_atom_id 
_struct_conn.pdbx_ptnr2_label_alt_id 
_struct_conn.pdbx_ptnr2_PDB_ins_code 
_struct_conn.ptnr1_auth_asym_id 
_struct_conn.ptnr1_auth_comp_id 
_struct_conn.ptnr1_auth_seq_id 
_struct_conn.ptnr2_auth_asym_id 
_struct_conn.ptnr2_auth_comp_id 
_struct_conn.ptnr2_auth_seq_id 
_struct_conn.ptnr2_symmetry 
_struct_conn.pdbx_ptnr3_label_atom_id 
_struct_conn.pdbx_ptnr3_label_seq_id 
_struct_conn.pdbx_ptnr3_label_comp_id 
_struct_conn.pdbx_ptnr3_label_asym_id 
_struct_conn.pdbx_ptnr3_label_alt_id 
_struct_conn.pdbx_ptnr3_PDB_ins_code 
_struct_conn.details 
_struct_conn.pdbx_dist_value 
_struct_conn.pdbx_value_order 
_struct_conn.pdbx_role 
disulf1 disulf ?    ? A CYS 2   SG  ? ? ? 1_555 A CYS 124 SG  ? ? A CYS 178 A CYS 300  1_555 ? ? ? ? ? ? ? 2.022 ? ? 
disulf2 disulf ?    ? A CYS 18  SG  ? ? ? 1_555 A CYS 62  SG  ? ? A CYS 194 A CYS 238  1_555 ? ? ? ? ? ? ? 2.032 ? ? 
disulf3 disulf ?    ? A CYS 38  SG  ? ? ? 1_555 A CYS 44  SG  ? ? A CYS 214 A CYS 220  1_555 ? ? ? ? ? ? ? 2.033 ? ? 
covale1 covale both ? B ALA 1   C   ? ? ? 1_555 B GMA 2   N   ? ? P ALA 996 P GMA 997  1_555 ? ? ? ? ? ? ? 1.355 ? ? 
covale2 covale one  ? B ALA 1   N   ? ? ? 1_555 D AMU .   C10 ? ? P ALA 996 P AMU 1001 1_555 ? ? ? ? ? ? ? 1.344 ? ? 
covale3 covale both ? B GMA 2   C   ? ? ? 1_555 B LYS 3   N   ? ? P GMA 997 P LYS 998  1_555 ? ? ? ? ? ? ? 1.339 ? ? 
covale4 covale both ? B LYS 3   C   ? ? ? 1_555 B NH2 4   N   ? ? P LYS 998 P NH2 999  1_555 ? ? ? ? ? ? ? 1.310 ? ? 
metalc1 metalc ?    ? A VAL 1   N   ? ? ? 1_555 C NI  .   NI  ? ? A VAL 177 A NI  900  1_555 ? ? ? ? ? ? ? 2.082 ? ? 
metalc2 metalc ?    ? A VAL 1   O   ? ? ? 1_555 C NI  .   NI  ? ? A VAL 177 A NI  900  1_555 ? ? ? ? ? ? ? 1.955 ? ? 
metalc3 metalc ?    ? A ASP 120 OD2 ? ? ? 1_555 C NI  .   NI  ? ? A ASP 296 A NI  900  1_555 ? ? ? ? ? ? ? 2.160 ? ? 
metalc4 metalc ?    ? A HIS 162 NE2 ? ? ? 6_555 C NI  .   NI  ? ? A HIS 338 A NI  900  1_555 ? ? ? ? ? ? ? 2.125 ? ? 
metalc5 metalc ?    ? C NI  .   NI  ? ? ? 1_555 E HOH .   O   ? ? A NI  900 A HOH 1007 1_555 ? ? ? ? ? ? ? 2.311 ? ? 
metalc6 metalc ?    ? C NI  .   NI  ? ? ? 1_555 E HOH .   O   ? ? A NI  900 A HOH 1020 1_555 ? ? ? ? ? ? ? 2.350 ? ? 
# 
loop_
_struct_conn_type.id 
_struct_conn_type.criteria 
_struct_conn_type.reference 
disulf ? ? 
covale ? ? 
metalc ? ? 
# 
loop_
_pdbx_struct_conn_angle.id 
_pdbx_struct_conn_angle.ptnr1_label_atom_id 
_pdbx_struct_conn_angle.ptnr1_label_alt_id 
_pdbx_struct_conn_angle.ptnr1_label_asym_id 
_pdbx_struct_conn_angle.ptnr1_label_comp_id 
_pdbx_struct_conn_angle.ptnr1_label_seq_id 
_pdbx_struct_conn_angle.ptnr1_auth_atom_id 
_pdbx_struct_conn_angle.ptnr1_auth_asym_id 
_pdbx_struct_conn_angle.ptnr1_auth_comp_id 
_pdbx_struct_conn_angle.ptnr1_auth_seq_id 
_pdbx_struct_conn_angle.ptnr1_PDB_ins_code 
_pdbx_struct_conn_angle.ptnr1_symmetry 
_pdbx_struct_conn_angle.ptnr2_label_atom_id 
_pdbx_struct_conn_angle.ptnr2_label_alt_id 
_pdbx_struct_conn_angle.ptnr2_label_asym_id 
_pdbx_struct_conn_angle.ptnr2_label_comp_id 
_pdbx_struct_conn_angle.ptnr2_label_seq_id 
_pdbx_struct_conn_angle.ptnr2_auth_atom_id 
_pdbx_struct_conn_angle.ptnr2_auth_asym_id 
_pdbx_struct_conn_angle.ptnr2_auth_comp_id 
_pdbx_struct_conn_angle.ptnr2_auth_seq_id 
_pdbx_struct_conn_angle.ptnr2_PDB_ins_code 
_pdbx_struct_conn_angle.ptnr2_symmetry 
_pdbx_struct_conn_angle.ptnr3_label_atom_id 
_pdbx_struct_conn_angle.ptnr3_label_alt_id 
_pdbx_struct_conn_angle.ptnr3_label_asym_id 
_pdbx_struct_conn_angle.ptnr3_label_comp_id 
_pdbx_struct_conn_angle.ptnr3_label_seq_id 
_pdbx_struct_conn_angle.ptnr3_auth_atom_id 
_pdbx_struct_conn_angle.ptnr3_auth_asym_id 
_pdbx_struct_conn_angle.ptnr3_auth_comp_id 
_pdbx_struct_conn_angle.ptnr3_auth_seq_id 
_pdbx_struct_conn_angle.ptnr3_PDB_ins_code 
_pdbx_struct_conn_angle.ptnr3_symmetry 
_pdbx_struct_conn_angle.value 
_pdbx_struct_conn_angle.value_esd 
1  N   ? A VAL 1   ? A VAL 177  ? 1_555 NI ? C NI . ? A NI 900 ? 1_555 O   ? A VAL 1   ? A VAL 177  ? 1_555 84.3  ? 
2  N   ? A VAL 1   ? A VAL 177  ? 1_555 NI ? C NI . ? A NI 900 ? 1_555 OD2 ? A ASP 120 ? A ASP 296  ? 1_555 157.1 ? 
3  O   ? A VAL 1   ? A VAL 177  ? 1_555 NI ? C NI . ? A NI 900 ? 1_555 OD2 ? A ASP 120 ? A ASP 296  ? 1_555 80.6  ? 
4  N   ? A VAL 1   ? A VAL 177  ? 1_555 NI ? C NI . ? A NI 900 ? 1_555 NE2 ? A HIS 162 ? A HIS 338  ? 6_555 93.9  ? 
5  O   ? A VAL 1   ? A VAL 177  ? 1_555 NI ? C NI . ? A NI 900 ? 1_555 NE2 ? A HIS 162 ? A HIS 338  ? 6_555 177.9 ? 
6  OD2 ? A ASP 120 ? A ASP 296  ? 1_555 NI ? C NI . ? A NI 900 ? 1_555 NE2 ? A HIS 162 ? A HIS 338  ? 6_555 100.8 ? 
7  N   ? A VAL 1   ? A VAL 177  ? 1_555 NI ? C NI . ? A NI 900 ? 1_555 O   ? E HOH .   ? A HOH 1007 ? 1_555 105.1 ? 
8  O   ? A VAL 1   ? A VAL 177  ? 1_555 NI ? C NI . ? A NI 900 ? 1_555 O   ? E HOH .   ? A HOH 1007 ? 1_555 94.5  ? 
9  OD2 ? A ASP 120 ? A ASP 296  ? 1_555 NI ? C NI . ? A NI 900 ? 1_555 O   ? E HOH .   ? A HOH 1007 ? 1_555 93.2  ? 
10 NE2 ? A HIS 162 ? A HIS 338  ? 6_555 NI ? C NI . ? A NI 900 ? 1_555 O   ? E HOH .   ? A HOH 1007 ? 1_555 87.0  ? 
11 N   ? A VAL 1   ? A VAL 177  ? 1_555 NI ? C NI . ? A NI 900 ? 1_555 O   ? E HOH .   ? A HOH 1020 ? 1_555 86.3  ? 
12 O   ? A VAL 1   ? A VAL 177  ? 1_555 NI ? C NI . ? A NI 900 ? 1_555 O   ? E HOH .   ? A HOH 1020 ? 1_555 87.4  ? 
13 OD2 ? A ASP 120 ? A ASP 296  ? 1_555 NI ? C NI . ? A NI 900 ? 1_555 O   ? E HOH .   ? A HOH 1020 ? 1_555 76.0  ? 
14 NE2 ? A HIS 162 ? A HIS 338  ? 6_555 NI ? C NI . ? A NI 900 ? 1_555 O   ? E HOH .   ? A HOH 1020 ? 1_555 91.4  ? 
15 O   ? E HOH .   ? A HOH 1007 ? 1_555 NI ? C NI . ? A NI 900 ? 1_555 O   ? E HOH .   ? A HOH 1020 ? 1_555 168.6 ? 
# 
loop_
_struct_mon_prot_cis.pdbx_id 
_struct_mon_prot_cis.label_comp_id 
_struct_mon_prot_cis.label_seq_id 
_struct_mon_prot_cis.label_asym_id 
_struct_mon_prot_cis.label_alt_id 
_struct_mon_prot_cis.pdbx_PDB_ins_code 
_struct_mon_prot_cis.auth_comp_id 
_struct_mon_prot_cis.auth_seq_id 
_struct_mon_prot_cis.auth_asym_id 
_struct_mon_prot_cis.pdbx_label_comp_id_2 
_struct_mon_prot_cis.pdbx_label_seq_id_2 
_struct_mon_prot_cis.pdbx_label_asym_id_2 
_struct_mon_prot_cis.pdbx_PDB_ins_code_2 
_struct_mon_prot_cis.pdbx_auth_comp_id_2 
_struct_mon_prot_cis.pdbx_auth_seq_id_2 
_struct_mon_prot_cis.pdbx_auth_asym_id_2 
_struct_mon_prot_cis.pdbx_PDB_model_num 
_struct_mon_prot_cis.pdbx_omega_angle 
1 LEU 23  A . ? LEU 199 A PRO 24  A ? PRO 200 A 1 0.14 
2 SER 148 A . ? SER 324 A PRO 149 A ? PRO 325 A 1 0.53 
# 
_struct_sheet.id               A 
_struct_sheet.type             ? 
_struct_sheet.number_strands   5 
_struct_sheet.details          ? 
# 
loop_
_struct_sheet_order.sheet_id 
_struct_sheet_order.range_id_1 
_struct_sheet_order.range_id_2 
_struct_sheet_order.offset 
_struct_sheet_order.sense 
A 1 2 ? anti-parallel 
A 2 3 ? parallel      
A 3 4 ? parallel      
A 4 5 ? parallel      
# 
loop_
_struct_sheet_range.sheet_id 
_struct_sheet_range.id 
_struct_sheet_range.beg_label_comp_id 
_struct_sheet_range.beg_label_asym_id 
_struct_sheet_range.beg_label_seq_id 
_struct_sheet_range.pdbx_beg_PDB_ins_code 
_struct_sheet_range.end_label_comp_id 
_struct_sheet_range.end_label_asym_id 
_struct_sheet_range.end_label_seq_id 
_struct_sheet_range.pdbx_end_PDB_ins_code 
_struct_sheet_range.beg_auth_comp_id 
_struct_sheet_range.beg_auth_asym_id 
_struct_sheet_range.beg_auth_seq_id 
_struct_sheet_range.end_auth_comp_id 
_struct_sheet_range.end_auth_asym_id 
_struct_sheet_range.end_auth_seq_id 
A 1 VAL A 76  ? GLU A 78  ? VAL A 252 GLU A 254 
A 2 PHE A 68  ? VAL A 70  ? PHE A 244 VAL A 246 
A 3 ALA A 96  ? PHE A 101 ? ALA A 272 PHE A 277 
A 4 ALA A 25  ? HIS A 32  ? ALA A 201 HIS A 208 
A 5 LEU A 131 ? GLY A 139 ? LEU A 307 GLY A 315 
# 
loop_
_pdbx_struct_sheet_hbond.sheet_id 
_pdbx_struct_sheet_hbond.range_id_1 
_pdbx_struct_sheet_hbond.range_id_2 
_pdbx_struct_sheet_hbond.range_1_label_atom_id 
_pdbx_struct_sheet_hbond.range_1_label_comp_id 
_pdbx_struct_sheet_hbond.range_1_label_asym_id 
_pdbx_struct_sheet_hbond.range_1_label_seq_id 
_pdbx_struct_sheet_hbond.range_1_PDB_ins_code 
_pdbx_struct_sheet_hbond.range_1_auth_atom_id 
_pdbx_struct_sheet_hbond.range_1_auth_comp_id 
_pdbx_struct_sheet_hbond.range_1_auth_asym_id 
_pdbx_struct_sheet_hbond.range_1_auth_seq_id 
_pdbx_struct_sheet_hbond.range_2_label_atom_id 
_pdbx_struct_sheet_hbond.range_2_label_comp_id 
_pdbx_struct_sheet_hbond.range_2_label_asym_id 
_pdbx_struct_sheet_hbond.range_2_label_seq_id 
_pdbx_struct_sheet_hbond.range_2_PDB_ins_code 
_pdbx_struct_sheet_hbond.range_2_auth_atom_id 
_pdbx_struct_sheet_hbond.range_2_auth_comp_id 
_pdbx_struct_sheet_hbond.range_2_auth_asym_id 
_pdbx_struct_sheet_hbond.range_2_auth_seq_id 
A 1 2 O TYR A 77  ? O TYR A 253 N LEU A 69  ? N LEU A 245 
A 2 3 N PHE A 68  ? N PHE A 244 O ALA A 100 ? O ALA A 276 
A 3 4 O PHE A 101 ? O PHE A 277 N ILE A 31  ? N ILE A 207 
A 4 5 N ALA A 25  ? N ALA A 201 O THR A 132 ? O THR A 308 
# 
_pdbx_validate_rmsd_angle.id                         1 
_pdbx_validate_rmsd_angle.PDB_model_num              1 
_pdbx_validate_rmsd_angle.auth_atom_id_1             CA 
_pdbx_validate_rmsd_angle.auth_asym_id_1             P 
_pdbx_validate_rmsd_angle.auth_comp_id_1             GMA 
_pdbx_validate_rmsd_angle.auth_seq_id_1              997 
_pdbx_validate_rmsd_angle.PDB_ins_code_1             ? 
_pdbx_validate_rmsd_angle.label_alt_id_1             ? 
_pdbx_validate_rmsd_angle.auth_atom_id_2             C 
_pdbx_validate_rmsd_angle.auth_asym_id_2             P 
_pdbx_validate_rmsd_angle.auth_comp_id_2             GMA 
_pdbx_validate_rmsd_angle.auth_seq_id_2              997 
_pdbx_validate_rmsd_angle.PDB_ins_code_2             ? 
_pdbx_validate_rmsd_angle.label_alt_id_2             ? 
_pdbx_validate_rmsd_angle.auth_atom_id_3             N 
_pdbx_validate_rmsd_angle.auth_asym_id_3             P 
_pdbx_validate_rmsd_angle.auth_comp_id_3             LYS 
_pdbx_validate_rmsd_angle.auth_seq_id_3              998 
_pdbx_validate_rmsd_angle.PDB_ins_code_3             ? 
_pdbx_validate_rmsd_angle.label_alt_id_3             ? 
_pdbx_validate_rmsd_angle.angle_value                136.00 
_pdbx_validate_rmsd_angle.angle_target_value         117.20 
_pdbx_validate_rmsd_angle.angle_deviation            18.80 
_pdbx_validate_rmsd_angle.angle_standard_deviation   2.20 
_pdbx_validate_rmsd_angle.linker_flag                Y 
# 
loop_
_pdbx_validate_torsion.id 
_pdbx_validate_torsion.PDB_model_num 
_pdbx_validate_torsion.auth_comp_id 
_pdbx_validate_torsion.auth_asym_id 
_pdbx_validate_torsion.auth_seq_id 
_pdbx_validate_torsion.PDB_ins_code 
_pdbx_validate_torsion.label_alt_id 
_pdbx_validate_torsion.phi 
_pdbx_validate_torsion.psi 
1 1 ILE A 181 ? ? 74.27   98.26 
2 1 SER A 263 ? ? -140.30 56.40 
3 1 LYS A 340 ? ? -67.41  76.22 
# 
loop_
_pdbx_validate_chiral.id 
_pdbx_validate_chiral.PDB_model_num 
_pdbx_validate_chiral.auth_atom_id 
_pdbx_validate_chiral.label_alt_id 
_pdbx_validate_chiral.auth_asym_id 
_pdbx_validate_chiral.auth_comp_id 
_pdbx_validate_chiral.auth_seq_id 
_pdbx_validate_chiral.PDB_ins_code 
_pdbx_validate_chiral.details 
_pdbx_validate_chiral.omega 
1 1 CA ? P GMA 997  ? 'WRONG HAND' . 
2 1 C1 ? P AMU 1001 ? 'WRONG HAND' . 
# 
_pdbx_struct_mod_residue.id               1 
_pdbx_struct_mod_residue.label_asym_id    B 
_pdbx_struct_mod_residue.label_comp_id    GMA 
_pdbx_struct_mod_residue.label_seq_id     2 
_pdbx_struct_mod_residue.auth_asym_id     P 
_pdbx_struct_mod_residue.auth_comp_id     GMA 
_pdbx_struct_mod_residue.auth_seq_id      997 
_pdbx_struct_mod_residue.PDB_ins_code     ? 
_pdbx_struct_mod_residue.parent_comp_id   GLU 
_pdbx_struct_mod_residue.details          '4-AMIDO-4-CARBAMOYL-BUTYRIC ACID' 
# 
_pdbx_struct_special_symmetry.id              1 
_pdbx_struct_special_symmetry.PDB_model_num   1 
_pdbx_struct_special_symmetry.auth_asym_id    A 
_pdbx_struct_special_symmetry.auth_comp_id    HOH 
_pdbx_struct_special_symmetry.auth_seq_id     1016 
_pdbx_struct_special_symmetry.PDB_ins_code    ? 
_pdbx_struct_special_symmetry.label_asym_id   E 
_pdbx_struct_special_symmetry.label_comp_id   HOH 
_pdbx_struct_special_symmetry.label_seq_id    . 
# 
loop_
_chem_comp_atom.comp_id 
_chem_comp_atom.atom_id 
_chem_comp_atom.type_symbol 
_chem_comp_atom.pdbx_aromatic_flag 
_chem_comp_atom.pdbx_stereo_config 
_chem_comp_atom.pdbx_ordinal 
ALA N    N  N N 1   
ALA CA   C  N S 2   
ALA C    C  N N 3   
ALA O    O  N N 4   
ALA CB   C  N N 5   
ALA OXT  O  N N 6   
ALA H    H  N N 7   
ALA H2   H  N N 8   
ALA HA   H  N N 9   
ALA HB1  H  N N 10  
ALA HB2  H  N N 11  
ALA HB3  H  N N 12  
ALA HXT  H  N N 13  
AMU C1   C  N R 14  
AMU C2   C  N R 15  
AMU C3   C  N R 16  
AMU C4   C  N S 17  
AMU C5   C  N R 18  
AMU C6   C  N N 19  
AMU C7   C  N N 20  
AMU C8   C  N N 21  
AMU C9   C  N R 22  
AMU C10  C  N N 23  
AMU C11  C  N N 24  
AMU O1   O  N N 25  
AMU O3   O  N N 26  
AMU O4   O  N N 27  
AMU O5   O  N N 28  
AMU O6   O  N N 29  
AMU O7   O  N N 30  
AMU O10  O  N N 31  
AMU O11  O  N N 32  
AMU N2   N  N N 33  
AMU H1   H  N N 34  
AMU H2   H  N N 35  
AMU H3   H  N N 36  
AMU H4   H  N N 37  
AMU H5   H  N N 38  
AMU H61  H  N N 39  
AMU H62  H  N N 40  
AMU H81  H  N N 41  
AMU H82  H  N N 42  
AMU H83  H  N N 43  
AMU H9   H  N N 44  
AMU H111 H  N N 45  
AMU H112 H  N N 46  
AMU H113 H  N N 47  
AMU HO1  H  N N 48  
AMU HO4  H  N N 49  
AMU HO6  H  N N 50  
AMU HO11 H  N N 51  
AMU HN2  H  N N 52  
ARG N    N  N N 53  
ARG CA   C  N S 54  
ARG C    C  N N 55  
ARG O    O  N N 56  
ARG CB   C  N N 57  
ARG CG   C  N N 58  
ARG CD   C  N N 59  
ARG NE   N  N N 60  
ARG CZ   C  N N 61  
ARG NH1  N  N N 62  
ARG NH2  N  N N 63  
ARG OXT  O  N N 64  
ARG H    H  N N 65  
ARG H2   H  N N 66  
ARG HA   H  N N 67  
ARG HB2  H  N N 68  
ARG HB3  H  N N 69  
ARG HG2  H  N N 70  
ARG HG3  H  N N 71  
ARG HD2  H  N N 72  
ARG HD3  H  N N 73  
ARG HE   H  N N 74  
ARG HH11 H  N N 75  
ARG HH12 H  N N 76  
ARG HH21 H  N N 77  
ARG HH22 H  N N 78  
ARG HXT  H  N N 79  
ASN N    N  N N 80  
ASN CA   C  N S 81  
ASN C    C  N N 82  
ASN O    O  N N 83  
ASN CB   C  N N 84  
ASN CG   C  N N 85  
ASN OD1  O  N N 86  
ASN ND2  N  N N 87  
ASN OXT  O  N N 88  
ASN H    H  N N 89  
ASN H2   H  N N 90  
ASN HA   H  N N 91  
ASN HB2  H  N N 92  
ASN HB3  H  N N 93  
ASN HD21 H  N N 94  
ASN HD22 H  N N 95  
ASN HXT  H  N N 96  
ASP N    N  N N 97  
ASP CA   C  N S 98  
ASP C    C  N N 99  
ASP O    O  N N 100 
ASP CB   C  N N 101 
ASP CG   C  N N 102 
ASP OD1  O  N N 103 
ASP OD2  O  N N 104 
ASP OXT  O  N N 105 
ASP H    H  N N 106 
ASP H2   H  N N 107 
ASP HA   H  N N 108 
ASP HB2  H  N N 109 
ASP HB3  H  N N 110 
ASP HD2  H  N N 111 
ASP HXT  H  N N 112 
CYS N    N  N N 113 
CYS CA   C  N R 114 
CYS C    C  N N 115 
CYS O    O  N N 116 
CYS CB   C  N N 117 
CYS SG   S  N N 118 
CYS OXT  O  N N 119 
CYS H    H  N N 120 
CYS H2   H  N N 121 
CYS HA   H  N N 122 
CYS HB2  H  N N 123 
CYS HB3  H  N N 124 
CYS HG   H  N N 125 
CYS HXT  H  N N 126 
GLN N    N  N N 127 
GLN CA   C  N S 128 
GLN C    C  N N 129 
GLN O    O  N N 130 
GLN CB   C  N N 131 
GLN CG   C  N N 132 
GLN CD   C  N N 133 
GLN OE1  O  N N 134 
GLN NE2  N  N N 135 
GLN OXT  O  N N 136 
GLN H    H  N N 137 
GLN H2   H  N N 138 
GLN HA   H  N N 139 
GLN HB2  H  N N 140 
GLN HB3  H  N N 141 
GLN HG2  H  N N 142 
GLN HG3  H  N N 143 
GLN HE21 H  N N 144 
GLN HE22 H  N N 145 
GLN HXT  H  N N 146 
GLU N    N  N N 147 
GLU CA   C  N S 148 
GLU C    C  N N 149 
GLU O    O  N N 150 
GLU CB   C  N N 151 
GLU CG   C  N N 152 
GLU CD   C  N N 153 
GLU OE1  O  N N 154 
GLU OE2  O  N N 155 
GLU OXT  O  N N 156 
GLU H    H  N N 157 
GLU H2   H  N N 158 
GLU HA   H  N N 159 
GLU HB2  H  N N 160 
GLU HB3  H  N N 161 
GLU HG2  H  N N 162 
GLU HG3  H  N N 163 
GLU HE2  H  N N 164 
GLU HXT  H  N N 165 
GLY N    N  N N 166 
GLY CA   C  N N 167 
GLY C    C  N N 168 
GLY O    O  N N 169 
GLY OXT  O  N N 170 
GLY H    H  N N 171 
GLY H2   H  N N 172 
GLY HA2  H  N N 173 
GLY HA3  H  N N 174 
GLY HXT  H  N N 175 
GMA N    N  N N 176 
GMA CA   C  N S 177 
GMA CD   C  N N 178 
GMA O1   O  N N 179 
GMA CB   C  N N 180 
GMA CG   C  N N 181 
GMA C    C  N N 182 
GMA O    O  N N 183 
GMA OXT  O  N N 184 
GMA N2   N  N N 185 
GMA H    H  N N 186 
GMA H2   H  N N 187 
GMA HA   H  N N 188 
GMA HB2  H  N N 189 
GMA HB3  H  N N 190 
GMA HG2  H  N N 191 
GMA HG3  H  N N 192 
GMA HXT  H  N N 193 
GMA HN2A H  N N 194 
GMA HN1  H  N N 195 
HIS N    N  N N 196 
HIS CA   C  N S 197 
HIS C    C  N N 198 
HIS O    O  N N 199 
HIS CB   C  N N 200 
HIS CG   C  Y N 201 
HIS ND1  N  Y N 202 
HIS CD2  C  Y N 203 
HIS CE1  C  Y N 204 
HIS NE2  N  Y N 205 
HIS OXT  O  N N 206 
HIS H    H  N N 207 
HIS H2   H  N N 208 
HIS HA   H  N N 209 
HIS HB2  H  N N 210 
HIS HB3  H  N N 211 
HIS HD1  H  N N 212 
HIS HD2  H  N N 213 
HIS HE1  H  N N 214 
HIS HE2  H  N N 215 
HIS HXT  H  N N 216 
HOH O    O  N N 217 
HOH H1   H  N N 218 
HOH H2   H  N N 219 
ILE N    N  N N 220 
ILE CA   C  N S 221 
ILE C    C  N N 222 
ILE O    O  N N 223 
ILE CB   C  N S 224 
ILE CG1  C  N N 225 
ILE CG2  C  N N 226 
ILE CD1  C  N N 227 
ILE OXT  O  N N 228 
ILE H    H  N N 229 
ILE H2   H  N N 230 
ILE HA   H  N N 231 
ILE HB   H  N N 232 
ILE HG12 H  N N 233 
ILE HG13 H  N N 234 
ILE HG21 H  N N 235 
ILE HG22 H  N N 236 
ILE HG23 H  N N 237 
ILE HD11 H  N N 238 
ILE HD12 H  N N 239 
ILE HD13 H  N N 240 
ILE HXT  H  N N 241 
LEU N    N  N N 242 
LEU CA   C  N S 243 
LEU C    C  N N 244 
LEU O    O  N N 245 
LEU CB   C  N N 246 
LEU CG   C  N N 247 
LEU CD1  C  N N 248 
LEU CD2  C  N N 249 
LEU OXT  O  N N 250 
LEU H    H  N N 251 
LEU H2   H  N N 252 
LEU HA   H  N N 253 
LEU HB2  H  N N 254 
LEU HB3  H  N N 255 
LEU HG   H  N N 256 
LEU HD11 H  N N 257 
LEU HD12 H  N N 258 
LEU HD13 H  N N 259 
LEU HD21 H  N N 260 
LEU HD22 H  N N 261 
LEU HD23 H  N N 262 
LEU HXT  H  N N 263 
LYS N    N  N N 264 
LYS CA   C  N S 265 
LYS C    C  N N 266 
LYS O    O  N N 267 
LYS CB   C  N N 268 
LYS CG   C  N N 269 
LYS CD   C  N N 270 
LYS CE   C  N N 271 
LYS NZ   N  N N 272 
LYS OXT  O  N N 273 
LYS H    H  N N 274 
LYS H2   H  N N 275 
LYS HA   H  N N 276 
LYS HB2  H  N N 277 
LYS HB3  H  N N 278 
LYS HG2  H  N N 279 
LYS HG3  H  N N 280 
LYS HD2  H  N N 281 
LYS HD3  H  N N 282 
LYS HE2  H  N N 283 
LYS HE3  H  N N 284 
LYS HZ1  H  N N 285 
LYS HZ2  H  N N 286 
LYS HZ3  H  N N 287 
LYS HXT  H  N N 288 
MET N    N  N N 289 
MET CA   C  N S 290 
MET C    C  N N 291 
MET O    O  N N 292 
MET CB   C  N N 293 
MET CG   C  N N 294 
MET SD   S  N N 295 
MET CE   C  N N 296 
MET OXT  O  N N 297 
MET H    H  N N 298 
MET H2   H  N N 299 
MET HA   H  N N 300 
MET HB2  H  N N 301 
MET HB3  H  N N 302 
MET HG2  H  N N 303 
MET HG3  H  N N 304 
MET HE1  H  N N 305 
MET HE2  H  N N 306 
MET HE3  H  N N 307 
MET HXT  H  N N 308 
NH2 N    N  N N 309 
NH2 HN1  H  N N 310 
NH2 HN2  H  N N 311 
NI  NI   NI N N 312 
PHE N    N  N N 313 
PHE CA   C  N S 314 
PHE C    C  N N 315 
PHE O    O  N N 316 
PHE CB   C  N N 317 
PHE CG   C  Y N 318 
PHE CD1  C  Y N 319 
PHE CD2  C  Y N 320 
PHE CE1  C  Y N 321 
PHE CE2  C  Y N 322 
PHE CZ   C  Y N 323 
PHE OXT  O  N N 324 
PHE H    H  N N 325 
PHE H2   H  N N 326 
PHE HA   H  N N 327 
PHE HB2  H  N N 328 
PHE HB3  H  N N 329 
PHE HD1  H  N N 330 
PHE HD2  H  N N 331 
PHE HE1  H  N N 332 
PHE HE2  H  N N 333 
PHE HZ   H  N N 334 
PHE HXT  H  N N 335 
PRO N    N  N N 336 
PRO CA   C  N S 337 
PRO C    C  N N 338 
PRO O    O  N N 339 
PRO CB   C  N N 340 
PRO CG   C  N N 341 
PRO CD   C  N N 342 
PRO OXT  O  N N 343 
PRO H    H  N N 344 
PRO HA   H  N N 345 
PRO HB2  H  N N 346 
PRO HB3  H  N N 347 
PRO HG2  H  N N 348 
PRO HG3  H  N N 349 
PRO HD2  H  N N 350 
PRO HD3  H  N N 351 
PRO HXT  H  N N 352 
SER N    N  N N 353 
SER CA   C  N S 354 
SER C    C  N N 355 
SER O    O  N N 356 
SER CB   C  N N 357 
SER OG   O  N N 358 
SER OXT  O  N N 359 
SER H    H  N N 360 
SER H2   H  N N 361 
SER HA   H  N N 362 
SER HB2  H  N N 363 
SER HB3  H  N N 364 
SER HG   H  N N 365 
SER HXT  H  N N 366 
THR N    N  N N 367 
THR CA   C  N S 368 
THR C    C  N N 369 
THR O    O  N N 370 
THR CB   C  N R 371 
THR OG1  O  N N 372 
THR CG2  C  N N 373 
THR OXT  O  N N 374 
THR H    H  N N 375 
THR H2   H  N N 376 
THR HA   H  N N 377 
THR HB   H  N N 378 
THR HG1  H  N N 379 
THR HG21 H  N N 380 
THR HG22 H  N N 381 
THR HG23 H  N N 382 
THR HXT  H  N N 383 
TRP N    N  N N 384 
TRP CA   C  N S 385 
TRP C    C  N N 386 
TRP O    O  N N 387 
TRP CB   C  N N 388 
TRP CG   C  Y N 389 
TRP CD1  C  Y N 390 
TRP CD2  C  Y N 391 
TRP NE1  N  Y N 392 
TRP CE2  C  Y N 393 
TRP CE3  C  Y N 394 
TRP CZ2  C  Y N 395 
TRP CZ3  C  Y N 396 
TRP CH2  C  Y N 397 
TRP OXT  O  N N 398 
TRP H    H  N N 399 
TRP H2   H  N N 400 
TRP HA   H  N N 401 
TRP HB2  H  N N 402 
TRP HB3  H  N N 403 
TRP HD1  H  N N 404 
TRP HE1  H  N N 405 
TRP HE3  H  N N 406 
TRP HZ2  H  N N 407 
TRP HZ3  H  N N 408 
TRP HH2  H  N N 409 
TRP HXT  H  N N 410 
TYR N    N  N N 411 
TYR CA   C  N S 412 
TYR C    C  N N 413 
TYR O    O  N N 414 
TYR CB   C  N N 415 
TYR CG   C  Y N 416 
TYR CD1  C  Y N 417 
TYR CD2  C  Y N 418 
TYR CE1  C  Y N 419 
TYR CE2  C  Y N 420 
TYR CZ   C  Y N 421 
TYR OH   O  N N 422 
TYR OXT  O  N N 423 
TYR H    H  N N 424 
TYR H2   H  N N 425 
TYR HA   H  N N 426 
TYR HB2  H  N N 427 
TYR HB3  H  N N 428 
TYR HD1  H  N N 429 
TYR HD2  H  N N 430 
TYR HE1  H  N N 431 
TYR HE2  H  N N 432 
TYR HH   H  N N 433 
TYR HXT  H  N N 434 
VAL N    N  N N 435 
VAL CA   C  N S 436 
VAL C    C  N N 437 
VAL O    O  N N 438 
VAL CB   C  N N 439 
VAL CG1  C  N N 440 
VAL CG2  C  N N 441 
VAL OXT  O  N N 442 
VAL H    H  N N 443 
VAL H2   H  N N 444 
VAL HA   H  N N 445 
VAL HB   H  N N 446 
VAL HG11 H  N N 447 
VAL HG12 H  N N 448 
VAL HG13 H  N N 449 
VAL HG21 H  N N 450 
VAL HG22 H  N N 451 
VAL HG23 H  N N 452 
VAL HXT  H  N N 453 
# 
loop_
_chem_comp_bond.comp_id 
_chem_comp_bond.atom_id_1 
_chem_comp_bond.atom_id_2 
_chem_comp_bond.value_order 
_chem_comp_bond.pdbx_aromatic_flag 
_chem_comp_bond.pdbx_stereo_config 
_chem_comp_bond.pdbx_ordinal 
ALA N   CA   sing N N 1   
ALA N   H    sing N N 2   
ALA N   H2   sing N N 3   
ALA CA  C    sing N N 4   
ALA CA  CB   sing N N 5   
ALA CA  HA   sing N N 6   
ALA C   O    doub N N 7   
ALA C   OXT  sing N N 8   
ALA CB  HB1  sing N N 9   
ALA CB  HB2  sing N N 10  
ALA CB  HB3  sing N N 11  
ALA OXT HXT  sing N N 12  
AMU C1  C2   sing N N 13  
AMU C1  O1   sing N N 14  
AMU C1  O5   sing N N 15  
AMU C1  H1   sing N N 16  
AMU C2  C3   sing N N 17  
AMU C2  N2   sing N N 18  
AMU C2  H2   sing N N 19  
AMU C3  C4   sing N N 20  
AMU C3  O3   sing N N 21  
AMU C3  H3   sing N N 22  
AMU C4  C5   sing N N 23  
AMU C4  O4   sing N N 24  
AMU C4  H4   sing N N 25  
AMU C5  C6   sing N N 26  
AMU C5  O5   sing N N 27  
AMU C5  H5   sing N N 28  
AMU C6  O6   sing N N 29  
AMU C6  H61  sing N N 30  
AMU C6  H62  sing N N 31  
AMU C7  C8   sing N N 32  
AMU C7  O7   doub N N 33  
AMU C7  N2   sing N N 34  
AMU C8  H81  sing N N 35  
AMU C8  H82  sing N N 36  
AMU C8  H83  sing N N 37  
AMU C9  C10  sing N N 38  
AMU C9  C11  sing N N 39  
AMU C9  O3   sing N N 40  
AMU C9  H9   sing N N 41  
AMU C10 O10  doub N N 42  
AMU C10 O11  sing N N 43  
AMU C11 H111 sing N N 44  
AMU C11 H112 sing N N 45  
AMU C11 H113 sing N N 46  
AMU O1  HO1  sing N N 47  
AMU O4  HO4  sing N N 48  
AMU O6  HO6  sing N N 49  
AMU O11 HO11 sing N N 50  
AMU N2  HN2  sing N N 51  
ARG N   CA   sing N N 52  
ARG N   H    sing N N 53  
ARG N   H2   sing N N 54  
ARG CA  C    sing N N 55  
ARG CA  CB   sing N N 56  
ARG CA  HA   sing N N 57  
ARG C   O    doub N N 58  
ARG C   OXT  sing N N 59  
ARG CB  CG   sing N N 60  
ARG CB  HB2  sing N N 61  
ARG CB  HB3  sing N N 62  
ARG CG  CD   sing N N 63  
ARG CG  HG2  sing N N 64  
ARG CG  HG3  sing N N 65  
ARG CD  NE   sing N N 66  
ARG CD  HD2  sing N N 67  
ARG CD  HD3  sing N N 68  
ARG NE  CZ   sing N N 69  
ARG NE  HE   sing N N 70  
ARG CZ  NH1  sing N N 71  
ARG CZ  NH2  doub N N 72  
ARG NH1 HH11 sing N N 73  
ARG NH1 HH12 sing N N 74  
ARG NH2 HH21 sing N N 75  
ARG NH2 HH22 sing N N 76  
ARG OXT HXT  sing N N 77  
ASN N   CA   sing N N 78  
ASN N   H    sing N N 79  
ASN N   H2   sing N N 80  
ASN CA  C    sing N N 81  
ASN CA  CB   sing N N 82  
ASN CA  HA   sing N N 83  
ASN C   O    doub N N 84  
ASN C   OXT  sing N N 85  
ASN CB  CG   sing N N 86  
ASN CB  HB2  sing N N 87  
ASN CB  HB3  sing N N 88  
ASN CG  OD1  doub N N 89  
ASN CG  ND2  sing N N 90  
ASN ND2 HD21 sing N N 91  
ASN ND2 HD22 sing N N 92  
ASN OXT HXT  sing N N 93  
ASP N   CA   sing N N 94  
ASP N   H    sing N N 95  
ASP N   H2   sing N N 96  
ASP CA  C    sing N N 97  
ASP CA  CB   sing N N 98  
ASP CA  HA   sing N N 99  
ASP C   O    doub N N 100 
ASP C   OXT  sing N N 101 
ASP CB  CG   sing N N 102 
ASP CB  HB2  sing N N 103 
ASP CB  HB3  sing N N 104 
ASP CG  OD1  doub N N 105 
ASP CG  OD2  sing N N 106 
ASP OD2 HD2  sing N N 107 
ASP OXT HXT  sing N N 108 
CYS N   CA   sing N N 109 
CYS N   H    sing N N 110 
CYS N   H2   sing N N 111 
CYS CA  C    sing N N 112 
CYS CA  CB   sing N N 113 
CYS CA  HA   sing N N 114 
CYS C   O    doub N N 115 
CYS C   OXT  sing N N 116 
CYS CB  SG   sing N N 117 
CYS CB  HB2  sing N N 118 
CYS CB  HB3  sing N N 119 
CYS SG  HG   sing N N 120 
CYS OXT HXT  sing N N 121 
GLN N   CA   sing N N 122 
GLN N   H    sing N N 123 
GLN N   H2   sing N N 124 
GLN CA  C    sing N N 125 
GLN CA  CB   sing N N 126 
GLN CA  HA   sing N N 127 
GLN C   O    doub N N 128 
GLN C   OXT  sing N N 129 
GLN CB  CG   sing N N 130 
GLN CB  HB2  sing N N 131 
GLN CB  HB3  sing N N 132 
GLN CG  CD   sing N N 133 
GLN CG  HG2  sing N N 134 
GLN CG  HG3  sing N N 135 
GLN CD  OE1  doub N N 136 
GLN CD  NE2  sing N N 137 
GLN NE2 HE21 sing N N 138 
GLN NE2 HE22 sing N N 139 
GLN OXT HXT  sing N N 140 
GLU N   CA   sing N N 141 
GLU N   H    sing N N 142 
GLU N   H2   sing N N 143 
GLU CA  C    sing N N 144 
GLU CA  CB   sing N N 145 
GLU CA  HA   sing N N 146 
GLU C   O    doub N N 147 
GLU C   OXT  sing N N 148 
GLU CB  CG   sing N N 149 
GLU CB  HB2  sing N N 150 
GLU CB  HB3  sing N N 151 
GLU CG  CD   sing N N 152 
GLU CG  HG2  sing N N 153 
GLU CG  HG3  sing N N 154 
GLU CD  OE1  doub N N 155 
GLU CD  OE2  sing N N 156 
GLU OE2 HE2  sing N N 157 
GLU OXT HXT  sing N N 158 
GLY N   CA   sing N N 159 
GLY N   H    sing N N 160 
GLY N   H2   sing N N 161 
GLY CA  C    sing N N 162 
GLY CA  HA2  sing N N 163 
GLY CA  HA3  sing N N 164 
GLY C   O    doub N N 165 
GLY C   OXT  sing N N 166 
GLY OXT HXT  sing N N 167 
GMA N   CA   sing N N 168 
GMA N   H    sing N N 169 
GMA N   H2   sing N N 170 
GMA CA  CD   sing N N 171 
GMA CA  CB   sing N N 172 
GMA CA  HA   sing N N 173 
GMA CD  O1   doub N N 174 
GMA CD  N2   sing N N 175 
GMA CB  CG   sing N N 176 
GMA CB  HB2  sing N N 177 
GMA CB  HB3  sing N N 178 
GMA CG  C    sing N N 179 
GMA CG  HG2  sing N N 180 
GMA CG  HG3  sing N N 181 
GMA C   O    doub N N 182 
GMA C   OXT  sing N N 183 
GMA OXT HXT  sing N N 184 
GMA N2  HN2A sing N N 185 
GMA N2  HN1  sing N N 186 
HIS N   CA   sing N N 187 
HIS N   H    sing N N 188 
HIS N   H2   sing N N 189 
HIS CA  C    sing N N 190 
HIS CA  CB   sing N N 191 
HIS CA  HA   sing N N 192 
HIS C   O    doub N N 193 
HIS C   OXT  sing N N 194 
HIS CB  CG   sing N N 195 
HIS CB  HB2  sing N N 196 
HIS CB  HB3  sing N N 197 
HIS CG  ND1  sing Y N 198 
HIS CG  CD2  doub Y N 199 
HIS ND1 CE1  doub Y N 200 
HIS ND1 HD1  sing N N 201 
HIS CD2 NE2  sing Y N 202 
HIS CD2 HD2  sing N N 203 
HIS CE1 NE2  sing Y N 204 
HIS CE1 HE1  sing N N 205 
HIS NE2 HE2  sing N N 206 
HIS OXT HXT  sing N N 207 
HOH O   H1   sing N N 208 
HOH O   H2   sing N N 209 
ILE N   CA   sing N N 210 
ILE N   H    sing N N 211 
ILE N   H2   sing N N 212 
ILE CA  C    sing N N 213 
ILE CA  CB   sing N N 214 
ILE CA  HA   sing N N 215 
ILE C   O    doub N N 216 
ILE C   OXT  sing N N 217 
ILE CB  CG1  sing N N 218 
ILE CB  CG2  sing N N 219 
ILE CB  HB   sing N N 220 
ILE CG1 CD1  sing N N 221 
ILE CG1 HG12 sing N N 222 
ILE CG1 HG13 sing N N 223 
ILE CG2 HG21 sing N N 224 
ILE CG2 HG22 sing N N 225 
ILE CG2 HG23 sing N N 226 
ILE CD1 HD11 sing N N 227 
ILE CD1 HD12 sing N N 228 
ILE CD1 HD13 sing N N 229 
ILE OXT HXT  sing N N 230 
LEU N   CA   sing N N 231 
LEU N   H    sing N N 232 
LEU N   H2   sing N N 233 
LEU CA  C    sing N N 234 
LEU CA  CB   sing N N 235 
LEU CA  HA   sing N N 236 
LEU C   O    doub N N 237 
LEU C   OXT  sing N N 238 
LEU CB  CG   sing N N 239 
LEU CB  HB2  sing N N 240 
LEU CB  HB3  sing N N 241 
LEU CG  CD1  sing N N 242 
LEU CG  CD2  sing N N 243 
LEU CG  HG   sing N N 244 
LEU CD1 HD11 sing N N 245 
LEU CD1 HD12 sing N N 246 
LEU CD1 HD13 sing N N 247 
LEU CD2 HD21 sing N N 248 
LEU CD2 HD22 sing N N 249 
LEU CD2 HD23 sing N N 250 
LEU OXT HXT  sing N N 251 
LYS N   CA   sing N N 252 
LYS N   H    sing N N 253 
LYS N   H2   sing N N 254 
LYS CA  C    sing N N 255 
LYS CA  CB   sing N N 256 
LYS CA  HA   sing N N 257 
LYS C   O    doub N N 258 
LYS C   OXT  sing N N 259 
LYS CB  CG   sing N N 260 
LYS CB  HB2  sing N N 261 
LYS CB  HB3  sing N N 262 
LYS CG  CD   sing N N 263 
LYS CG  HG2  sing N N 264 
LYS CG  HG3  sing N N 265 
LYS CD  CE   sing N N 266 
LYS CD  HD2  sing N N 267 
LYS CD  HD3  sing N N 268 
LYS CE  NZ   sing N N 269 
LYS CE  HE2  sing N N 270 
LYS CE  HE3  sing N N 271 
LYS NZ  HZ1  sing N N 272 
LYS NZ  HZ2  sing N N 273 
LYS NZ  HZ3  sing N N 274 
LYS OXT HXT  sing N N 275 
MET N   CA   sing N N 276 
MET N   H    sing N N 277 
MET N   H2   sing N N 278 
MET CA  C    sing N N 279 
MET CA  CB   sing N N 280 
MET CA  HA   sing N N 281 
MET C   O    doub N N 282 
MET C   OXT  sing N N 283 
MET CB  CG   sing N N 284 
MET CB  HB2  sing N N 285 
MET CB  HB3  sing N N 286 
MET CG  SD   sing N N 287 
MET CG  HG2  sing N N 288 
MET CG  HG3  sing N N 289 
MET SD  CE   sing N N 290 
MET CE  HE1  sing N N 291 
MET CE  HE2  sing N N 292 
MET CE  HE3  sing N N 293 
MET OXT HXT  sing N N 294 
NH2 N   HN1  sing N N 295 
NH2 N   HN2  sing N N 296 
PHE N   CA   sing N N 297 
PHE N   H    sing N N 298 
PHE N   H2   sing N N 299 
PHE CA  C    sing N N 300 
PHE CA  CB   sing N N 301 
PHE CA  HA   sing N N 302 
PHE C   O    doub N N 303 
PHE C   OXT  sing N N 304 
PHE CB  CG   sing N N 305 
PHE CB  HB2  sing N N 306 
PHE CB  HB3  sing N N 307 
PHE CG  CD1  doub Y N 308 
PHE CG  CD2  sing Y N 309 
PHE CD1 CE1  sing Y N 310 
PHE CD1 HD1  sing N N 311 
PHE CD2 CE2  doub Y N 312 
PHE CD2 HD2  sing N N 313 
PHE CE1 CZ   doub Y N 314 
PHE CE1 HE1  sing N N 315 
PHE CE2 CZ   sing Y N 316 
PHE CE2 HE2  sing N N 317 
PHE CZ  HZ   sing N N 318 
PHE OXT HXT  sing N N 319 
PRO N   CA   sing N N 320 
PRO N   CD   sing N N 321 
PRO N   H    sing N N 322 
PRO CA  C    sing N N 323 
PRO CA  CB   sing N N 324 
PRO CA  HA   sing N N 325 
PRO C   O    doub N N 326 
PRO C   OXT  sing N N 327 
PRO CB  CG   sing N N 328 
PRO CB  HB2  sing N N 329 
PRO CB  HB3  sing N N 330 
PRO CG  CD   sing N N 331 
PRO CG  HG2  sing N N 332 
PRO CG  HG3  sing N N 333 
PRO CD  HD2  sing N N 334 
PRO CD  HD3  sing N N 335 
PRO OXT HXT  sing N N 336 
SER N   CA   sing N N 337 
SER N   H    sing N N 338 
SER N   H2   sing N N 339 
SER CA  C    sing N N 340 
SER CA  CB   sing N N 341 
SER CA  HA   sing N N 342 
SER C   O    doub N N 343 
SER C   OXT  sing N N 344 
SER CB  OG   sing N N 345 
SER CB  HB2  sing N N 346 
SER CB  HB3  sing N N 347 
SER OG  HG   sing N N 348 
SER OXT HXT  sing N N 349 
THR N   CA   sing N N 350 
THR N   H    sing N N 351 
THR N   H2   sing N N 352 
THR CA  C    sing N N 353 
THR CA  CB   sing N N 354 
THR CA  HA   sing N N 355 
THR C   O    doub N N 356 
THR C   OXT  sing N N 357 
THR CB  OG1  sing N N 358 
THR CB  CG2  sing N N 359 
THR CB  HB   sing N N 360 
THR OG1 HG1  sing N N 361 
THR CG2 HG21 sing N N 362 
THR CG2 HG22 sing N N 363 
THR CG2 HG23 sing N N 364 
THR OXT HXT  sing N N 365 
TRP N   CA   sing N N 366 
TRP N   H    sing N N 367 
TRP N   H2   sing N N 368 
TRP CA  C    sing N N 369 
TRP CA  CB   sing N N 370 
TRP CA  HA   sing N N 371 
TRP C   O    doub N N 372 
TRP C   OXT  sing N N 373 
TRP CB  CG   sing N N 374 
TRP CB  HB2  sing N N 375 
TRP CB  HB3  sing N N 376 
TRP CG  CD1  doub Y N 377 
TRP CG  CD2  sing Y N 378 
TRP CD1 NE1  sing Y N 379 
TRP CD1 HD1  sing N N 380 
TRP CD2 CE2  doub Y N 381 
TRP CD2 CE3  sing Y N 382 
TRP NE1 CE2  sing Y N 383 
TRP NE1 HE1  sing N N 384 
TRP CE2 CZ2  sing Y N 385 
TRP CE3 CZ3  doub Y N 386 
TRP CE3 HE3  sing N N 387 
TRP CZ2 CH2  doub Y N 388 
TRP CZ2 HZ2  sing N N 389 
TRP CZ3 CH2  sing Y N 390 
TRP CZ3 HZ3  sing N N 391 
TRP CH2 HH2  sing N N 392 
TRP OXT HXT  sing N N 393 
TYR N   CA   sing N N 394 
TYR N   H    sing N N 395 
TYR N   H2   sing N N 396 
TYR CA  C    sing N N 397 
TYR CA  CB   sing N N 398 
TYR CA  HA   sing N N 399 
TYR C   O    doub N N 400 
TYR C   OXT  sing N N 401 
TYR CB  CG   sing N N 402 
TYR CB  HB2  sing N N 403 
TYR CB  HB3  sing N N 404 
TYR CG  CD1  doub Y N 405 
TYR CG  CD2  sing Y N 406 
TYR CD1 CE1  sing Y N 407 
TYR CD1 HD1  sing N N 408 
TYR CD2 CE2  doub Y N 409 
TYR CD2 HD2  sing N N 410 
TYR CE1 CZ   doub Y N 411 
TYR CE1 HE1  sing N N 412 
TYR CE2 CZ   sing Y N 413 
TYR CE2 HE2  sing N N 414 
TYR CZ  OH   sing N N 415 
TYR OH  HH   sing N N 416 
TYR OXT HXT  sing N N 417 
VAL N   CA   sing N N 418 
VAL N   H    sing N N 419 
VAL N   H2   sing N N 420 
VAL CA  C    sing N N 421 
VAL CA  CB   sing N N 422 
VAL CA  HA   sing N N 423 
VAL C   O    doub N N 424 
VAL C   OXT  sing N N 425 
VAL CB  CG1  sing N N 426 
VAL CB  CG2  sing N N 427 
VAL CB  HB   sing N N 428 
VAL CG1 HG11 sing N N 429 
VAL CG1 HG12 sing N N 430 
VAL CG1 HG13 sing N N 431 
VAL CG2 HG21 sing N N 432 
VAL CG2 HG22 sing N N 433 
VAL CG2 HG23 sing N N 434 
VAL OXT HXT  sing N N 435 
# 
_pdbx_initial_refinement_model.id               1 
_pdbx_initial_refinement_model.entity_id_list   ? 
_pdbx_initial_refinement_model.type             'experimental model' 
_pdbx_initial_refinement_model.source_name      PDB 
_pdbx_initial_refinement_model.accession_code   1SK3 
_pdbx_initial_refinement_model.details          'PDB entry 1SK3' 
# 
_atom_sites.entry_id                    1TWQ 
_atom_sites.fract_transf_matrix[1][1]   0.00926091 
_atom_sites.fract_transf_matrix[1][2]   0.00413429 
_atom_sites.fract_transf_matrix[1][3]   -0.00438227 
_atom_sites.fract_transf_matrix[2][1]   0.00506745 
_atom_sites.fract_transf_matrix[2][2]   -0.00532912 
_atom_sites.fract_transf_matrix[2][3]   -0.00824633 
_atom_sites.fract_transf_matrix[3][1]   -0.01292256 
_atom_sites.fract_transf_matrix[3][2]   0.01218364 
_atom_sites.fract_transf_matrix[3][3]   -0.01581462 
_atom_sites.fract_transf_vector[1]      0.137953 
_atom_sites.fract_transf_vector[2]      0.634451 
_atom_sites.fract_transf_vector[3]      0.074404 
# 
loop_
_atom_type.symbol 
C  
N  
NI 
O  
S  
# 
loop_
_atom_site.group_PDB 
_atom_site.id 
_atom_site.type_symbol 
_atom_site.label_atom_id 
_atom_site.label_alt_id 
_atom_site.label_comp_id 
_atom_site.label_asym_id 
_atom_site.label_entity_id 
_atom_site.label_seq_id 
_atom_site.pdbx_PDB_ins_code 
_atom_site.Cartn_x 
_atom_site.Cartn_y 
_atom_site.Cartn_z 
_atom_site.occupancy 
_atom_site.B_iso_or_equiv 
_atom_site.pdbx_formal_charge 
_atom_site.auth_seq_id 
_atom_site.auth_comp_id 
_atom_site.auth_asym_id 
_atom_site.auth_atom_id 
_atom_site.pdbx_PDB_model_num 
ATOM   1    N  N   . VAL A 1 1   ? -16.166 0.539   8.799   1.00 30.64 ? 177  VAL A N   1 
ATOM   2    C  CA  . VAL A 1 1   ? -14.984 1.255   9.356   1.00 31.45 ? 177  VAL A CA  1 
ATOM   3    C  C   . VAL A 1 1   ? -13.683 0.607   8.878   1.00 32.02 ? 177  VAL A C   1 
ATOM   4    O  O   . VAL A 1 1   ? -13.701 -0.293  8.038   1.00 31.49 ? 177  VAL A O   1 
ATOM   5    C  CB  . VAL A 1 1   ? -15.024 1.239   10.906  1.00 33.82 ? 177  VAL A CB  1 
ATOM   6    C  CG1 . VAL A 1 1   ? -16.319 1.876   11.393  1.00 32.51 ? 177  VAL A CG1 1 
ATOM   7    C  CG2 . VAL A 1 1   ? -14.915 -0.197  11.425  1.00 31.02 ? 177  VAL A CG2 1 
ATOM   8    N  N   . CYS A 1 2   ? -12.551 1.055   9.411   1.00 32.32 ? 178  CYS A N   1 
ATOM   9    C  CA  . CYS A 1 2   ? -11.271 0.490   9.009   1.00 33.09 ? 178  CYS A CA  1 
ATOM   10   C  C   . CYS A 1 2   ? -11.120 -0.968  9.436   1.00 33.15 ? 178  CYS A C   1 
ATOM   11   O  O   . CYS A 1 2   ? -11.510 -1.350  10.546  1.00 32.15 ? 178  CYS A O   1 
ATOM   12   C  CB  . CYS A 1 2   ? -10.104 1.268   9.619   1.00 32.83 ? 178  CYS A CB  1 
ATOM   13   S  SG  . CYS A 1 2   ? -9.864  2.980   9.058   1.00 35.75 ? 178  CYS A SG  1 
ATOM   14   N  N   . PRO A 1 3   ? -10.562 -1.807  8.550   1.00 32.47 ? 179  PRO A N   1 
ATOM   15   C  CA  . PRO A 1 3   ? -10.390 -3.200  8.949   1.00 33.07 ? 179  PRO A CA  1 
ATOM   16   C  C   . PRO A 1 3   ? -9.356  -3.236  10.075  1.00 34.74 ? 179  PRO A C   1 
ATOM   17   O  O   . PRO A 1 3   ? -8.788  -2.200  10.440  1.00 32.40 ? 179  PRO A O   1 
ATOM   18   C  CB  . PRO A 1 3   ? -9.918  -3.884  7.662   1.00 33.14 ? 179  PRO A CB  1 
ATOM   19   C  CG  . PRO A 1 3   ? -9.305  -2.777  6.871   1.00 33.00 ? 179  PRO A CG  1 
ATOM   20   C  CD  . PRO A 1 3   ? -10.230 -1.617  7.129   1.00 31.83 ? 179  PRO A CD  1 
ATOM   21   N  N   . ASN A 1 4   ? -9.116  -4.420  10.621  1.00 35.98 ? 180  ASN A N   1 
ATOM   22   C  CA  . ASN A 1 4   ? -8.188  -4.579  11.728  1.00 38.12 ? 180  ASN A CA  1 
ATOM   23   C  C   . ASN A 1 4   ? -6.904  -3.738  11.705  1.00 38.49 ? 180  ASN A C   1 
ATOM   24   O  O   . ASN A 1 4   ? -6.725  -2.859  12.548  1.00 42.19 ? 180  ASN A O   1 
ATOM   25   C  CB  . ASN A 1 4   ? -7.844  -6.060  11.897  1.00 38.18 ? 180  ASN A CB  1 
ATOM   26   C  CG  . ASN A 1 4   ? -6.817  -6.294  12.976  1.00 40.01 ? 180  ASN A CG  1 
ATOM   27   O  OD1 . ASN A 1 4   ? -6.904  -5.725  14.069  1.00 40.91 ? 180  ASN A OD1 1 
ATOM   28   N  ND2 . ASN A 1 4   ? -5.835  -7.137  12.683  1.00 39.36 ? 180  ASN A ND2 1 
ATOM   29   N  N   . ILE A 1 5   ? -6.011  -3.994  10.759  1.00 36.07 ? 181  ILE A N   1 
ATOM   30   C  CA  . ILE A 1 5   ? -4.742  -3.247  10.690  1.00 37.83 ? 181  ILE A CA  1 
ATOM   31   C  C   . ILE A 1 5   ? -3.720  -3.644  11.763  1.00 37.42 ? 181  ILE A C   1 
ATOM   32   O  O   . ILE A 1 5   ? -3.786  -3.170  12.905  1.00 36.19 ? 181  ILE A O   1 
ATOM   33   C  CB  . ILE A 1 5   ? -4.933  -1.708  10.818  1.00 37.12 ? 181  ILE A CB  1 
ATOM   34   C  CG1 . ILE A 1 5   ? -5.755  -1.174  9.642   1.00 38.11 ? 181  ILE A CG1 1 
ATOM   35   C  CG2 . ILE A 1 5   ? -3.560  -1.020  10.837  1.00 37.17 ? 181  ILE A CG2 1 
ATOM   36   C  CD1 . ILE A 1 5   ? -5.936  0.334   9.649   1.00 38.72 ? 181  ILE A CD1 1 
ATOM   37   N  N   . ILE A 1 6   ? -2.771  -4.502  11.395  1.00 35.82 ? 182  ILE A N   1 
ATOM   38   C  CA  . ILE A 1 6   ? -1.760  -4.906  12.352  1.00 36.67 ? 182  ILE A CA  1 
ATOM   39   C  C   . ILE A 1 6   ? -0.646  -3.845  12.348  1.00 36.40 ? 182  ILE A C   1 
ATOM   40   O  O   . ILE A 1 6   ? -0.109  -3.473  11.297  1.00 35.61 ? 182  ILE A O   1 
ATOM   41   C  CB  . ILE A 1 6   ? -1.220  -6.336  12.053  1.00 37.75 ? 182  ILE A CB  1 
ATOM   42   C  CG1 . ILE A 1 6   ? 0.223   -6.270  11.575  1.00 39.38 ? 182  ILE A CG1 1 
ATOM   43   C  CG2 . ILE A 1 6   ? -2.128  -7.045  11.043  1.00 37.68 ? 182  ILE A CG2 1 
ATOM   44   C  CD1 . ILE A 1 6   ? 1.015   -7.528  11.879  1.00 43.37 ? 182  ILE A CD1 1 
ATOM   45   N  N   . LYS A 1 7   ? -0.332  -3.349  13.540  1.00 36.65 ? 183  LYS A N   1 
ATOM   46   C  CA  . LYS A 1 7   ? 0.650   -2.286  13.730  1.00 38.07 ? 183  LYS A CA  1 
ATOM   47   C  C   . LYS A 1 7   ? 2.122   -2.603  13.487  1.00 36.67 ? 183  LYS A C   1 
ATOM   48   O  O   . LYS A 1 7   ? 2.544   -3.760  13.507  1.00 35.20 ? 183  LYS A O   1 
ATOM   49   C  CB  . LYS A 1 7   ? 0.481   -1.698  15.133  1.00 40.44 ? 183  LYS A CB  1 
ATOM   50   C  CG  . LYS A 1 7   ? -0.902  -1.102  15.380  1.00 44.13 ? 183  LYS A CG  1 
ATOM   51   C  CD  . LYS A 1 7   ? -1.166  0.091   14.460  1.00 49.31 ? 183  LYS A CD  1 
ATOM   52   C  CE  . LYS A 1 7   ? -2.555  0.700   14.692  1.00 52.45 ? 183  LYS A CE  1 
ATOM   53   N  NZ  . LYS A 1 7   ? -2.762  1.987   13.950  1.00 51.63 ? 183  LYS A NZ  1 
ATOM   54   N  N   . ARG A 1 8   ? 2.895   -1.543  13.266  1.00 36.21 ? 184  ARG A N   1 
ATOM   55   C  CA  . ARG A 1 8   ? 4.327   -1.656  13.016  1.00 36.58 ? 184  ARG A CA  1 
ATOM   56   C  C   . ARG A 1 8   ? 5.001   -2.479  14.108  1.00 37.05 ? 184  ARG A C   1 
ATOM   57   O  O   . ARG A 1 8   ? 5.769   -3.403  13.819  1.00 37.29 ? 184  ARG A O   1 
ATOM   58   C  CB  . ARG A 1 8   ? 4.953   -0.255  12.926  1.00 33.84 ? 184  ARG A CB  1 
ATOM   59   C  CG  . ARG A 1 8   ? 4.617   0.495   11.626  1.00 32.82 ? 184  ARG A CG  1 
ATOM   60   C  CD  . ARG A 1 8   ? 4.847   2.006   11.750  1.00 30.15 ? 184  ARG A CD  1 
ATOM   61   N  NE  . ARG A 1 8   ? 6.250   2.352   11.978  1.00 29.75 ? 184  ARG A NE  1 
ATOM   62   C  CZ  . ARG A 1 8   ? 7.187   2.368   11.034  1.00 29.11 ? 184  ARG A CZ  1 
ATOM   63   N  NH1 . ARG A 1 8   ? 6.884   2.061   9.779   1.00 26.68 ? 184  ARG A NH1 1 
ATOM   64   N  NH2 . ARG A 1 8   ? 8.433   2.697   11.348  1.00 29.96 ? 184  ARG A NH2 1 
ATOM   65   N  N   . SER A 1 9   ? 4.702   -2.159  15.362  1.00 36.62 ? 185  SER A N   1 
ATOM   66   C  CA  . SER A 1 9   ? 5.296   -2.894  16.471  1.00 38.13 ? 185  SER A CA  1 
ATOM   67   C  C   . SER A 1 9   ? 5.065   -4.401  16.342  1.00 37.58 ? 185  SER A C   1 
ATOM   68   O  O   . SER A 1 9   ? 5.908   -5.202  16.754  1.00 39.18 ? 185  SER A O   1 
ATOM   69   C  CB  . SER A 1 9   ? 4.729   -2.400  17.799  1.00 38.03 ? 185  SER A CB  1 
ATOM   70   O  OG  . SER A 1 9   ? 3.356   -2.715  17.909  1.00 42.00 ? 185  SER A OG  1 
ATOM   71   N  N   . ALA A 1 10  ? 3.932   -4.784  15.755  1.00 36.58 ? 186  ALA A N   1 
ATOM   72   C  CA  . ALA A 1 10  ? 3.589   -6.193  15.573  1.00 34.88 ? 186  ALA A CA  1 
ATOM   73   C  C   . ALA A 1 10  ? 4.536   -6.907  14.631  1.00 34.75 ? 186  ALA A C   1 
ATOM   74   O  O   . ALA A 1 10  ? 4.727   -8.116  14.748  1.00 34.47 ? 186  ALA A O   1 
ATOM   75   C  CB  . ALA A 1 10  ? 2.172   -6.331  15.066  1.00 34.71 ? 186  ALA A CB  1 
ATOM   76   N  N   . TRP A 1 11  ? 5.100   -6.186  13.664  1.00 34.91 ? 187  TRP A N   1 
ATOM   77   C  CA  . TRP A 1 11  ? 6.056   -6.835  12.777  1.00 36.06 ? 187  TRP A CA  1 
ATOM   78   C  C   . TRP A 1 11  ? 7.479   -6.414  13.127  1.00 36.45 ? 187  TRP A C   1 
ATOM   79   O  O   . TRP A 1 11  ? 8.409   -6.603  12.340  1.00 37.03 ? 187  TRP A O   1 
ATOM   80   C  CB  . TRP A 1 11  ? 5.747   -6.589  11.283  1.00 34.83 ? 187  TRP A CB  1 
ATOM   81   C  CG  . TRP A 1 11  ? 5.373   -5.190  10.851  1.00 33.78 ? 187  TRP A CG  1 
ATOM   82   C  CD1 . TRP A 1 11  ? 4.123   -4.628  10.865  1.00 33.40 ? 187  TRP A CD1 1 
ATOM   83   C  CD2 . TRP A 1 11  ? 6.237   -4.224  10.237  1.00 33.48 ? 187  TRP A CD2 1 
ATOM   84   N  NE1 . TRP A 1 11  ? 4.155   -3.379  10.288  1.00 31.93 ? 187  TRP A NE1 1 
ATOM   85   C  CE2 . TRP A 1 11  ? 5.440   -3.105  9.894   1.00 32.66 ? 187  TRP A CE2 1 
ATOM   86   C  CE3 . TRP A 1 11  ? 7.608   -4.195  9.941   1.00 33.21 ? 187  TRP A CE3 1 
ATOM   87   C  CZ2 . TRP A 1 11  ? 5.968   -1.969  9.269   1.00 30.80 ? 187  TRP A CZ2 1 
ATOM   88   C  CZ3 . TRP A 1 11  ? 8.136   -3.061  9.314   1.00 32.27 ? 187  TRP A CZ3 1 
ATOM   89   C  CH2 . TRP A 1 11  ? 7.315   -1.966  8.987   1.00 31.94 ? 187  TRP A CH2 1 
ATOM   90   N  N   . GLU A 1 12  ? 7.635   -5.881  14.340  1.00 37.08 ? 188  GLU A N   1 
ATOM   91   C  CA  . GLU A 1 12  ? 8.930   -5.425  14.854  1.00 39.09 ? 188  GLU A CA  1 
ATOM   92   C  C   . GLU A 1 12  ? 9.596   -4.468  13.866  1.00 37.69 ? 188  GLU A C   1 
ATOM   93   O  O   . GLU A 1 12  ? 10.733  -4.667  13.438  1.00 36.98 ? 188  GLU A O   1 
ATOM   94   C  CB  . GLU A 1 12  ? 9.847   -6.622  15.128  1.00 42.47 ? 188  GLU A CB  1 
ATOM   95   C  CG  . GLU A 1 12  ? 9.340   -7.548  16.223  1.00 49.99 ? 188  GLU A CG  1 
ATOM   96   C  CD  . GLU A 1 12  ? 9.180   -8.980  15.744  1.00 54.91 ? 188  GLU A CD  1 
ATOM   97   O  OE1 . GLU A 1 12  ? 10.173  -9.555  15.239  1.00 56.35 ? 188  GLU A OE1 1 
ATOM   98   O  OE2 . GLU A 1 12  ? 8.062   -9.531  15.873  1.00 57.15 ? 188  GLU A OE2 1 
ATOM   99   N  N   . ALA A 1 13  ? 8.858   -3.426  13.509  1.00 37.43 ? 189  ALA A N   1 
ATOM   100  C  CA  . ALA A 1 13  ? 9.346   -2.432  12.580  1.00 36.42 ? 189  ALA A CA  1 
ATOM   101  C  C   . ALA A 1 13  ? 10.467  -1.629  13.211  1.00 36.90 ? 189  ALA A C   1 
ATOM   102  O  O   . ALA A 1 13  ? 10.443  -1.327  14.406  1.00 35.78 ? 189  ALA A O   1 
ATOM   103  C  CB  . ALA A 1 13  ? 8.221   -1.505  12.190  1.00 35.16 ? 189  ALA A CB  1 
ATOM   104  N  N   . ARG A 1 14  ? 11.462  -1.295  12.402  1.00 37.70 ? 190  ARG A N   1 
ATOM   105  C  CA  . ARG A 1 14  ? 12.552  -0.473  12.888  1.00 38.12 ? 190  ARG A CA  1 
ATOM   106  C  C   . ARG A 1 14  ? 11.910  0.896   13.054  1.00 38.00 ? 190  ARG A C   1 
ATOM   107  O  O   . ARG A 1 14  ? 11.185  1.357   12.173  1.00 38.70 ? 190  ARG A O   1 
ATOM   108  C  CB  . ARG A 1 14  ? 13.684  -0.442  11.862  1.00 36.31 ? 190  ARG A CB  1 
ATOM   109  C  CG  . ARG A 1 14  ? 14.441  -1.756  11.804  1.00 35.09 ? 190  ARG A CG  1 
ATOM   110  C  CD  . ARG A 1 14  ? 15.218  -1.941  10.513  1.00 35.70 ? 190  ARG A CD  1 
ATOM   111  N  NE  . ARG A 1 14  ? 16.315  -0.992  10.345  1.00 36.42 ? 190  ARG A NE  1 
ATOM   112  C  CZ  . ARG A 1 14  ? 17.174  -1.030  9.326   1.00 39.37 ? 190  ARG A CZ  1 
ATOM   113  N  NH1 . ARG A 1 14  ? 17.062  -1.974  8.394   1.00 37.13 ? 190  ARG A NH1 1 
ATOM   114  N  NH2 . ARG A 1 14  ? 18.134  -0.112  9.223   1.00 38.78 ? 190  ARG A NH2 1 
ATOM   115  N  N   . GLU A 1 15  ? 12.139  1.525   14.198  1.00 39.07 ? 191  GLU A N   1 
ATOM   116  C  CA  . GLU A 1 15  ? 11.560  2.837   14.462  1.00 40.31 ? 191  GLU A CA  1 
ATOM   117  C  C   . GLU A 1 15  ? 12.370  3.925   13.771  1.00 38.08 ? 191  GLU A C   1 
ATOM   118  O  O   . GLU A 1 15  ? 13.599  3.876   13.741  1.00 37.39 ? 191  GLU A O   1 
ATOM   119  C  CB  . GLU A 1 15  ? 11.501  3.085   15.968  1.00 45.45 ? 191  GLU A CB  1 
ATOM   120  C  CG  . GLU A 1 15  ? 10.650  2.063   16.704  1.00 52.84 ? 191  GLU A CG  1 
ATOM   121  C  CD  . GLU A 1 15  ? 10.638  2.275   18.207  1.00 57.29 ? 191  GLU A CD  1 
ATOM   122  O  OE1 . GLU A 1 15  ? 11.733  2.300   18.811  1.00 58.53 ? 191  GLU A OE1 1 
ATOM   123  O  OE2 . GLU A 1 15  ? 9.534   2.410   18.781  1.00 59.25 ? 191  GLU A OE2 1 
ATOM   124  N  N   . THR A 1 16  ? 11.669  4.911   13.220  1.00 35.37 ? 192  THR A N   1 
ATOM   125  C  CA  . THR A 1 16  ? 12.305  6.005   12.500  1.00 33.05 ? 192  THR A CA  1 
ATOM   126  C  C   . THR A 1 16  ? 11.576  7.315   12.756  1.00 33.89 ? 192  THR A C   1 
ATOM   127  O  O   . THR A 1 16  ? 10.579  7.358   13.476  1.00 33.34 ? 192  THR A O   1 
ATOM   128  C  CB  . THR A 1 16  ? 12.238  5.775   10.984  1.00 31.50 ? 192  THR A CB  1 
ATOM   129  O  OG1 . THR A 1 16  ? 10.886  5.966   10.542  1.00 28.37 ? 192  THR A OG1 1 
ATOM   130  C  CG2 . THR A 1 16  ? 12.673  4.359   10.632  1.00 30.17 ? 192  THR A CG2 1 
ATOM   131  N  N   . HIS A 1 17  ? 12.088  8.379   12.148  1.00 33.60 ? 193  HIS A N   1 
ATOM   132  C  CA  . HIS A 1 17  ? 11.484  9.702   12.231  1.00 34.19 ? 193  HIS A CA  1 
ATOM   133  C  C   . HIS A 1 17  ? 11.566  10.218  10.803  1.00 33.91 ? 193  HIS A C   1 
ATOM   134  O  O   . HIS A 1 17  ? 12.614  10.689  10.356  1.00 34.55 ? 193  HIS A O   1 
ATOM   135  C  CB  . HIS A 1 17  ? 12.257  10.612  13.187  1.00 36.34 ? 193  HIS A CB  1 
ATOM   136  C  CG  . HIS A 1 17  ? 12.202  10.167  14.615  1.00 38.05 ? 193  HIS A CG  1 
ATOM   137  N  ND1 . HIS A 1 17  ? 13.132  9.312   15.166  1.00 39.71 ? 193  HIS A ND1 1 
ATOM   138  C  CD2 . HIS A 1 17  ? 11.309  10.433  15.597  1.00 38.78 ? 193  HIS A CD2 1 
ATOM   139  C  CE1 . HIS A 1 17  ? 12.814  9.069   16.425  1.00 40.70 ? 193  HIS A CE1 1 
ATOM   140  N  NE2 . HIS A 1 17  ? 11.712  9.738   16.711  1.00 41.39 ? 193  HIS A NE2 1 
ATOM   141  N  N   . CYS A 1 18  ? 10.453  10.103  10.088  1.00 32.28 ? 194  CYS A N   1 
ATOM   142  C  CA  . CYS A 1 18  ? 10.408  10.495  8.693   1.00 31.16 ? 194  CYS A CA  1 
ATOM   143  C  C   . CYS A 1 18  ? 9.492   11.669  8.391   1.00 31.37 ? 194  CYS A C   1 
ATOM   144  O  O   . CYS A 1 18  ? 8.643   12.034  9.204   1.00 29.51 ? 194  CYS A O   1 
ATOM   145  C  CB  . CYS A 1 18  ? 10.016  9.279   7.861   1.00 29.89 ? 194  CYS A CB  1 
ATOM   146  S  SG  . CYS A 1 18  ? 11.189  7.908   8.098   1.00 30.05 ? 194  CYS A SG  1 
ATOM   147  N  N   . PRO A 1 19  ? 9.665   12.285  7.211   1.00 32.50 ? 195  PRO A N   1 
ATOM   148  C  CA  . PRO A 1 19  ? 8.831   13.430  6.834   1.00 33.17 ? 195  PRO A CA  1 
ATOM   149  C  C   . PRO A 1 19  ? 7.348   13.133  6.987   1.00 34.44 ? 195  PRO A C   1 
ATOM   150  O  O   . PRO A 1 19  ? 6.887   12.031  6.681   1.00 34.32 ? 195  PRO A O   1 
ATOM   151  C  CB  . PRO A 1 19  ? 9.256   13.725  5.387   1.00 33.69 ? 195  PRO A CB  1 
ATOM   152  C  CG  . PRO A 1 19  ? 9.925   12.438  4.919   1.00 33.12 ? 195  PRO A CG  1 
ATOM   153  C  CD  . PRO A 1 19  ? 10.628  11.944  6.147   1.00 32.52 ? 195  PRO A CD  1 
ATOM   154  N  N   . LYS A 1 20  ? 6.609   14.121  7.482   1.00 34.45 ? 196  LYS A N   1 
ATOM   155  C  CA  . LYS A 1 20  ? 5.186   13.963  7.707   1.00 34.76 ? 196  LYS A CA  1 
ATOM   156  C  C   . LYS A 1 20  ? 4.379   14.034  6.425   1.00 34.68 ? 196  LYS A C   1 
ATOM   157  O  O   . LYS A 1 20  ? 4.754   14.713  5.473   1.00 34.53 ? 196  LYS A O   1 
ATOM   158  C  CB  . LYS A 1 20  ? 4.676   15.032  8.673   1.00 36.66 ? 196  LYS A CB  1 
ATOM   159  C  CG  . LYS A 1 20  ? 5.443   15.102  9.979   1.00 40.44 ? 196  LYS A CG  1 
ATOM   160  C  CD  . LYS A 1 20  ? 4.767   16.049  10.968  1.00 43.39 ? 196  LYS A CD  1 
ATOM   161  C  CE  . LYS A 1 20  ? 5.755   16.550  12.014  1.00 45.34 ? 196  LYS A CE  1 
ATOM   162  N  NZ  . LYS A 1 20  ? 6.897   17.246  11.348  1.00 46.20 ? 196  LYS A NZ  1 
ATOM   163  N  N   . MET A 1 21  ? 3.261   13.313  6.427   1.00 34.82 ? 197  MET A N   1 
ATOM   164  C  CA  . MET A 1 21  ? 2.340   13.273  5.306   1.00 35.88 ? 197  MET A CA  1 
ATOM   165  C  C   . MET A 1 21  ? 1.318   14.391  5.487   1.00 38.18 ? 197  MET A C   1 
ATOM   166  O  O   . MET A 1 21  ? 0.842   14.636  6.599   1.00 37.23 ? 197  MET A O   1 
ATOM   167  C  CB  . MET A 1 21  ? 1.602   11.936  5.286   1.00 36.49 ? 197  MET A CB  1 
ATOM   168  C  CG  . MET A 1 21  ? 0.628   11.796  4.134   1.00 36.71 ? 197  MET A CG  1 
ATOM   169  S  SD  . MET A 1 21  ? 1.515   11.514  2.605   1.00 38.53 ? 197  MET A SD  1 
ATOM   170  C  CE  . MET A 1 21  ? 0.310   10.618  1.662   1.00 38.29 ? 197  MET A CE  1 
ATOM   171  N  N   . ASN A 1 22  ? 0.974   15.073  4.403   1.00 40.48 ? 198  ASN A N   1 
ATOM   172  C  CA  . ASN A 1 22  ? -0.023  16.121  4.507   1.00 43.62 ? 198  ASN A CA  1 
ATOM   173  C  C   . ASN A 1 22  ? -1.387  15.547  4.140   1.00 42.58 ? 198  ASN A C   1 
ATOM   174  O  O   . ASN A 1 22  ? -1.615  15.150  2.996   1.00 43.19 ? 198  ASN A O   1 
ATOM   175  C  CB  . ASN A 1 22  ? 0.304   17.289  3.581   1.00 49.34 ? 198  ASN A CB  1 
ATOM   176  C  CG  . ASN A 1 22  ? -0.748  18.383  3.644   1.00 54.98 ? 198  ASN A CG  1 
ATOM   177  O  OD1 . ASN A 1 22  ? -1.030  18.930  4.714   1.00 58.07 ? 198  ASN A OD1 1 
ATOM   178  N  ND2 . ASN A 1 22  ? -1.340  18.704  2.497   1.00 56.50 ? 198  ASN A ND2 1 
ATOM   179  N  N   . LEU A 1 23  ? -2.279  15.488  5.123   1.00 39.81 ? 199  LEU A N   1 
ATOM   180  C  CA  . LEU A 1 23  ? -3.632  14.982  4.916   1.00 38.84 ? 199  LEU A CA  1 
ATOM   181  C  C   . LEU A 1 23  ? -4.578  16.155  4.700   1.00 38.35 ? 199  LEU A C   1 
ATOM   182  O  O   . LEU A 1 23  ? -4.342  17.251  5.205   1.00 38.69 ? 199  LEU A O   1 
ATOM   183  C  CB  . LEU A 1 23  ? -4.103  14.180  6.129   1.00 37.12 ? 199  LEU A CB  1 
ATOM   184  C  CG  . LEU A 1 23  ? -3.690  12.715  6.331   1.00 36.83 ? 199  LEU A CG  1 
ATOM   185  C  CD1 . LEU A 1 23  ? -2.859  12.215  5.168   1.00 36.16 ? 199  LEU A CD1 1 
ATOM   186  C  CD2 . LEU A 1 23  ? -2.938  12.595  7.637   1.00 34.34 ? 199  LEU A CD2 1 
ATOM   187  N  N   . PRO A 1 24  ? -5.664  15.942  3.943   1.00 37.78 ? 200  PRO A N   1 
ATOM   188  C  CA  . PRO A 1 24  ? -6.013  14.669  3.310   1.00 37.23 ? 200  PRO A CA  1 
ATOM   189  C  C   . PRO A 1 24  ? -5.226  14.449  2.033   1.00 36.60 ? 200  PRO A C   1 
ATOM   190  O  O   . PRO A 1 24  ? -4.726  15.399  1.424   1.00 36.46 ? 200  PRO A O   1 
ATOM   191  C  CB  . PRO A 1 24  ? -7.509  14.815  3.002   1.00 37.36 ? 200  PRO A CB  1 
ATOM   192  C  CG  . PRO A 1 24  ? -7.888  16.235  3.468   1.00 37.17 ? 200  PRO A CG  1 
ATOM   193  C  CD  . PRO A 1 24  ? -6.605  16.991  3.531   1.00 37.11 ? 200  PRO A CD  1 
ATOM   194  N  N   . ALA A 1 25  ? -5.132  13.187  1.635   1.00 35.63 ? 201  ALA A N   1 
ATOM   195  C  CA  . ALA A 1 25  ? -4.459  12.815  0.407   1.00 34.40 ? 201  ALA A CA  1 
ATOM   196  C  C   . ALA A 1 25  ? -5.495  13.007  -0.703  1.00 35.84 ? 201  ALA A C   1 
ATOM   197  O  O   . ALA A 1 25  ? -6.706  13.043  -0.443  1.00 35.28 ? 201  ALA A O   1 
ATOM   198  C  CB  . ALA A 1 25  ? -4.011  11.364  0.470   1.00 36.38 ? 201  ALA A CB  1 
ATOM   199  N  N   . LYS A 1 26  ? -5.022  13.132  -1.936  1.00 35.73 ? 202  LYS A N   1 
ATOM   200  C  CA  . LYS A 1 26  ? -5.905  13.344  -3.071  1.00 35.94 ? 202  LYS A CA  1 
ATOM   201  C  C   . LYS A 1 26  ? -5.969  12.116  -3.967  1.00 35.86 ? 202  LYS A C   1 
ATOM   202  O  O   . LYS A 1 26  ? -6.784  12.061  -4.889  1.00 37.18 ? 202  LYS A O   1 
ATOM   203  C  CB  . LYS A 1 26  ? -5.407  14.542  -3.875  1.00 38.38 ? 202  LYS A CB  1 
ATOM   204  C  CG  . LYS A 1 26  ? -5.199  15.777  -3.022  1.00 42.91 ? 202  LYS A CG  1 
ATOM   205  C  CD  . LYS A 1 26  ? -4.356  16.826  -3.724  1.00 46.31 ? 202  LYS A CD  1 
ATOM   206  C  CE  . LYS A 1 26  ? -4.154  18.048  -2.829  1.00 48.01 ? 202  LYS A CE  1 
ATOM   207  N  NZ  . LYS A 1 26  ? -3.557  17.701  -1.506  1.00 47.12 ? 202  LYS A NZ  1 
ATOM   208  N  N   . TYR A 1 27  ? -5.106  11.134  -3.705  1.00 34.50 ? 203  TYR A N   1 
ATOM   209  C  CA  . TYR A 1 27  ? -5.086  9.925   -4.526  1.00 32.95 ? 203  TYR A CA  1 
ATOM   210  C  C   . TYR A 1 27  ? -4.802  8.661   -3.741  1.00 31.13 ? 203  TYR A C   1 
ATOM   211  O  O   . TYR A 1 27  ? -4.310  8.703   -2.611  1.00 31.69 ? 203  TYR A O   1 
ATOM   212  C  CB  . TYR A 1 27  ? -4.005  10.006  -5.613  1.00 33.92 ? 203  TYR A CB  1 
ATOM   213  C  CG  . TYR A 1 27  ? -3.998  11.253  -6.467  1.00 35.61 ? 203  TYR A CG  1 
ATOM   214  C  CD1 . TYR A 1 27  ? -3.424  12.433  -6.002  1.00 36.09 ? 203  TYR A CD1 1 
ATOM   215  C  CD2 . TYR A 1 27  ? -4.534  11.244  -7.761  1.00 36.61 ? 203  TYR A CD2 1 
ATOM   216  C  CE1 . TYR A 1 27  ? -3.379  13.574  -6.798  1.00 38.28 ? 203  TYR A CE1 1 
ATOM   217  C  CE2 . TYR A 1 27  ? -4.494  12.383  -8.568  1.00 38.13 ? 203  TYR A CE2 1 
ATOM   218  C  CZ  . TYR A 1 27  ? -3.913  13.546  -8.078  1.00 39.71 ? 203  TYR A CZ  1 
ATOM   219  O  OH  . TYR A 1 27  ? -3.869  14.687  -8.855  1.00 42.40 ? 203  TYR A OH  1 
ATOM   220  N  N   . VAL A 1 28  ? -5.107  7.535   -4.373  1.00 28.91 ? 204  VAL A N   1 
ATOM   221  C  CA  . VAL A 1 28  ? -4.822  6.225   -3.819  1.00 27.98 ? 204  VAL A CA  1 
ATOM   222  C  C   . VAL A 1 28  ? -4.083  5.522   -4.955  1.00 29.37 ? 204  VAL A C   1 
ATOM   223  O  O   . VAL A 1 28  ? -4.508  5.582   -6.114  1.00 28.03 ? 204  VAL A O   1 
ATOM   224  C  CB  . VAL A 1 28  ? -6.099  5.415   -3.473  1.00 28.70 ? 204  VAL A CB  1 
ATOM   225  C  CG1 . VAL A 1 28  ? -5.720  3.965   -3.171  1.00 26.43 ? 204  VAL A CG1 1 
ATOM   226  C  CG2 . VAL A 1 28  ? -6.791  6.010   -2.254  1.00 26.09 ? 204  VAL A CG2 1 
ATOM   227  N  N   . ILE A 1 29  ? -2.969  4.874   -4.637  1.00 28.62 ? 205  ILE A N   1 
ATOM   228  C  CA  . ILE A 1 29  ? -2.210  4.180   -5.661  1.00 28.26 ? 205  ILE A CA  1 
ATOM   229  C  C   . ILE A 1 29  ? -2.039  2.719   -5.281  1.00 28.08 ? 205  ILE A C   1 
ATOM   230  O  O   . ILE A 1 29  ? -1.458  2.400   -4.244  1.00 28.39 ? 205  ILE A O   1 
ATOM   231  C  CB  . ILE A 1 29  ? -0.830  4.855   -5.881  1.00 27.78 ? 205  ILE A CB  1 
ATOM   232  C  CG1 . ILE A 1 29  ? -1.052  6.245   -6.490  1.00 26.35 ? 205  ILE A CG1 1 
ATOM   233  C  CG2 . ILE A 1 29  ? 0.048   3.992   -6.789  1.00 26.94 ? 205  ILE A CG2 1 
ATOM   234  C  CD1 . ILE A 1 29  ? 0.197   6.988   -6.855  1.00 26.60 ? 205  ILE A CD1 1 
ATOM   235  N  N   . ILE A 1 30  ? -2.578  1.840   -6.122  1.00 27.03 ? 206  ILE A N   1 
ATOM   236  C  CA  . ILE A 1 30  ? -2.501  0.411   -5.879  1.00 25.83 ? 206  ILE A CA  1 
ATOM   237  C  C   . ILE A 1 30  ? -1.182  -0.083  -6.412  1.00 26.57 ? 206  ILE A C   1 
ATOM   238  O  O   . ILE A 1 30  ? -0.839  0.143   -7.576  1.00 25.08 ? 206  ILE A O   1 
ATOM   239  C  CB  . ILE A 1 30  ? -3.642  -0.353  -6.569  1.00 26.81 ? 206  ILE A CB  1 
ATOM   240  C  CG1 . ILE A 1 30  ? -4.989  0.190   -6.093  1.00 26.02 ? 206  ILE A CG1 1 
ATOM   241  C  CG2 . ILE A 1 30  ? -3.531  -1.835  -6.261  1.00 26.10 ? 206  ILE A CG2 1 
ATOM   242  C  CD1 . ILE A 1 30  ? -5.158  0.185   -4.573  1.00 26.97 ? 206  ILE A CD1 1 
ATOM   243  N  N   . ILE A 1 31  ? -0.464  -0.773  -5.538  1.00 26.30 ? 207  ILE A N   1 
ATOM   244  C  CA  . ILE A 1 31  ? 0.861   -1.300  -5.813  1.00 26.61 ? 207  ILE A CA  1 
ATOM   245  C  C   . ILE A 1 31  ? 0.913   -2.768  -5.435  1.00 27.81 ? 207  ILE A C   1 
ATOM   246  O  O   . ILE A 1 31  ? 0.039   -3.262  -4.714  1.00 28.51 ? 207  ILE A O   1 
ATOM   247  C  CB  . ILE A 1 31  ? 1.895   -0.554  -4.920  1.00 25.48 ? 207  ILE A CB  1 
ATOM   248  C  CG1 . ILE A 1 31  ? 1.864   0.945   -5.231  1.00 24.89 ? 207  ILE A CG1 1 
ATOM   249  C  CG2 . ILE A 1 31  ? 3.291   -1.138  -5.092  1.00 24.54 ? 207  ILE A CG2 1 
ATOM   250  C  CD1 . ILE A 1 31  ? 2.576   1.788   -4.197  1.00 24.03 ? 207  ILE A CD1 1 
ATOM   251  N  N   . HIS A 1 32  ? 1.912   -3.476  -5.949  1.00 27.43 ? 208  HIS A N   1 
ATOM   252  C  CA  . HIS A 1 32  ? 2.121   -4.857  -5.532  1.00 30.59 ? 208  HIS A CA  1 
ATOM   253  C  C   . HIS A 1 32  ? 3.607   -4.934  -5.193  1.00 31.52 ? 208  HIS A C   1 
ATOM   254  O  O   . HIS A 1 32  ? 4.430   -4.296  -5.858  1.00 32.33 ? 208  HIS A O   1 
ATOM   255  C  CB  . HIS A 1 32  ? 1.703   -5.883  -6.605  1.00 30.93 ? 208  HIS A CB  1 
ATOM   256  C  CG  . HIS A 1 32  ? 2.631   -5.998  -7.775  1.00 32.04 ? 208  HIS A CG  1 
ATOM   257  N  ND1 . HIS A 1 32  ? 2.617   -7.094  -8.612  1.00 31.09 ? 208  HIS A ND1 1 
ATOM   258  C  CD2 . HIS A 1 32  ? 3.567   -5.159  -8.273  1.00 32.38 ? 208  HIS A CD2 1 
ATOM   259  C  CE1 . HIS A 1 32  ? 3.505   -6.925  -9.573  1.00 31.98 ? 208  HIS A CE1 1 
ATOM   260  N  NE2 . HIS A 1 32  ? 4.096   -5.757  -9.390  1.00 33.20 ? 208  HIS A NE2 1 
ATOM   261  N  N   . THR A 1 33  ? 3.959   -5.661  -4.137  1.00 31.85 ? 209  THR A N   1 
ATOM   262  C  CA  . THR A 1 33  ? 5.363   -5.743  -3.741  1.00 30.99 ? 209  THR A CA  1 
ATOM   263  C  C   . THR A 1 33  ? 6.221   -6.443  -4.791  1.00 30.50 ? 209  THR A C   1 
ATOM   264  O  O   . THR A 1 33  ? 7.450   -6.348  -4.763  1.00 30.20 ? 209  THR A O   1 
ATOM   265  C  CB  . THR A 1 33  ? 5.530   -6.451  -2.362  1.00 30.10 ? 209  THR A CB  1 
ATOM   266  O  OG1 . THR A 1 33  ? 4.980   -7.774  -2.414  1.00 31.16 ? 209  THR A OG1 1 
ATOM   267  C  CG2 . THR A 1 33  ? 4.819   -5.662  -1.283  1.00 31.00 ? 209  THR A CG2 1 
ATOM   268  N  N   . ALA A 1 34  ? 5.563   -7.135  -5.720  1.00 30.07 ? 210  ALA A N   1 
ATOM   269  C  CA  . ALA A 1 34  ? 6.253   -7.850  -6.789  1.00 30.45 ? 210  ALA A CA  1 
ATOM   270  C  C   . ALA A 1 34  ? 7.142   -8.971  -6.265  1.00 31.79 ? 210  ALA A C   1 
ATOM   271  O  O   . ALA A 1 34  ? 7.880   -9.589  -7.028  1.00 32.74 ? 210  ALA A O   1 
ATOM   272  C  CB  . ALA A 1 34  ? 7.085   -6.877  -7.617  1.00 26.54 ? 210  ALA A CB  1 
ATOM   273  N  N   . GLY A 1 35  ? 7.075   -9.238  -4.965  1.00 32.01 ? 211  GLY A N   1 
ATOM   274  C  CA  . GLY A 1 35  ? 7.888   -10.303 -4.403  1.00 33.34 ? 211  GLY A CA  1 
ATOM   275  C  C   . GLY A 1 35  ? 7.036   -11.486 -3.980  1.00 33.99 ? 211  GLY A C   1 
ATOM   276  O  O   . GLY A 1 35  ? 5.955   -11.706 -4.520  1.00 33.89 ? 211  GLY A O   1 
ATOM   277  N  N   . THR A 1 36  ? 7.510   -12.254 -3.014  1.00 33.76 ? 212  THR A N   1 
ATOM   278  C  CA  . THR A 1 36  ? 6.731   -13.393 -2.555  1.00 36.66 ? 212  THR A CA  1 
ATOM   279  C  C   . THR A 1 36  ? 5.448   -12.914 -1.875  1.00 37.78 ? 212  THR A C   1 
ATOM   280  O  O   . THR A 1 36  ? 5.349   -11.757 -1.464  1.00 39.03 ? 212  THR A O   1 
ATOM   281  C  CB  . THR A 1 36  ? 7.501   -14.222 -1.539  1.00 36.25 ? 212  THR A CB  1 
ATOM   282  O  OG1 . THR A 1 36  ? 6.759   -15.415 -1.254  1.00 37.59 ? 212  THR A OG1 1 
ATOM   283  C  CG2 . THR A 1 36  ? 7.692   -13.431 -0.254  1.00 35.09 ? 212  THR A CG2 1 
ATOM   284  N  N   . SER A 1 37  ? 4.472   -13.807 -1.757  1.00 38.29 ? 213  SER A N   1 
ATOM   285  C  CA  . SER A 1 37  ? 3.209   -13.475 -1.107  1.00 39.20 ? 213  SER A CA  1 
ATOM   286  C  C   . SER A 1 37  ? 3.222   -14.077 0.303   1.00 38.49 ? 213  SER A C   1 
ATOM   287  O  O   . SER A 1 37  ? 4.253   -14.570 0.752   1.00 39.94 ? 213  SER A O   1 
ATOM   288  C  CB  . SER A 1 37  ? 2.045   -14.045 -1.920  1.00 39.93 ? 213  SER A CB  1 
ATOM   289  O  OG  . SER A 1 37  ? 0.806   -13.516 -1.486  1.00 42.82 ? 213  SER A OG  1 
ATOM   290  N  N   . CYS A 1 38  ? 2.097   -14.027 1.007   1.00 37.80 ? 214  CYS A N   1 
ATOM   291  C  CA  . CYS A 1 38  ? 2.012   -14.593 2.356   1.00 37.21 ? 214  CYS A CA  1 
ATOM   292  C  C   . CYS A 1 38  ? 0.557   -14.938 2.640   1.00 37.50 ? 214  CYS A C   1 
ATOM   293  O  O   . CYS A 1 38  ? -0.349  -14.232 2.195   1.00 38.14 ? 214  CYS A O   1 
ATOM   294  C  CB  . CYS A 1 38  ? 2.547   -13.604 3.410   1.00 35.64 ? 214  CYS A CB  1 
ATOM   295  S  SG  . CYS A 1 38  ? 1.695   -11.993 3.459   1.00 37.96 ? 214  CYS A SG  1 
ATOM   296  N  N   . THR A 1 39  ? 0.336   -16.020 3.381   1.00 37.16 ? 215  THR A N   1 
ATOM   297  C  CA  . THR A 1 39  ? -1.014  -16.468 3.680   1.00 36.50 ? 215  THR A CA  1 
ATOM   298  C  C   . THR A 1 39  ? -1.378  -16.471 5.164   1.00 38.34 ? 215  THR A C   1 
ATOM   299  O  O   . THR A 1 39  ? -2.558  -16.603 5.515   1.00 38.89 ? 215  THR A O   1 
ATOM   300  C  CB  . THR A 1 39  ? -1.234  -17.871 3.110   1.00 34.46 ? 215  THR A CB  1 
ATOM   301  O  OG1 . THR A 1 39  ? -0.215  -18.745 3.609   1.00 33.70 ? 215  THR A OG1 1 
ATOM   302  C  CG2 . THR A 1 39  ? -1.158  -17.843 1.594   1.00 32.74 ? 215  THR A CG2 1 
ATOM   303  N  N   . VAL A 1 40  ? -0.376  -16.336 6.031   1.00 37.93 ? 216  VAL A N   1 
ATOM   304  C  CA  . VAL A 1 40  ? -0.629  -16.302 7.472   1.00 38.71 ? 216  VAL A CA  1 
ATOM   305  C  C   . VAL A 1 40  ? 0.088   -15.132 8.147   1.00 39.65 ? 216  VAL A C   1 
ATOM   306  O  O   . VAL A 1 40  ? 1.169   -14.712 7.724   1.00 38.68 ? 216  VAL A O   1 
ATOM   307  C  CB  . VAL A 1 40  ? -0.220  -17.624 8.164   1.00 38.07 ? 216  VAL A CB  1 
ATOM   308  C  CG1 . VAL A 1 40  ? -0.946  -18.785 7.510   1.00 36.31 ? 216  VAL A CG1 1 
ATOM   309  C  CG2 . VAL A 1 40  ? 1.296   -17.808 8.106   1.00 35.85 ? 216  VAL A CG2 1 
ATOM   310  N  N   . SER A 1 41  ? -0.527  -14.628 9.211   1.00 40.22 ? 217  SER A N   1 
ATOM   311  C  CA  . SER A 1 41  ? -0.019  -13.485 9.954   1.00 42.09 ? 217  SER A CA  1 
ATOM   312  C  C   . SER A 1 41  ? 1.497   -13.424 10.140  1.00 42.09 ? 217  SER A C   1 
ATOM   313  O  O   . SER A 1 41  ? 2.138   -12.450 9.739   1.00 42.05 ? 217  SER A O   1 
ATOM   314  C  CB  . SER A 1 41  ? -0.709  -13.416 11.317  1.00 44.58 ? 217  SER A CB  1 
ATOM   315  O  OG  . SER A 1 41  ? -0.677  -12.094 11.827  1.00 48.56 ? 217  SER A OG  1 
ATOM   316  N  N   . THR A 1 42  ? 2.073   -14.451 10.752  1.00 42.79 ? 218  THR A N   1 
ATOM   317  C  CA  . THR A 1 42  ? 3.511   -14.470 10.984  1.00 42.23 ? 218  THR A CA  1 
ATOM   318  C  C   . THR A 1 42  ? 4.322   -14.288 9.699   1.00 40.90 ? 218  THR A C   1 
ATOM   319  O  O   . THR A 1 42  ? 5.255   -13.490 9.663   1.00 40.90 ? 218  THR A O   1 
ATOM   320  C  CB  . THR A 1 42  ? 3.938   -15.779 11.672  1.00 44.16 ? 218  THR A CB  1 
ATOM   321  O  OG1 . THR A 1 42  ? 3.600   -16.893 10.838  1.00 45.47 ? 218  THR A OG1 1 
ATOM   322  C  CG2 . THR A 1 42  ? 3.230   -15.925 13.004  1.00 45.34 ? 218  THR A CG2 1 
ATOM   323  N  N   . ASP A 1 43  ? 3.970   -15.017 8.644   1.00 39.40 ? 219  ASP A N   1 
ATOM   324  C  CA  . ASP A 1 43  ? 4.698   -14.902 7.369   1.00 39.38 ? 219  ASP A CA  1 
ATOM   325  C  C   . ASP A 1 43  ? 4.654   -13.488 6.805   1.00 37.90 ? 219  ASP A C   1 
ATOM   326  O  O   . ASP A 1 43  ? 5.664   -12.965 6.339   1.00 37.45 ? 219  ASP A O   1 
ATOM   327  C  CB  . ASP A 1 43  ? 4.131   -15.864 6.324   1.00 40.23 ? 219  ASP A CB  1 
ATOM   328  C  CG  . ASP A 1 43  ? 4.354   -17.308 6.689   1.00 44.15 ? 219  ASP A CG  1 
ATOM   329  O  OD1 . ASP A 1 43  ? 5.081   -17.555 7.673   1.00 44.63 ? 219  ASP A OD1 1 
ATOM   330  O  OD2 . ASP A 1 43  ? 3.811   -18.197 5.991   1.00 46.45 ? 219  ASP A OD2 1 
ATOM   331  N  N   . CYS A 1 44  ? 3.472   -12.882 6.835   1.00 35.95 ? 220  CYS A N   1 
ATOM   332  C  CA  . CYS A 1 44  ? 3.308   -11.532 6.329   1.00 35.20 ? 220  CYS A CA  1 
ATOM   333  C  C   . CYS A 1 44  ? 4.153   -10.553 7.150   1.00 34.99 ? 220  CYS A C   1 
ATOM   334  O  O   . CYS A 1 44  ? 4.780   -9.642  6.601   1.00 34.11 ? 220  CYS A O   1 
ATOM   335  C  CB  . CYS A 1 44  ? 1.832   -11.117 6.384   1.00 35.37 ? 220  CYS A CB  1 
ATOM   336  S  SG  . CYS A 1 44  ? 0.694   -11.964 5.227   1.00 34.28 ? 220  CYS A SG  1 
ATOM   337  N  N   . GLN A 1 45  ? 4.177   -10.747 8.463   1.00 33.75 ? 221  GLN A N   1 
ATOM   338  C  CA  . GLN A 1 45  ? 4.946   -9.862  9.330   1.00 34.76 ? 221  GLN A CA  1 
ATOM   339  C  C   . GLN A 1 45  ? 6.403   -9.903  8.907   1.00 33.77 ? 221  GLN A C   1 
ATOM   340  O  O   . GLN A 1 45  ? 7.065   -8.874  8.823   1.00 32.35 ? 221  GLN A O   1 
ATOM   341  C  CB  . GLN A 1 45  ? 4.811   -10.292 10.794  1.00 35.37 ? 221  GLN A CB  1 
ATOM   342  C  CG  . GLN A 1 45  ? 3.377   -10.308 11.288  1.00 39.92 ? 221  GLN A CG  1 
ATOM   343  C  CD  . GLN A 1 45  ? 3.248   -10.774 12.728  1.00 42.93 ? 221  GLN A CD  1 
ATOM   344  O  OE1 . GLN A 1 45  ? 2.143   -11.030 13.208  1.00 45.16 ? 221  GLN A OE1 1 
ATOM   345  N  NE2 . GLN A 1 45  ? 4.374   -10.882 13.423  1.00 43.50 ? 221  GLN A NE2 1 
ATOM   346  N  N   . THR A 1 46  ? 6.890   -11.105 8.630   1.00 32.96 ? 222  THR A N   1 
ATOM   347  C  CA  . THR A 1 46  ? 8.267   -11.293 8.206   1.00 32.28 ? 222  THR A CA  1 
ATOM   348  C  C   . THR A 1 46  ? 8.526   -10.568 6.889   1.00 30.94 ? 222  THR A C   1 
ATOM   349  O  O   . THR A 1 46  ? 9.444   -9.757  6.788   1.00 31.13 ? 222  THR A O   1 
ATOM   350  C  CB  . THR A 1 46  ? 8.581   -12.792 8.045   1.00 32.01 ? 222  THR A CB  1 
ATOM   351  O  OG1 . THR A 1 46  ? 8.637   -13.401 9.338   1.00 34.50 ? 222  THR A OG1 1 
ATOM   352  C  CG2 . THR A 1 46  ? 9.907   -13.003 7.342   1.00 33.23 ? 222  THR A CG2 1 
ATOM   353  N  N   . VAL A 1 47  ? 7.708   -10.857 5.886   1.00 28.69 ? 223  VAL A N   1 
ATOM   354  C  CA  . VAL A 1 47  ? 7.871   -10.235 4.581   1.00 28.90 ? 223  VAL A CA  1 
ATOM   355  C  C   . VAL A 1 47  ? 7.861   -8.704  4.661   1.00 30.01 ? 223  VAL A C   1 
ATOM   356  O  O   . VAL A 1 47  ? 8.678   -8.036  4.023   1.00 28.31 ? 223  VAL A O   1 
ATOM   357  C  CB  . VAL A 1 47  ? 6.782   -10.718 3.605   1.00 26.85 ? 223  VAL A CB  1 
ATOM   358  C  CG1 . VAL A 1 47  ? 6.897   -9.973  2.280   1.00 25.85 ? 223  VAL A CG1 1 
ATOM   359  C  CG2 . VAL A 1 47  ? 6.917   -12.224 3.382   1.00 23.18 ? 223  VAL A CG2 1 
ATOM   360  N  N   . VAL A 1 48  ? 6.947   -8.155  5.456   1.00 30.08 ? 224  VAL A N   1 
ATOM   361  C  CA  . VAL A 1 48  ? 6.853   -6.707  5.619   1.00 28.65 ? 224  VAL A CA  1 
ATOM   362  C  C   . VAL A 1 48  ? 8.121   -6.149  6.269   1.00 30.28 ? 224  VAL A C   1 
ATOM   363  O  O   . VAL A 1 48  ? 8.650   -5.116  5.859   1.00 29.15 ? 224  VAL A O   1 
ATOM   364  C  CB  . VAL A 1 48  ? 5.636   -6.329  6.488   1.00 27.01 ? 224  VAL A CB  1 
ATOM   365  C  CG1 . VAL A 1 48  ? 5.649   -4.819  6.790   1.00 26.40 ? 224  VAL A CG1 1 
ATOM   366  C  CG2 . VAL A 1 48  ? 4.344   -6.717  5.765   1.00 23.56 ? 224  VAL A CG2 1 
ATOM   367  N  N   . ARG A 1 49  ? 8.609   -6.840  7.288   1.00 32.29 ? 225  ARG A N   1 
ATOM   368  C  CA  . ARG A 1 49  ? 9.805   -6.393  7.973   1.00 34.05 ? 225  ARG A CA  1 
ATOM   369  C  C   . ARG A 1 49  ? 10.995  -6.413  7.014   1.00 33.36 ? 225  ARG A C   1 
ATOM   370  O  O   . ARG A 1 49  ? 11.801  -5.489  7.011   1.00 31.52 ? 225  ARG A O   1 
ATOM   371  C  CB  . ARG A 1 49  ? 10.069  -7.280  9.195   1.00 36.92 ? 225  ARG A CB  1 
ATOM   372  C  CG  . ARG A 1 49  ? 11.394  -7.022  9.885   1.00 40.85 ? 225  ARG A CG  1 
ATOM   373  C  CD  . ARG A 1 49  ? 11.373  -7.532  11.316  1.00 44.19 ? 225  ARG A CD  1 
ATOM   374  N  NE  . ARG A 1 49  ? 10.838  -8.889  11.438  1.00 48.67 ? 225  ARG A NE  1 
ATOM   375  C  CZ  . ARG A 1 49  ? 11.440  -9.989  10.993  1.00 50.97 ? 225  ARG A CZ  1 
ATOM   376  N  NH1 . ARG A 1 49  ? 12.619  -9.913  10.375  1.00 51.50 ? 225  ARG A NH1 1 
ATOM   377  N  NH2 . ARG A 1 49  ? 10.869  -11.176 11.181  1.00 51.70 ? 225  ARG A NH2 1 
ATOM   378  N  N   . ASN A 1 50  ? 11.093  -7.454  6.192   1.00 32.67 ? 226  ASN A N   1 
ATOM   379  C  CA  . ASN A 1 50  ? 12.193  -7.548  5.242   1.00 33.06 ? 226  ASN A CA  1 
ATOM   380  C  C   . ASN A 1 50  ? 12.135  -6.421  4.217   1.00 33.91 ? 226  ASN A C   1 
ATOM   381  O  O   . ASN A 1 50  ? 13.170  -5.899  3.793   1.00 34.77 ? 226  ASN A O   1 
ATOM   382  C  CB  . ASN A 1 50  ? 12.174  -8.891  4.507   1.00 32.65 ? 226  ASN A CB  1 
ATOM   383  C  CG  . ASN A 1 50  ? 12.614  -10.048 5.387   1.00 32.63 ? 226  ASN A CG  1 
ATOM   384  O  OD1 . ASN A 1 50  ? 13.259  -9.855  6.419   1.00 30.89 ? 226  ASN A OD1 1 
ATOM   385  N  ND2 . ASN A 1 50  ? 12.283  -11.262 4.968   1.00 31.39 ? 226  ASN A ND2 1 
ATOM   386  N  N   . ILE A 1 51  ? 10.925  -6.048  3.813   1.00 31.80 ? 227  ILE A N   1 
ATOM   387  C  CA  . ILE A 1 51  ? 10.774  -4.980  2.845   1.00 30.38 ? 227  ILE A CA  1 
ATOM   388  C  C   . ILE A 1 51  ? 11.219  -3.652  3.452   1.00 31.27 ? 227  ILE A C   1 
ATOM   389  O  O   . ILE A 1 51  ? 11.816  -2.829  2.760   1.00 29.07 ? 227  ILE A O   1 
ATOM   390  C  CB  . ILE A 1 51  ? 9.319   -4.848  2.359   1.00 29.06 ? 227  ILE A CB  1 
ATOM   391  C  CG1 . ILE A 1 51  ? 8.943   -6.051  1.483   1.00 27.98 ? 227  ILE A CG1 1 
ATOM   392  C  CG2 . ILE A 1 51  ? 9.152   -3.544  1.576   1.00 29.56 ? 227  ILE A CG2 1 
ATOM   393  C  CD1 . ILE A 1 51  ? 7.485   -6.051  1.025   1.00 23.25 ? 227  ILE A CD1 1 
ATOM   394  N  N   . GLN A 1 52  ? 10.933  -3.438  4.737   1.00 30.74 ? 228  GLN A N   1 
ATOM   395  C  CA  . GLN A 1 52  ? 11.351  -2.195  5.367   1.00 30.89 ? 228  GLN A CA  1 
ATOM   396  C  C   . GLN A 1 52  ? 12.870  -2.124  5.318   1.00 30.89 ? 228  GLN A C   1 
ATOM   397  O  O   . GLN A 1 52  ? 13.440  -1.118  4.895   1.00 30.06 ? 228  GLN A O   1 
ATOM   398  C  CB  . GLN A 1 52  ? 10.899  -2.100  6.828   1.00 29.18 ? 228  GLN A CB  1 
ATOM   399  C  CG  . GLN A 1 52  ? 11.287  -0.750  7.462   1.00 31.26 ? 228  GLN A CG  1 
ATOM   400  C  CD  . GLN A 1 52  ? 11.092  -0.678  8.971   1.00 31.90 ? 228  GLN A CD  1 
ATOM   401  O  OE1 . GLN A 1 52  ? 11.534  -1.558  9.711   1.00 31.01 ? 228  GLN A OE1 1 
ATOM   402  N  NE2 . GLN A 1 52  ? 10.445  0.389   9.436   1.00 32.66 ? 228  GLN A NE2 1 
ATOM   403  N  N   . SER A 1 53  ? 13.516  -3.207  5.745   1.00 30.65 ? 229  SER A N   1 
ATOM   404  C  CA  . SER A 1 53  ? 14.975  -3.283  5.771   1.00 31.04 ? 229  SER A CA  1 
ATOM   405  C  C   . SER A 1 53  ? 15.592  -3.037  4.406   1.00 32.62 ? 229  SER A C   1 
ATOM   406  O  O   . SER A 1 53  ? 16.584  -2.316  4.289   1.00 33.84 ? 229  SER A O   1 
ATOM   407  C  CB  . SER A 1 53  ? 15.426  -4.646  6.290   1.00 30.26 ? 229  SER A CB  1 
ATOM   408  O  OG  . SER A 1 53  ? 15.171  -4.768  7.677   1.00 29.61 ? 229  SER A OG  1 
ATOM   409  N  N   . PHE A 1 54  ? 15.000  -3.642  3.382   1.00 33.37 ? 230  PHE A N   1 
ATOM   410  C  CA  . PHE A 1 54  ? 15.473  -3.489  2.017   1.00 33.19 ? 230  PHE A CA  1 
ATOM   411  C  C   . PHE A 1 54  ? 15.319  -2.040  1.563   1.00 33.46 ? 230  PHE A C   1 
ATOM   412  O  O   . PHE A 1 54  ? 16.232  -1.467  0.971   1.00 34.50 ? 230  PHE A O   1 
ATOM   413  C  CB  . PHE A 1 54  ? 14.685  -4.401  1.079   1.00 33.97 ? 230  PHE A CB  1 
ATOM   414  C  CG  . PHE A 1 54  ? 15.037  -4.227  -0.373  1.00 35.76 ? 230  PHE A CG  1 
ATOM   415  C  CD1 . PHE A 1 54  ? 16.328  -4.479  -0.825  1.00 37.22 ? 230  PHE A CD1 1 
ATOM   416  C  CD2 . PHE A 1 54  ? 14.078  -3.806  -1.290  1.00 38.37 ? 230  PHE A CD2 1 
ATOM   417  C  CE1 . PHE A 1 54  ? 16.661  -4.314  -2.170  1.00 38.71 ? 230  PHE A CE1 1 
ATOM   418  C  CE2 . PHE A 1 54  ? 14.401  -3.635  -2.643  1.00 39.33 ? 230  PHE A CE2 1 
ATOM   419  C  CZ  . PHE A 1 54  ? 15.697  -3.891  -3.079  1.00 38.68 ? 230  PHE A CZ  1 
ATOM   420  N  N   . HIS A 1 55  ? 14.162  -1.451  1.837   1.00 33.00 ? 231  HIS A N   1 
ATOM   421  C  CA  . HIS A 1 55  ? 13.913  -0.076  1.446   1.00 34.19 ? 231  HIS A CA  1 
ATOM   422  C  C   . HIS A 1 55  ? 14.825  0.910   2.168   1.00 34.98 ? 231  HIS A C   1 
ATOM   423  O  O   . HIS A 1 55  ? 15.222  1.924   1.604   1.00 34.81 ? 231  HIS A O   1 
ATOM   424  C  CB  . HIS A 1 55  ? 12.456  0.300   1.714   1.00 31.92 ? 231  HIS A CB  1 
ATOM   425  C  CG  . HIS A 1 55  ? 11.506  -0.184  0.665   1.00 33.91 ? 231  HIS A CG  1 
ATOM   426  N  ND1 . HIS A 1 55  ? 10.158  0.103   0.693   1.00 33.05 ? 231  HIS A ND1 1 
ATOM   427  C  CD2 . HIS A 1 55  ? 11.710  -0.924  -0.449  1.00 32.67 ? 231  HIS A CD2 1 
ATOM   428  C  CE1 . HIS A 1 55  ? 9.572   -0.438  -0.361  1.00 33.41 ? 231  HIS A CE1 1 
ATOM   429  N  NE2 . HIS A 1 55  ? 10.491  -1.066  -1.070  1.00 33.24 ? 231  HIS A NE2 1 
ATOM   430  N  N   . MET A 1 56  ? 15.161  0.607   3.414   1.00 35.61 ? 232  MET A N   1 
ATOM   431  C  CA  . MET A 1 56  ? 16.005  1.494   4.197   1.00 36.80 ? 232  MET A CA  1 
ATOM   432  C  C   . MET A 1 56  ? 17.496  1.319   3.956   1.00 38.00 ? 232  MET A C   1 
ATOM   433  O  O   . MET A 1 56  ? 18.221  2.300   3.810   1.00 38.26 ? 232  MET A O   1 
ATOM   434  C  CB  . MET A 1 56  ? 15.718  1.299   5.686   1.00 36.72 ? 232  MET A CB  1 
ATOM   435  C  CG  . MET A 1 56  ? 14.312  1.698   6.108   1.00 37.29 ? 232  MET A CG  1 
ATOM   436  S  SD  . MET A 1 56  ? 13.995  1.398   7.857   1.00 36.29 ? 232  MET A SD  1 
ATOM   437  C  CE  . MET A 1 56  ? 15.050  2.640   8.597   1.00 31.40 ? 232  MET A CE  1 
ATOM   438  N  N   . ASP A 1 57  ? 17.944  0.070   3.902   1.00 38.72 ? 233  ASP A N   1 
ATOM   439  C  CA  . ASP A 1 57  ? 19.359  -0.229  3.734   1.00 39.07 ? 233  ASP A CA  1 
ATOM   440  C  C   . ASP A 1 57  ? 19.943  -0.173  2.331   1.00 39.79 ? 233  ASP A C   1 
ATOM   441  O  O   . ASP A 1 57  ? 21.035  0.367   2.141   1.00 42.00 ? 233  ASP A O   1 
ATOM   442  C  CB  . ASP A 1 57  ? 19.657  -1.594  4.347   1.00 37.48 ? 233  ASP A CB  1 
ATOM   443  C  CG  . ASP A 1 57  ? 19.348  -1.638  5.818   1.00 37.48 ? 233  ASP A CG  1 
ATOM   444  O  OD1 . ASP A 1 57  ? 19.193  -2.752  6.360   1.00 39.29 ? 233  ASP A OD1 1 
ATOM   445  O  OD2 . ASP A 1 57  ? 19.267  -0.554  6.437   1.00 36.48 ? 233  ASP A OD2 1 
ATOM   446  N  N   . THR A 1 58  ? 19.246  -0.726  1.347   1.00 38.54 ? 234  THR A N   1 
ATOM   447  C  CA  . THR A 1 58  ? 19.780  -0.708  -0.005  1.00 38.42 ? 234  THR A CA  1 
ATOM   448  C  C   . THR A 1 58  ? 19.155  0.346   -0.929  1.00 39.09 ? 234  THR A C   1 
ATOM   449  O  O   . THR A 1 58  ? 19.786  0.777   -1.901  1.00 38.19 ? 234  THR A O   1 
ATOM   450  C  CB  . THR A 1 58  ? 19.679  -2.105  -0.655  1.00 37.64 ? 234  THR A CB  1 
ATOM   451  O  OG1 . THR A 1 58  ? 18.713  -2.077  -1.706  1.00 38.37 ? 234  THR A OG1 1 
ATOM   452  C  CG2 . THR A 1 58  ? 19.285  -3.145  0.376   1.00 37.04 ? 234  THR A CG2 1 
ATOM   453  N  N   . ARG A 1 59  ? 17.930  0.774   -0.621  1.00 40.48 ? 235  ARG A N   1 
ATOM   454  C  CA  . ARG A 1 59  ? 17.246  1.790   -1.427  1.00 41.15 ? 235  ARG A CA  1 
ATOM   455  C  C   . ARG A 1 59  ? 17.426  3.170   -0.787  1.00 40.49 ? 235  ARG A C   1 
ATOM   456  O  O   . ARG A 1 59  ? 17.211  4.196   -1.427  1.00 40.53 ? 235  ARG A O   1 
ATOM   457  C  CB  . ARG A 1 59  ? 15.751  1.469   -1.549  1.00 43.44 ? 235  ARG A CB  1 
ATOM   458  C  CG  . ARG A 1 59  ? 15.424  0.117   -2.193  1.00 48.54 ? 235  ARG A CG  1 
ATOM   459  C  CD  . ARG A 1 59  ? 15.720  0.079   -3.694  1.00 51.03 ? 235  ARG A CD  1 
ATOM   460  N  NE  . ARG A 1 59  ? 14.815  0.917   -4.484  1.00 54.88 ? 235  ARG A NE  1 
ATOM   461  C  CZ  . ARG A 1 59  ? 13.554  0.605   -4.784  1.00 56.79 ? 235  ARG A CZ  1 
ATOM   462  N  NH1 . ARG A 1 59  ? 13.021  -0.538  -4.361  1.00 57.58 ? 235  ARG A NH1 1 
ATOM   463  N  NH2 . ARG A 1 59  ? 12.820  1.442   -5.513  1.00 57.20 ? 235  ARG A NH2 1 
ATOM   464  N  N   . ASN A 1 60  ? 17.821  3.180   0.482   1.00 40.07 ? 236  ASN A N   1 
ATOM   465  C  CA  . ASN A 1 60  ? 18.042  4.415   1.234   1.00 40.65 ? 236  ASN A CA  1 
ATOM   466  C  C   . ASN A 1 60  ? 16.786  5.234   1.517   1.00 40.10 ? 236  ASN A C   1 
ATOM   467  O  O   . ASN A 1 60  ? 16.864  6.452   1.706   1.00 40.58 ? 236  ASN A O   1 
ATOM   468  C  CB  . ASN A 1 60  ? 19.071  5.304   0.524   1.00 42.55 ? 236  ASN A CB  1 
ATOM   469  C  CG  . ASN A 1 60  ? 20.409  4.612   0.334   1.00 44.20 ? 236  ASN A CG  1 
ATOM   470  O  OD1 . ASN A 1 60  ? 21.008  4.116   1.292   1.00 43.52 ? 236  ASN A OD1 1 
ATOM   471  N  ND2 . ASN A 1 60  ? 20.883  4.573   -0.909  1.00 44.91 ? 236  ASN A ND2 1 
ATOM   472  N  N   . PHE A 1 61  ? 15.632  4.576   1.542   1.00 38.36 ? 237  PHE A N   1 
ATOM   473  C  CA  . PHE A 1 61  ? 14.377  5.265   1.843   1.00 37.47 ? 237  PHE A CA  1 
ATOM   474  C  C   . PHE A 1 61  ? 14.396  5.537   3.344   1.00 35.74 ? 237  PHE A C   1 
ATOM   475  O  O   . PHE A 1 61  ? 15.129  4.882   4.082   1.00 35.42 ? 237  PHE A O   1 
ATOM   476  C  CB  . PHE A 1 61  ? 13.172  4.375   1.509   1.00 36.48 ? 237  PHE A CB  1 
ATOM   477  C  CG  . PHE A 1 61  ? 12.952  4.158   0.039   1.00 35.81 ? 237  PHE A CG  1 
ATOM   478  C  CD1 . PHE A 1 61  ? 11.963  3.279   -0.398  1.00 35.43 ? 237  PHE A CD1 1 
ATOM   479  C  CD2 . PHE A 1 61  ? 13.709  4.838   -0.910  1.00 36.58 ? 237  PHE A CD2 1 
ATOM   480  C  CE1 . PHE A 1 61  ? 11.730  3.079   -1.755  1.00 34.39 ? 237  PHE A CE1 1 
ATOM   481  C  CE2 . PHE A 1 61  ? 13.483  4.645   -2.277  1.00 35.68 ? 237  PHE A CE2 1 
ATOM   482  C  CZ  . PHE A 1 61  ? 12.490  3.763   -2.696  1.00 34.47 ? 237  PHE A CZ  1 
ATOM   483  N  N   . CYS A 1 62  ? 13.592  6.487   3.807   1.00 35.13 ? 238  CYS A N   1 
ATOM   484  C  CA  . CYS A 1 62  ? 13.563  6.793   5.236   1.00 34.45 ? 238  CYS A CA  1 
ATOM   485  C  C   . CYS A 1 62  ? 12.888  5.702   6.058   1.00 34.00 ? 238  CYS A C   1 
ATOM   486  O  O   . CYS A 1 62  ? 13.121  5.587   7.258   1.00 35.62 ? 238  CYS A O   1 
ATOM   487  C  CB  . CYS A 1 62  ? 12.832  8.113   5.498   1.00 31.78 ? 238  CYS A CB  1 
ATOM   488  S  SG  . CYS A 1 62  ? 12.891  8.623   7.249   1.00 31.05 ? 238  CYS A SG  1 
ATOM   489  N  N   . ASP A 1 63  ? 12.057  4.901   5.407   1.00 33.51 ? 239  ASP A N   1 
ATOM   490  C  CA  . ASP A 1 63  ? 11.315  3.855   6.095   1.00 32.67 ? 239  ASP A CA  1 
ATOM   491  C  C   . ASP A 1 63  ? 10.711  3.010   4.982   1.00 32.76 ? 239  ASP A C   1 
ATOM   492  O  O   . ASP A 1 63  ? 11.032  3.217   3.814   1.00 35.58 ? 239  ASP A O   1 
ATOM   493  C  CB  . ASP A 1 63  ? 10.199  4.508   6.913   1.00 31.56 ? 239  ASP A CB  1 
ATOM   494  C  CG  . ASP A 1 63  ? 9.656   3.611   8.011   1.00 32.94 ? 239  ASP A CG  1 
ATOM   495  O  OD1 . ASP A 1 63  ? 9.435   2.406   7.756   1.00 32.58 ? 239  ASP A OD1 1 
ATOM   496  O  OD2 . ASP A 1 63  ? 9.436   4.126   9.132   1.00 31.56 ? 239  ASP A OD2 1 
ATOM   497  N  N   . ILE A 1 64  ? 9.852   2.057   5.325   1.00 29.06 ? 240  ILE A N   1 
ATOM   498  C  CA  . ILE A 1 64  ? 9.211   1.259   4.292   1.00 27.72 ? 240  ILE A CA  1 
ATOM   499  C  C   . ILE A 1 64  ? 8.468   2.276   3.414   1.00 28.63 ? 240  ILE A C   1 
ATOM   500  O  O   . ILE A 1 64  ? 7.936   3.273   3.915   1.00 28.76 ? 240  ILE A O   1 
ATOM   501  C  CB  . ILE A 1 64  ? 8.220   0.241   4.894   1.00 27.48 ? 240  ILE A CB  1 
ATOM   502  C  CG1 . ILE A 1 64  ? 7.695   -0.679  3.783   1.00 25.43 ? 240  ILE A CG1 1 
ATOM   503  C  CG2 . ILE A 1 64  ? 7.078   0.974   5.617   1.00 21.81 ? 240  ILE A CG2 1 
ATOM   504  C  CD1 . ILE A 1 64  ? 7.048   -1.947  4.303   1.00 23.71 ? 240  ILE A CD1 1 
ATOM   505  N  N   . GLY A 1 65  ? 8.432   2.031   2.110   1.00 26.94 ? 241  GLY A N   1 
ATOM   506  C  CA  . GLY A 1 65  ? 7.806   2.987   1.213   1.00 27.59 ? 241  GLY A CA  1 
ATOM   507  C  C   . GLY A 1 65  ? 6.298   3.098   1.139   1.00 27.38 ? 241  GLY A C   1 
ATOM   508  O  O   . GLY A 1 65  ? 5.783   4.117   0.671   1.00 27.62 ? 241  GLY A O   1 
ATOM   509  N  N   . TYR A 1 66  ? 5.588   2.076   1.600   1.00 27.44 ? 242  TYR A N   1 
ATOM   510  C  CA  . TYR A 1 66  ? 4.131   2.067   1.534   1.00 26.75 ? 242  TYR A CA  1 
ATOM   511  C  C   . TYR A 1 66  ? 3.431   2.516   2.815   1.00 28.31 ? 242  TYR A C   1 
ATOM   512  O  O   . TYR A 1 66  ? 3.946   2.333   3.923   1.00 28.69 ? 242  TYR A O   1 
ATOM   513  C  CB  . TYR A 1 66  ? 3.649   0.664   1.174   1.00 26.70 ? 242  TYR A CB  1 
ATOM   514  C  CG  . TYR A 1 66  ? 4.481   -0.020  0.112   1.00 27.13 ? 242  TYR A CG  1 
ATOM   515  C  CD1 . TYR A 1 66  ? 5.299   -1.099  0.429   1.00 25.34 ? 242  TYR A CD1 1 
ATOM   516  C  CD2 . TYR A 1 66  ? 4.456   0.422   -1.212  1.00 29.02 ? 242  TYR A CD2 1 
ATOM   517  C  CE1 . TYR A 1 66  ? 6.071   -1.728  -0.546  1.00 28.03 ? 242  TYR A CE1 1 
ATOM   518  C  CE2 . TYR A 1 66  ? 5.222   -0.197  -2.195  1.00 27.80 ? 242  TYR A CE2 1 
ATOM   519  C  CZ  . TYR A 1 66  ? 6.028   -1.271  -1.856  1.00 27.97 ? 242  TYR A CZ  1 
ATOM   520  O  OH  . TYR A 1 66  ? 6.791   -1.876  -2.828  1.00 29.51 ? 242  TYR A OH  1 
ATOM   521  N  N   . HIS A 1 67  ? 2.249   3.101   2.658   1.00 26.92 ? 243  HIS A N   1 
ATOM   522  C  CA  . HIS A 1 67  ? 1.471   3.539   3.808   1.00 28.30 ? 243  HIS A CA  1 
ATOM   523  C  C   . HIS A 1 67  ? 0.837   2.300   4.455   1.00 28.42 ? 243  HIS A C   1 
ATOM   524  O  O   . HIS A 1 67  ? 0.816   2.168   5.680   1.00 28.25 ? 243  HIS A O   1 
ATOM   525  C  CB  . HIS A 1 67  ? 0.392   4.520   3.355   1.00 28.89 ? 243  HIS A CB  1 
ATOM   526  C  CG  . HIS A 1 67  ? 0.938   5.811   2.829   1.00 29.68 ? 243  HIS A CG  1 
ATOM   527  N  ND1 . HIS A 1 67  ? 1.329   6.846   3.653   1.00 30.31 ? 243  HIS A ND1 1 
ATOM   528  C  CD2 . HIS A 1 67  ? 1.176   6.228   1.563   1.00 30.79 ? 243  HIS A CD2 1 
ATOM   529  C  CE1 . HIS A 1 67  ? 1.782   7.845   2.917   1.00 30.52 ? 243  HIS A CE1 1 
ATOM   530  N  NE2 . HIS A 1 67  ? 1.700   7.495   1.645   1.00 32.18 ? 243  HIS A NE2 1 
ATOM   531  N  N   . PHE A 1 68  ? 0.334   1.392   3.618   1.00 26.61 ? 244  PHE A N   1 
ATOM   532  C  CA  . PHE A 1 68  ? -0.286  0.157   4.086   1.00 25.89 ? 244  PHE A CA  1 
ATOM   533  C  C   . PHE A 1 68  ? -0.040  -0.968  3.088   1.00 26.58 ? 244  PHE A C   1 
ATOM   534  O  O   . PHE A 1 68  ? 0.179   -0.708  1.902   1.00 26.42 ? 244  PHE A O   1 
ATOM   535  C  CB  . PHE A 1 68  ? -1.793  0.330   4.245   1.00 24.88 ? 244  PHE A CB  1 
ATOM   536  C  CG  . PHE A 1 68  ? -2.193  1.284   5.337   1.00 24.94 ? 244  PHE A CG  1 
ATOM   537  C  CD1 . PHE A 1 68  ? -2.556  2.592   5.037   1.00 23.93 ? 244  PHE A CD1 1 
ATOM   538  C  CD2 . PHE A 1 68  ? -2.254  0.854   6.656   1.00 23.71 ? 244  PHE A CD2 1 
ATOM   539  C  CE1 . PHE A 1 68  ? -2.985  3.465   6.043   1.00 27.43 ? 244  PHE A CE1 1 
ATOM   540  C  CE2 . PHE A 1 68  ? -2.676  1.707   7.664   1.00 26.56 ? 244  PHE A CE2 1 
ATOM   541  C  CZ  . PHE A 1 68  ? -3.048  3.022   7.361   1.00 27.87 ? 244  PHE A CZ  1 
ATOM   542  N  N   . LEU A 1 69  ? -0.070  -2.205  3.580   1.00 25.47 ? 245  LEU A N   1 
ATOM   543  C  CA  . LEU A 1 69  ? 0.119   -3.389  2.757   1.00 24.79 ? 245  LEU A CA  1 
ATOM   544  C  C   . LEU A 1 69  ? -1.020  -4.357  3.054   1.00 26.19 ? 245  LEU A C   1 
ATOM   545  O  O   . LEU A 1 69  ? -1.604  -4.306  4.139   1.00 29.04 ? 245  LEU A O   1 
ATOM   546  C  CB  . LEU A 1 69  ? 1.459   -4.060  3.067   1.00 24.43 ? 245  LEU A CB  1 
ATOM   547  C  CG  . LEU A 1 69  ? 2.730   -3.248  2.781   1.00 24.81 ? 245  LEU A CG  1 
ATOM   548  C  CD1 . LEU A 1 69  ? 3.124   -2.442  4.016   1.00 23.78 ? 245  LEU A CD1 1 
ATOM   549  C  CD2 . LEU A 1 69  ? 3.857   -4.196  2.397   1.00 21.55 ? 245  LEU A CD2 1 
ATOM   550  N  N   . VAL A 1 70  ? -1.334  -5.232  2.098   1.00 25.65 ? 246  VAL A N   1 
ATOM   551  C  CA  . VAL A 1 70  ? -2.421  -6.210  2.243   1.00 25.38 ? 246  VAL A CA  1 
ATOM   552  C  C   . VAL A 1 70  ? -1.938  -7.612  1.893   1.00 26.34 ? 246  VAL A C   1 
ATOM   553  O  O   . VAL A 1 70  ? -1.432  -7.832  0.792   1.00 27.28 ? 246  VAL A O   1 
ATOM   554  C  CB  . VAL A 1 70  ? -3.608  -5.878  1.297   1.00 26.74 ? 246  VAL A CB  1 
ATOM   555  C  CG1 . VAL A 1 70  ? -4.698  -6.926  1.432   1.00 25.45 ? 246  VAL A CG1 1 
ATOM   556  C  CG2 . VAL A 1 70  ? -4.152  -4.491  1.600   1.00 24.82 ? 246  VAL A CG2 1 
ATOM   557  N  N   . GLY A 1 71  ? -2.101  -8.558  2.821   1.00 26.40 ? 247  GLY A N   1 
ATOM   558  C  CA  . GLY A 1 71  ? -1.662  -9.924  2.579   1.00 26.86 ? 247  GLY A CA  1 
ATOM   559  C  C   . GLY A 1 71  ? -2.758  -10.869 2.114   1.00 27.28 ? 247  GLY A C   1 
ATOM   560  O  O   . GLY A 1 71  ? -3.932  -10.513 2.115   1.00 26.45 ? 247  GLY A O   1 
ATOM   561  N  N   . GLN A 1 72  ? -2.369  -12.074 1.705   1.00 28.25 ? 248  GLN A N   1 
ATOM   562  C  CA  . GLN A 1 72  ? -3.320  -13.081 1.246   1.00 28.59 ? 248  GLN A CA  1 
ATOM   563  C  C   . GLN A 1 72  ? -4.019  -13.699 2.455   1.00 28.20 ? 248  GLN A C   1 
ATOM   564  O  O   . GLN A 1 72  ? -4.891  -14.559 2.323   1.00 27.75 ? 248  GLN A O   1 
ATOM   565  C  CB  . GLN A 1 72  ? -2.604  -14.166 0.439   1.00 31.71 ? 248  GLN A CB  1 
ATOM   566  C  CG  . GLN A 1 72  ? -2.139  -13.707 -0.940  1.00 35.48 ? 248  GLN A CG  1 
ATOM   567  C  CD  . GLN A 1 72  ? -3.302  -13.377 -1.850  1.00 35.97 ? 248  GLN A CD  1 
ATOM   568  O  OE1 . GLN A 1 72  ? -3.739  -14.199 -2.662  1.00 32.97 ? 248  GLN A OE1 1 
ATOM   569  N  NE2 . GLN A 1 72  ? -3.826  -12.167 -1.702  1.00 39.28 ? 248  GLN A NE2 1 
ATOM   570  N  N   . ASP A 1 73  ? -3.609  -13.273 3.642   1.00 27.46 ? 249  ASP A N   1 
ATOM   571  C  CA  . ASP A 1 73  ? -4.244  -13.738 4.863   1.00 28.11 ? 249  ASP A CA  1 
ATOM   572  C  C   . ASP A 1 73  ? -5.429  -12.795 5.062   1.00 27.66 ? 249  ASP A C   1 
ATOM   573  O  O   . ASP A 1 73  ? -6.136  -12.852 6.067   1.00 28.68 ? 249  ASP A O   1 
ATOM   574  C  CB  . ASP A 1 73  ? -3.291  -13.614 6.046   1.00 29.36 ? 249  ASP A CB  1 
ATOM   575  C  CG  . ASP A 1 73  ? -2.802  -12.189 6.258   1.00 32.78 ? 249  ASP A CG  1 
ATOM   576  O  OD1 . ASP A 1 73  ? -2.225  -11.918 7.329   1.00 32.49 ? 249  ASP A OD1 1 
ATOM   577  O  OD2 . ASP A 1 73  ? -2.985  -11.339 5.357   1.00 33.44 ? 249  ASP A OD2 1 
ATOM   578  N  N   . GLY A 1 74  ? -5.631  -11.910 4.093   1.00 27.06 ? 250  GLY A N   1 
ATOM   579  C  CA  . GLY A 1 74  ? -6.716  -10.955 4.185   1.00 28.66 ? 250  GLY A CA  1 
ATOM   580  C  C   . GLY A 1 74  ? -6.499  -9.871  5.233   1.00 29.49 ? 250  GLY A C   1 
ATOM   581  O  O   . GLY A 1 74  ? -7.425  -9.136  5.562   1.00 30.98 ? 250  GLY A O   1 
ATOM   582  N  N   . GLY A 1 75  ? -5.279  -9.756  5.751   1.00 28.68 ? 251  GLY A N   1 
ATOM   583  C  CA  . GLY A 1 75  ? -5.010  -8.749  6.759   1.00 28.61 ? 251  GLY A CA  1 
ATOM   584  C  C   . GLY A 1 75  ? -4.348  -7.483  6.243   1.00 28.28 ? 251  GLY A C   1 
ATOM   585  O  O   . GLY A 1 75  ? -3.573  -7.505  5.289   1.00 28.58 ? 251  GLY A O   1 
ATOM   586  N  N   . VAL A 1 76  ? -4.655  -6.362  6.879   1.00 27.77 ? 252  VAL A N   1 
ATOM   587  C  CA  . VAL A 1 76  ? -4.068  -5.097  6.483   1.00 27.85 ? 252  VAL A CA  1 
ATOM   588  C  C   . VAL A 1 76  ? -2.896  -4.798  7.403   1.00 28.21 ? 252  VAL A C   1 
ATOM   589  O  O   . VAL A 1 76  ? -3.033  -4.843  8.629   1.00 28.81 ? 252  VAL A O   1 
ATOM   590  C  CB  . VAL A 1 76  ? -5.087  -3.972  6.576   1.00 26.86 ? 252  VAL A CB  1 
ATOM   591  C  CG1 . VAL A 1 76  ? -4.462  -2.663  6.109   1.00 26.26 ? 252  VAL A CG1 1 
ATOM   592  C  CG2 . VAL A 1 76  ? -6.302  -4.328  5.728   1.00 28.27 ? 252  VAL A CG2 1 
ATOM   593  N  N   . TYR A 1 77  ? -1.745  -4.500  6.810   1.00 27.07 ? 253  TYR A N   1 
ATOM   594  C  CA  . TYR A 1 77  ? -0.548  -4.220  7.584   1.00 27.83 ? 253  TYR A CA  1 
ATOM   595  C  C   . TYR A 1 77  ? -0.133  -2.760  7.515   1.00 28.62 ? 253  TYR A C   1 
ATOM   596  O  O   . TYR A 1 77  ? -0.052  -2.175  6.434   1.00 30.99 ? 253  TYR A O   1 
ATOM   597  C  CB  . TYR A 1 77  ? 0.598   -5.117  7.104   1.00 27.37 ? 253  TYR A CB  1 
ATOM   598  C  CG  . TYR A 1 77  ? 0.355   -6.586  7.383   1.00 28.33 ? 253  TYR A CG  1 
ATOM   599  C  CD1 . TYR A 1 77  ? -0.459  -7.355  6.551   1.00 29.50 ? 253  TYR A CD1 1 
ATOM   600  C  CD2 . TYR A 1 77  ? 0.856   -7.179  8.536   1.00 29.06 ? 253  TYR A CD2 1 
ATOM   601  C  CE1 . TYR A 1 77  ? -0.770  -8.678  6.868   1.00 29.62 ? 253  TYR A CE1 1 
ATOM   602  C  CE2 . TYR A 1 77  ? 0.550   -8.497  8.866   1.00 30.84 ? 253  TYR A CE2 1 
ATOM   603  C  CZ  . TYR A 1 77  ? -0.263  -9.239  8.030   1.00 30.89 ? 253  TYR A CZ  1 
ATOM   604  O  OH  . TYR A 1 77  ? -0.548  -10.540 8.363   1.00 31.64 ? 253  TYR A OH  1 
ATOM   605  N  N   . GLU A 1 78  ? 0.126   -2.160  8.668   1.00 27.24 ? 254  GLU A N   1 
ATOM   606  C  CA  . GLU A 1 78  ? 0.538   -0.762  8.680   1.00 27.71 ? 254  GLU A CA  1 
ATOM   607  C  C   . GLU A 1 78  ? 1.943   -0.614  8.092   1.00 28.27 ? 254  GLU A C   1 
ATOM   608  O  O   . GLU A 1 78  ? 2.866   -1.333  8.487   1.00 28.26 ? 254  GLU A O   1 
ATOM   609  C  CB  . GLU A 1 78  ? 0.510   -0.204  10.109  1.00 26.68 ? 254  GLU A CB  1 
ATOM   610  C  CG  . GLU A 1 78  ? 1.089   1.191   10.232  1.00 28.50 ? 254  GLU A CG  1 
ATOM   611  C  CD  . GLU A 1 78  ? 1.059   1.740   11.654  1.00 28.97 ? 254  GLU A CD  1 
ATOM   612  O  OE1 . GLU A 1 78  ? 1.625   1.096   12.567  1.00 27.96 ? 254  GLU A OE1 1 
ATOM   613  O  OE2 . GLU A 1 78  ? 0.472   2.829   11.850  1.00 30.25 ? 254  GLU A OE2 1 
ATOM   614  N  N   . GLY A 1 79  ? 2.091   0.296   7.128   1.00 28.74 ? 255  GLY A N   1 
ATOM   615  C  CA  . GLY A 1 79  ? 3.391   0.547   6.531   1.00 29.11 ? 255  GLY A CA  1 
ATOM   616  C  C   . GLY A 1 79  ? 3.983   1.658   7.369   1.00 31.54 ? 255  GLY A C   1 
ATOM   617  O  O   . GLY A 1 79  ? 4.473   1.408   8.475   1.00 33.68 ? 255  GLY A O   1 
ATOM   618  N  N   . VAL A 1 80  ? 3.938   2.887   6.862   1.00 31.16 ? 256  VAL A N   1 
ATOM   619  C  CA  . VAL A 1 80  ? 4.427   4.027   7.620   1.00 29.50 ? 256  VAL A CA  1 
ATOM   620  C  C   . VAL A 1 80  ? 3.213   4.677   8.281   1.00 29.95 ? 256  VAL A C   1 
ATOM   621  O  O   . VAL A 1 80  ? 3.340   5.632   9.043   1.00 30.69 ? 256  VAL A O   1 
ATOM   622  C  CB  . VAL A 1 80  ? 5.148   5.057   6.717   1.00 28.93 ? 256  VAL A CB  1 
ATOM   623  C  CG1 . VAL A 1 80  ? 6.378   4.420   6.110   1.00 28.69 ? 256  VAL A CG1 1 
ATOM   624  C  CG2 . VAL A 1 80  ? 4.219   5.563   5.626   1.00 27.07 ? 256  VAL A CG2 1 
ATOM   625  N  N   . GLY A 1 81  ? 2.032   4.141   7.983   1.00 29.63 ? 257  GLY A N   1 
ATOM   626  C  CA  . GLY A 1 81  ? 0.806   4.663   8.563   1.00 28.90 ? 257  GLY A CA  1 
ATOM   627  C  C   . GLY A 1 81  ? 0.213   5.827   7.793   1.00 28.70 ? 257  GLY A C   1 
ATOM   628  O  O   . GLY A 1 81  ? 0.750   6.227   6.763   1.00 30.02 ? 257  GLY A O   1 
ATOM   629  N  N   . TRP A 1 82  ? -0.886  6.384   8.302   1.00 27.27 ? 258  TRP A N   1 
ATOM   630  C  CA  . TRP A 1 82  ? -1.560  7.492   7.640   1.00 25.76 ? 258  TRP A CA  1 
ATOM   631  C  C   . TRP A 1 82  ? -0.799  8.799   7.663   1.00 27.61 ? 258  TRP A C   1 
ATOM   632  O  O   . TRP A 1 82  ? -0.946  9.609   6.749   1.00 27.17 ? 258  TRP A O   1 
ATOM   633  C  CB  . TRP A 1 82  ? -2.905  7.819   8.289   1.00 26.67 ? 258  TRP A CB  1 
ATOM   634  C  CG  . TRP A 1 82  ? -3.869  6.719   8.471   1.00 25.67 ? 258  TRP A CG  1 
ATOM   635  C  CD1 . TRP A 1 82  ? -4.144  6.060   9.635   1.00 25.68 ? 258  TRP A CD1 1 
ATOM   636  C  CD2 . TRP A 1 82  ? -4.767  6.199   7.494   1.00 25.84 ? 258  TRP A CD2 1 
ATOM   637  N  NE1 . TRP A 1 82  ? -5.168  5.165   9.445   1.00 25.14 ? 258  TRP A NE1 1 
ATOM   638  C  CE2 . TRP A 1 82  ? -5.570  5.228   8.137   1.00 26.68 ? 258  TRP A CE2 1 
ATOM   639  C  CE3 . TRP A 1 82  ? -4.980  6.459   6.136   1.00 25.95 ? 258  TRP A CE3 1 
ATOM   640  C  CZ2 . TRP A 1 82  ? -6.568  4.517   7.466   1.00 25.03 ? 258  TRP A CZ2 1 
ATOM   641  C  CZ3 . TRP A 1 82  ? -5.977  5.750   5.470   1.00 25.28 ? 258  TRP A CZ3 1 
ATOM   642  C  CH2 . TRP A 1 82  ? -6.757  4.792   6.138   1.00 24.89 ? 258  TRP A CH2 1 
ATOM   643  N  N   . HIS A 1 83  ? 0.000   9.012   8.702   1.00 29.02 ? 259  HIS A N   1 
ATOM   644  C  CA  . HIS A 1 83  ? 0.683   10.290  8.882   1.00 30.91 ? 259  HIS A CA  1 
ATOM   645  C  C   . HIS A 1 83  ? 2.100   10.517  8.378   1.00 31.53 ? 259  HIS A C   1 
ATOM   646  O  O   . HIS A 1 83  ? 2.642   11.621  8.527   1.00 32.67 ? 259  HIS A O   1 
ATOM   647  C  CB  . HIS A 1 83  ? 0.604   10.649  10.361  1.00 31.03 ? 259  HIS A CB  1 
ATOM   648  C  CG  . HIS A 1 83  ? -0.790  10.591  10.908  1.00 32.92 ? 259  HIS A CG  1 
ATOM   649  N  ND1 . HIS A 1 83  ? -1.692  11.626  10.770  1.00 32.40 ? 259  HIS A ND1 1 
ATOM   650  C  CD2 . HIS A 1 83  ? -1.452  9.600   11.552  1.00 31.38 ? 259  HIS A CD2 1 
ATOM   651  C  CE1 . HIS A 1 83  ? -2.846  11.275  11.310  1.00 32.48 ? 259  HIS A CE1 1 
ATOM   652  N  NE2 . HIS A 1 83  ? -2.728  10.050  11.790  1.00 32.16 ? 259  HIS A NE2 1 
ATOM   653  N  N   . ILE A 1 84  ? 2.707   9.498   7.786   1.00 30.59 ? 260  ILE A N   1 
ATOM   654  C  CA  . ILE A 1 84  ? 4.062   9.657   7.279   1.00 28.94 ? 260  ILE A CA  1 
ATOM   655  C  C   . ILE A 1 84  ? 4.059   9.636   5.760   1.00 28.64 ? 260  ILE A C   1 
ATOM   656  O  O   . ILE A 1 84  ? 3.268   8.939   5.130   1.00 28.19 ? 260  ILE A O   1 
ATOM   657  C  CB  . ILE A 1 84  ? 4.993   8.548   7.813   1.00 29.97 ? 260  ILE A CB  1 
ATOM   658  C  CG1 . ILE A 1 84  ? 5.079   8.638   9.339   1.00 31.68 ? 260  ILE A CG1 1 
ATOM   659  C  CG2 . ILE A 1 84  ? 6.373   8.679   7.205   1.00 28.59 ? 260  ILE A CG2 1 
ATOM   660  C  CD1 . ILE A 1 84  ? 5.608   9.981   9.861   1.00 32.15 ? 260  ILE A CD1 1 
ATOM   661  N  N   . GLN A 1 85  ? 4.953   10.422  5.185   1.00 27.94 ? 261  GLN A N   1 
ATOM   662  C  CA  . GLN A 1 85  ? 5.093   10.528  3.744   1.00 27.17 ? 261  GLN A CA  1 
ATOM   663  C  C   . GLN A 1 85  ? 5.521   9.188   3.159   1.00 24.95 ? 261  GLN A C   1 
ATOM   664  O  O   . GLN A 1 85  ? 6.249   8.434   3.793   1.00 24.70 ? 261  GLN A O   1 
ATOM   665  C  CB  . GLN A 1 85  ? 6.122   11.610  3.432   1.00 26.73 ? 261  GLN A CB  1 
ATOM   666  C  CG  . GLN A 1 85  ? 6.392   11.824  1.966   1.00 32.24 ? 261  GLN A CG  1 
ATOM   667  C  CD  . GLN A 1 85  ? 7.234   13.069  1.722   1.00 35.45 ? 261  GLN A CD  1 
ATOM   668  O  OE1 . GLN A 1 85  ? 6.800   14.187  2.009   1.00 34.72 ? 261  GLN A OE1 1 
ATOM   669  N  NE2 . GLN A 1 85  ? 8.448   12.877  1.202   1.00 34.99 ? 261  GLN A NE2 1 
ATOM   670  N  N   . GLY A 1 86  ? 5.060   8.882   1.951   1.00 24.92 ? 262  GLY A N   1 
ATOM   671  C  CA  . GLY A 1 86  ? 5.434   7.623   1.337   1.00 23.61 ? 262  GLY A CA  1 
ATOM   672  C  C   . GLY A 1 86  ? 6.693   7.736   0.505   1.00 25.13 ? 262  GLY A C   1 
ATOM   673  O  O   . GLY A 1 86  ? 7.220   8.833   0.308   1.00 25.68 ? 262  GLY A O   1 
ATOM   674  N  N   . SER A 1 87  ? 7.191   6.591   0.046   1.00 25.28 ? 263  SER A N   1 
ATOM   675  C  CA  . SER A 1 87  ? 8.367   6.508   -0.822  1.00 27.53 ? 263  SER A CA  1 
ATOM   676  C  C   . SER A 1 87  ? 7.995   5.415   -1.816  1.00 27.21 ? 263  SER A C   1 
ATOM   677  O  O   . SER A 1 87  ? 8.708   4.424   -1.950  1.00 27.80 ? 263  SER A O   1 
ATOM   678  C  CB  . SER A 1 87  ? 9.614   6.067   -0.046  1.00 30.03 ? 263  SER A CB  1 
ATOM   679  O  OG  . SER A 1 87  ? 9.977   6.998   0.958   1.00 35.04 ? 263  SER A OG  1 
ATOM   680  N  N   . HIS A 1 88  ? 6.873   5.591   -2.508  1.00 26.26 ? 264  HIS A N   1 
ATOM   681  C  CA  . HIS A 1 88  ? 6.405   4.570   -3.437  1.00 25.76 ? 264  HIS A CA  1 
ATOM   682  C  C   . HIS A 1 88  ? 6.197   4.999   -4.883  1.00 27.31 ? 264  HIS A C   1 
ATOM   683  O  O   . HIS A 1 88  ? 6.194   4.157   -5.785  1.00 26.45 ? 264  HIS A O   1 
ATOM   684  C  CB  . HIS A 1 88  ? 5.102   3.980   -2.902  1.00 23.96 ? 264  HIS A CB  1 
ATOM   685  C  CG  . HIS A 1 88  ? 4.039   5.003   -2.647  1.00 21.29 ? 264  HIS A CG  1 
ATOM   686  N  ND1 . HIS A 1 88  ? 3.381   5.662   -3.663  1.00 20.28 ? 264  HIS A ND1 1 
ATOM   687  C  CD2 . HIS A 1 88  ? 3.524   5.485   -1.490  1.00 19.45 ? 264  HIS A CD2 1 
ATOM   688  C  CE1 . HIS A 1 88  ? 2.503   6.503   -3.144  1.00 18.78 ? 264  HIS A CE1 1 
ATOM   689  N  NE2 . HIS A 1 88  ? 2.571   6.416   -1.827  1.00 18.29 ? 264  HIS A NE2 1 
ATOM   690  N  N   . THR A 1 89  ? 6.003   6.292   -5.114  1.00 28.75 ? 265  THR A N   1 
ATOM   691  C  CA  . THR A 1 89  ? 5.792   6.766   -6.476  1.00 29.03 ? 265  THR A CA  1 
ATOM   692  C  C   . THR A 1 89  ? 6.320   8.176   -6.661  1.00 29.83 ? 265  THR A C   1 
ATOM   693  O  O   . THR A 1 89  ? 5.938   9.093   -5.931  1.00 29.22 ? 265  THR A O   1 
ATOM   694  C  CB  . THR A 1 89  ? 4.305   6.747   -6.842  1.00 28.59 ? 265  THR A CB  1 
ATOM   695  O  OG1 . THR A 1 89  ? 3.765   5.445   -6.584  1.00 29.56 ? 265  THR A OG1 1 
ATOM   696  C  CG2 . THR A 1 89  ? 4.123   7.076   -8.310  1.00 28.76 ? 265  THR A CG2 1 
ATOM   697  N  N   . TYR A 1 90  ? 7.199   8.351   -7.642  1.00 30.06 ? 266  TYR A N   1 
ATOM   698  C  CA  . TYR A 1 90  ? 7.777   9.661   -7.894  1.00 28.96 ? 266  TYR A CA  1 
ATOM   699  C  C   . TYR A 1 90  ? 6.713   10.729  -8.108  1.00 28.60 ? 266  TYR A C   1 
ATOM   700  O  O   . TYR A 1 90  ? 5.797   10.553  -8.899  1.00 28.63 ? 266  TYR A O   1 
ATOM   701  C  CB  . TYR A 1 90  ? 8.698   9.635   -9.120  1.00 26.54 ? 266  TYR A CB  1 
ATOM   702  C  CG  . TYR A 1 90  ? 9.204   11.012  -9.475  1.00 26.94 ? 266  TYR A CG  1 
ATOM   703  C  CD1 . TYR A 1 90  ? 10.173  11.649  -8.686  1.00 28.90 ? 266  TYR A CD1 1 
ATOM   704  C  CD2 . TYR A 1 90  ? 8.639   11.727  -10.535 1.00 28.20 ? 266  TYR A CD2 1 
ATOM   705  C  CE1 . TYR A 1 90  ? 10.564  12.977  -8.942  1.00 29.69 ? 266  TYR A CE1 1 
ATOM   706  C  CE2 . TYR A 1 90  ? 9.018   13.053  -10.801 1.00 29.99 ? 266  TYR A CE2 1 
ATOM   707  C  CZ  . TYR A 1 90  ? 9.977   13.672  -10.002 1.00 32.21 ? 266  TYR A CZ  1 
ATOM   708  O  OH  . TYR A 1 90  ? 10.330  14.978  -10.257 1.00 32.84 ? 266  TYR A OH  1 
ATOM   709  N  N   . GLY A 1 91  ? 6.849   11.833  -7.387  1.00 29.35 ? 267  GLY A N   1 
ATOM   710  C  CA  . GLY A 1 91  ? 5.928   12.944  -7.528  1.00 28.81 ? 267  GLY A CA  1 
ATOM   711  C  C   . GLY A 1 91  ? 4.584   12.801  -6.859  1.00 30.17 ? 267  GLY A C   1 
ATOM   712  O  O   . GLY A 1 91  ? 3.744   13.693  -6.976  1.00 31.66 ? 267  GLY A O   1 
ATOM   713  N  N   . PHE A 1 92  ? 4.374   11.707  -6.135  1.00 29.16 ? 268  PHE A N   1 
ATOM   714  C  CA  . PHE A 1 92  ? 3.086   11.477  -5.489  1.00 28.99 ? 268  PHE A CA  1 
ATOM   715  C  C   . PHE A 1 92  ? 3.163   11.088  -4.026  1.00 29.24 ? 268  PHE A C   1 
ATOM   716  O  O   . PHE A 1 92  ? 2.130   10.927  -3.374  1.00 30.18 ? 268  PHE A O   1 
ATOM   717  C  CB  . PHE A 1 92  ? 2.332   10.380  -6.248  1.00 28.82 ? 268  PHE A CB  1 
ATOM   718  C  CG  . PHE A 1 92  ? 1.676   10.858  -7.519  1.00 30.25 ? 268  PHE A CG  1 
ATOM   719  C  CD1 . PHE A 1 92  ? 0.333   11.234  -7.523  1.00 29.74 ? 268  PHE A CD1 1 
ATOM   720  C  CD2 . PHE A 1 92  ? 2.408   10.967  -8.700  1.00 29.84 ? 268  PHE A CD2 1 
ATOM   721  C  CE1 . PHE A 1 92  ? -0.274  11.714  -8.681  1.00 31.79 ? 268  PHE A CE1 1 
ATOM   722  C  CE2 . PHE A 1 92  ? 1.811   11.447  -9.867  1.00 32.69 ? 268  PHE A CE2 1 
ATOM   723  C  CZ  . PHE A 1 92  ? 0.464   11.823  -9.857  1.00 31.73 ? 268  PHE A CZ  1 
ATOM   724  N  N   . ASN A 1 93  ? 4.374   10.951  -3.504  1.00 28.78 ? 269  ASN A N   1 
ATOM   725  C  CA  . ASN A 1 93  ? 4.562   10.522  -2.125  1.00 29.37 ? 269  ASN A CA  1 
ATOM   726  C  C   . ASN A 1 93  ? 3.933   11.391  -1.049  1.00 29.93 ? 269  ASN A C   1 
ATOM   727  O  O   . ASN A 1 93  ? 3.638   10.898  0.041   1.00 30.56 ? 269  ASN A O   1 
ATOM   728  C  CB  . ASN A 1 93  ? 6.051   10.355  -1.826  1.00 29.66 ? 269  ASN A CB  1 
ATOM   729  C  CG  . ASN A 1 93  ? 6.689   9.269   -2.660  1.00 31.01 ? 269  ASN A CG  1 
ATOM   730  O  OD1 . ASN A 1 93  ? 6.133   8.177   -2.808  1.00 31.88 ? 269  ASN A OD1 1 
ATOM   731  N  ND2 . ASN A 1 93  ? 7.868   9.554   -3.201  1.00 28.83 ? 269  ASN A ND2 1 
ATOM   732  N  N   . ASP A 1 94  ? 3.730   12.671  -1.343  1.00 29.57 ? 270  ASP A N   1 
ATOM   733  C  CA  . ASP A 1 94  ? 3.146   13.597  -0.372  1.00 30.26 ? 270  ASP A CA  1 
ATOM   734  C  C   . ASP A 1 94  ? 1.653   13.848  -0.563  1.00 29.09 ? 270  ASP A C   1 
ATOM   735  O  O   . ASP A 1 94  ? 1.032   14.554  0.240   1.00 28.08 ? 270  ASP A O   1 
ATOM   736  C  CB  . ASP A 1 94  ? 3.885   14.942  -0.416  1.00 32.46 ? 270  ASP A CB  1 
ATOM   737  C  CG  . ASP A 1 94  ? 3.943   15.536  -1.815  1.00 35.31 ? 270  ASP A CG  1 
ATOM   738  O  OD1 . ASP A 1 94  ? 3.394   14.925  -2.759  1.00 36.88 ? 270  ASP A OD1 1 
ATOM   739  O  OD2 . ASP A 1 94  ? 4.545   16.622  -1.975  1.00 37.51 ? 270  ASP A OD2 1 
ATOM   740  N  N   . ILE A 1 95  ? 1.084   13.280  -1.623  1.00 26.07 ? 271  ILE A N   1 
ATOM   741  C  CA  . ILE A 1 95  ? -0.337  13.467  -1.907  1.00 27.38 ? 271  ILE A CA  1 
ATOM   742  C  C   . ILE A 1 95  ? -1.102  12.177  -2.250  1.00 27.08 ? 271  ILE A C   1 
ATOM   743  O  O   . ILE A 1 95  ? -2.292  12.228  -2.564  1.00 26.15 ? 271  ILE A O   1 
ATOM   744  C  CB  . ILE A 1 95  ? -0.523  14.434  -3.067  1.00 28.74 ? 271  ILE A CB  1 
ATOM   745  C  CG1 . ILE A 1 95  ? 0.012   13.794  -4.353  1.00 29.90 ? 271  ILE A CG1 1 
ATOM   746  C  CG2 . ILE A 1 95  ? 0.183   15.754  -2.748  1.00 30.03 ? 271  ILE A CG2 1 
ATOM   747  C  CD1 . ILE A 1 95  ? -0.206  14.630  -5.603  1.00 30.18 ? 271  ILE A CD1 1 
ATOM   748  N  N   . ALA A 1 96  ? -0.426  11.032  -2.191  1.00 26.28 ? 272  ALA A N   1 
ATOM   749  C  CA  . ALA A 1 96  ? -1.083  9.770   -2.505  1.00 27.87 ? 272  ALA A CA  1 
ATOM   750  C  C   . ALA A 1 96  ? -0.856  8.663   -1.479  1.00 29.03 ? 272  ALA A C   1 
ATOM   751  O  O   . ALA A 1 96  ? 0.263   8.441   -1.007  1.00 30.94 ? 272  ALA A O   1 
ATOM   752  C  CB  . ALA A 1 96  ? -0.643  9.291   -3.874  1.00 24.17 ? 272  ALA A CB  1 
ATOM   753  N  N   . LEU A 1 97  ? -1.930  7.968   -1.125  1.00 28.38 ? 273  LEU A N   1 
ATOM   754  C  CA  . LEU A 1 97  ? -1.807  6.869   -0.187  1.00 28.03 ? 273  LEU A CA  1 
ATOM   755  C  C   . LEU A 1 97  ? -1.419  5.647   -0.998  1.00 26.49 ? 273  LEU A C   1 
ATOM   756  O  O   . LEU A 1 97  ? -2.151  5.225   -1.892  1.00 23.80 ? 273  LEU A O   1 
ATOM   757  C  CB  . LEU A 1 97  ? -3.124  6.619   0.550   1.00 29.32 ? 273  LEU A CB  1 
ATOM   758  C  CG  . LEU A 1 97  ? -3.416  7.646   1.643   1.00 33.31 ? 273  LEU A CG  1 
ATOM   759  C  CD1 . LEU A 1 97  ? -4.725  7.309   2.344   1.00 33.73 ? 273  LEU A CD1 1 
ATOM   760  C  CD2 . LEU A 1 97  ? -2.257  7.660   2.640   1.00 34.02 ? 273  LEU A CD2 1 
ATOM   761  N  N   . GLY A 1 98  ? -0.249  5.098   -0.684  1.00 25.49 ? 274  GLY A N   1 
ATOM   762  C  CA  . GLY A 1 98  ? 0.236   3.935   -1.391  1.00 25.03 ? 274  GLY A CA  1 
ATOM   763  C  C   . GLY A 1 98  ? -0.123  2.663   -0.661  1.00 25.57 ? 274  GLY A C   1 
ATOM   764  O  O   . GLY A 1 98  ? 0.388   2.386   0.428   1.00 24.11 ? 274  GLY A O   1 
ATOM   765  N  N   . ILE A 1 99  ? -1.009  1.886   -1.270  1.00 25.38 ? 275  ILE A N   1 
ATOM   766  C  CA  . ILE A 1 99  ? -1.461  0.626   -0.699  1.00 25.68 ? 275  ILE A CA  1 
ATOM   767  C  C   . ILE A 1 99  ? -0.875  -0.500  -1.550  1.00 25.46 ? 275  ILE A C   1 
ATOM   768  O  O   . ILE A 1 99  ? -1.149  -0.581  -2.744  1.00 25.81 ? 275  ILE A O   1 
ATOM   769  C  CB  . ILE A 1 99  ? -2.997  0.584   -0.704  1.00 26.55 ? 275  ILE A CB  1 
ATOM   770  C  CG1 . ILE A 1 99  ? -3.515  1.808   0.061   1.00 27.63 ? 275  ILE A CG1 1 
ATOM   771  C  CG2 . ILE A 1 99  ? -3.498  -0.718  -0.100  1.00 24.08 ? 275  ILE A CG2 1 
ATOM   772  C  CD1 . ILE A 1 99  ? -5.013  1.980   0.053   1.00 29.63 ? 275  ILE A CD1 1 
ATOM   773  N  N   . ALA A 1 100 ? -0.074  -1.363  -0.931  1.00 24.80 ? 276  ALA A N   1 
ATOM   774  C  CA  . ALA A 1 100 ? 0.585   -2.443  -1.651  1.00 24.74 ? 276  ALA A CA  1 
ATOM   775  C  C   . ALA A 1 100 ? 0.193   -3.856  -1.256  1.00 26.48 ? 276  ALA A C   1 
ATOM   776  O  O   . ALA A 1 100 ? 0.309   -4.245  -0.093  1.00 25.77 ? 276  ALA A O   1 
ATOM   777  C  CB  . ALA A 1 100 ? 2.090   -2.295  -1.509  1.00 24.07 ? 276  ALA A CB  1 
ATOM   778  N  N   . PHE A 1 101 ? -0.242  -4.630  -2.245  1.00 28.11 ? 277  PHE A N   1 
ATOM   779  C  CA  . PHE A 1 101 ? -0.607  -6.020  -2.021  1.00 27.37 ? 277  PHE A CA  1 
ATOM   780  C  C   . PHE A 1 101 ? 0.679   -6.818  -1.941  1.00 27.88 ? 277  PHE A C   1 
ATOM   781  O  O   . PHE A 1 101 ? 1.563   -6.672  -2.792  1.00 29.39 ? 277  PHE A O   1 
ATOM   782  C  CB  . PHE A 1 101 ? -1.463  -6.554  -3.175  1.00 25.99 ? 277  PHE A CB  1 
ATOM   783  C  CG  . PHE A 1 101 ? -2.871  -6.036  -3.170  1.00 27.65 ? 277  PHE A CG  1 
ATOM   784  C  CD1 . PHE A 1 101 ? -3.164  -4.768  -3.664  1.00 24.86 ? 277  PHE A CD1 1 
ATOM   785  C  CD2 . PHE A 1 101 ? -3.902  -6.800  -2.623  1.00 27.72 ? 277  PHE A CD2 1 
ATOM   786  C  CE1 . PHE A 1 101 ? -4.461  -4.264  -3.611  1.00 26.80 ? 277  PHE A CE1 1 
ATOM   787  C  CE2 . PHE A 1 101 ? -5.211  -6.301  -2.564  1.00 28.07 ? 277  PHE A CE2 1 
ATOM   788  C  CZ  . PHE A 1 101 ? -5.488  -5.029  -3.059  1.00 26.11 ? 277  PHE A CZ  1 
ATOM   789  N  N   . ILE A 1 102 ? 0.795   -7.657  -0.916  1.00 26.82 ? 278  ILE A N   1 
ATOM   790  C  CA  . ILE A 1 102 ? 1.987   -8.468  -0.763  1.00 25.91 ? 278  ILE A CA  1 
ATOM   791  C  C   . ILE A 1 102 ? 1.928   -9.647  -1.737  1.00 27.99 ? 278  ILE A C   1 
ATOM   792  O  O   . ILE A 1 102 ? 1.078   -10.537 -1.618  1.00 27.74 ? 278  ILE A O   1 
ATOM   793  C  CB  . ILE A 1 102 ? 2.134   -8.976  0.686   1.00 27.07 ? 278  ILE A CB  1 
ATOM   794  C  CG1 . ILE A 1 102 ? 2.136   -7.782  1.649   1.00 27.38 ? 278  ILE A CG1 1 
ATOM   795  C  CG2 . ILE A 1 102 ? 3.440   -9.769  0.837   1.00 22.22 ? 278  ILE A CG2 1 
ATOM   796  C  CD1 . ILE A 1 102 ? 2.087   -8.160  3.120   1.00 27.45 ? 278  ILE A CD1 1 
ATOM   797  N  N   . GLY A 1 103 ? 2.833   -9.630  -2.713  1.00 29.12 ? 279  GLY A N   1 
ATOM   798  C  CA  . GLY A 1 103 ? 2.876   -10.685 -3.704  1.00 29.97 ? 279  GLY A CA  1 
ATOM   799  C  C   . GLY A 1 103 ? 3.169   -10.158 -5.096  1.00 30.36 ? 279  GLY A C   1 
ATOM   800  O  O   . GLY A 1 103 ? 3.549   -8.998  -5.269  1.00 32.37 ? 279  GLY A O   1 
ATOM   801  N  N   . TYR A 1 104 ? 2.981   -11.024 -6.086  1.00 30.32 ? 280  TYR A N   1 
ATOM   802  C  CA  . TYR A 1 104 ? 3.221   -10.713 -7.493  1.00 30.26 ? 280  TYR A CA  1 
ATOM   803  C  C   . TYR A 1 104 ? 1.933   -11.063 -8.237  1.00 29.70 ? 280  TYR A C   1 
ATOM   804  O  O   . TYR A 1 104 ? 1.585   -12.235 -8.369  1.00 29.86 ? 280  TYR A O   1 
ATOM   805  C  CB  . TYR A 1 104 ? 4.407   -11.552 -7.983  1.00 32.28 ? 280  TYR A CB  1 
ATOM   806  C  CG  . TYR A 1 104 ? 4.741   -11.400 -9.440  1.00 35.06 ? 280  TYR A CG  1 
ATOM   807  C  CD1 . TYR A 1 104 ? 4.141   -12.208 -10.400 1.00 36.27 ? 280  TYR A CD1 1 
ATOM   808  C  CD2 . TYR A 1 104 ? 5.661   -10.445 -9.864  1.00 36.39 ? 280  TYR A CD2 1 
ATOM   809  C  CE1 . TYR A 1 104 ? 4.448   -12.073 -11.743 1.00 37.35 ? 280  TYR A CE1 1 
ATOM   810  C  CE2 . TYR A 1 104 ? 5.972   -10.298 -11.205 1.00 36.34 ? 280  TYR A CE2 1 
ATOM   811  C  CZ  . TYR A 1 104 ? 5.364   -11.115 -12.139 1.00 37.84 ? 280  TYR A CZ  1 
ATOM   812  O  OH  . TYR A 1 104 ? 5.665   -10.970 -13.476 1.00 41.26 ? 280  TYR A OH  1 
ATOM   813  N  N   . PHE A 1 105 ? 1.235   -10.048 -8.739  1.00 28.41 ? 281  PHE A N   1 
ATOM   814  C  CA  . PHE A 1 105 ? -0.050  -10.273 -9.391  1.00 28.16 ? 281  PHE A CA  1 
ATOM   815  C  C   . PHE A 1 105 ? -0.238  -9.903  -10.869 1.00 29.97 ? 281  PHE A C   1 
ATOM   816  O  O   . PHE A 1 105 ? -1.289  -9.366  -11.242 1.00 28.05 ? 281  PHE A O   1 
ATOM   817  C  CB  . PHE A 1 105 ? -1.127  -9.572  -8.554  1.00 26.81 ? 281  PHE A CB  1 
ATOM   818  C  CG  . PHE A 1 105 ? -1.040  -9.886  -7.084  1.00 27.91 ? 281  PHE A CG  1 
ATOM   819  C  CD1 . PHE A 1 105 ? -1.373  -11.152 -6.608  1.00 25.70 ? 281  PHE A CD1 1 
ATOM   820  C  CD2 . PHE A 1 105 ? -0.554  -8.939  -6.183  1.00 27.95 ? 281  PHE A CD2 1 
ATOM   821  C  CE1 . PHE A 1 105 ? -1.216  -11.476 -5.252  1.00 27.56 ? 281  PHE A CE1 1 
ATOM   822  C  CE2 . PHE A 1 105 ? -0.394  -9.255  -4.828  1.00 28.67 ? 281  PHE A CE2 1 
ATOM   823  C  CZ  . PHE A 1 105 ? -0.725  -10.531 -4.365  1.00 26.24 ? 281  PHE A CZ  1 
ATOM   824  N  N   . VAL A 1 106 ? 0.740   -10.193 -11.726 1.00 31.47 ? 282  VAL A N   1 
ATOM   825  C  CA  . VAL A 1 106 ? 0.545   -9.864  -13.129 1.00 34.83 ? 282  VAL A CA  1 
ATOM   826  C  C   . VAL A 1 106 ? -0.400  -10.883 -13.772 1.00 36.96 ? 282  VAL A C   1 
ATOM   827  O  O   . VAL A 1 106 ? -1.314  -10.503 -14.503 1.00 37.64 ? 282  VAL A O   1 
ATOM   828  C  CB  . VAL A 1 106 ? 1.880   -9.819  -13.936 1.00 34.98 ? 282  VAL A CB  1 
ATOM   829  C  CG1 . VAL A 1 106 ? 2.889   -8.951  -13.227 1.00 32.26 ? 282  VAL A CG1 1 
ATOM   830  C  CG2 . VAL A 1 106 ? 2.423   -11.206 -14.138 1.00 36.96 ? 282  VAL A CG2 1 
ATOM   831  N  N   . GLU A 1 107 ? -0.203  -12.167 -13.477 1.00 39.90 ? 283  GLU A N   1 
ATOM   832  C  CA  . GLU A 1 107 ? -1.040  -13.216 -14.060 1.00 44.00 ? 283  GLU A CA  1 
ATOM   833  C  C   . GLU A 1 107 ? -2.257  -13.581 -13.219 1.00 44.70 ? 283  GLU A C   1 
ATOM   834  O  O   . GLU A 1 107 ? -3.382  -13.604 -13.720 1.00 45.55 ? 283  GLU A O   1 
ATOM   835  C  CB  . GLU A 1 107 ? -0.199  -14.460 -14.317 1.00 45.54 ? 283  GLU A CB  1 
ATOM   836  C  CG  . GLU A 1 107 ? 1.030   -14.176 -15.151 1.00 51.58 ? 283  GLU A CG  1 
ATOM   837  C  CD  . GLU A 1 107 ? 1.811   -15.423 -15.482 1.00 56.30 ? 283  GLU A CD  1 
ATOM   838  O  OE1 . GLU A 1 107 ? 2.942   -15.296 -15.993 1.00 58.80 ? 283  GLU A OE1 1 
ATOM   839  O  OE2 . GLU A 1 107 ? 1.291   -16.534 -15.237 1.00 58.78 ? 283  GLU A OE2 1 
ATOM   840  N  N   . LYS A 1 108 ? -2.029  -13.874 -11.942 1.00 45.26 ? 284  LYS A N   1 
ATOM   841  C  CA  . LYS A 1 108 ? -3.114  -14.231 -11.028 1.00 44.43 ? 284  LYS A CA  1 
ATOM   842  C  C   . LYS A 1 108 ? -3.319  -13.080 -10.046 1.00 41.33 ? 284  LYS A C   1 
ATOM   843  O  O   . LYS A 1 108 ? -2.356  -12.477 -9.584  1.00 40.78 ? 284  LYS A O   1 
ATOM   844  C  CB  . LYS A 1 108 ? -2.757  -15.507 -10.261 1.00 47.66 ? 284  LYS A CB  1 
ATOM   845  C  CG  . LYS A 1 108 ? -2.372  -16.692 -11.144 1.00 52.80 ? 284  LYS A CG  1 
ATOM   846  C  CD  . LYS A 1 108 ? -3.544  -17.164 -11.996 1.00 56.69 ? 284  LYS A CD  1 
ATOM   847  C  CE  . LYS A 1 108 ? -3.182  -18.393 -12.823 1.00 58.94 ? 284  LYS A CE  1 
ATOM   848  N  NZ  . LYS A 1 108 ? -4.367  -18.926 -13.557 1.00 59.55 ? 284  LYS A NZ  1 
ATOM   849  N  N   . PRO A 1 109 ? -4.578  -12.748 -9.732  1.00 39.35 ? 285  PRO A N   1 
ATOM   850  C  CA  . PRO A 1 109 ? -4.896  -11.660 -8.795  1.00 36.99 ? 285  PRO A CA  1 
ATOM   851  C  C   . PRO A 1 109 ? -4.913  -12.086 -7.312  1.00 35.23 ? 285  PRO A C   1 
ATOM   852  O  O   . PRO A 1 109 ? -4.801  -13.271 -6.992  1.00 34.49 ? 285  PRO A O   1 
ATOM   853  C  CB  . PRO A 1 109 ? -6.270  -11.209 -9.270  1.00 38.11 ? 285  PRO A CB  1 
ATOM   854  C  CG  . PRO A 1 109 ? -6.910  -12.519 -9.664  1.00 37.40 ? 285  PRO A CG  1 
ATOM   855  C  CD  . PRO A 1 109 ? -5.791  -13.198 -10.447 1.00 38.61 ? 285  PRO A CD  1 
ATOM   856  N  N   . PRO A 1 110 ? -5.026  -11.112 -6.388  1.00 33.90 ? 286  PRO A N   1 
ATOM   857  C  CA  . PRO A 1 110 ? -5.065  -11.376 -4.942  1.00 33.09 ? 286  PRO A CA  1 
ATOM   858  C  C   . PRO A 1 110 ? -6.397  -12.047 -4.598  1.00 31.70 ? 286  PRO A C   1 
ATOM   859  O  O   . PRO A 1 110 ? -7.369  -11.853 -5.318  1.00 32.57 ? 286  PRO A O   1 
ATOM   860  C  CB  . PRO A 1 110 ? -4.973  -9.975  -4.336  1.00 33.66 ? 286  PRO A CB  1 
ATOM   861  C  CG  . PRO A 1 110 ? -4.236  -9.186  -5.380  1.00 34.22 ? 286  PRO A CG  1 
ATOM   862  C  CD  . PRO A 1 110 ? -4.881  -9.668  -6.646  1.00 33.30 ? 286  PRO A CD  1 
ATOM   863  N  N   . ASN A 1 111 ? -6.474  -12.816 -3.513  1.00 30.53 ? 287  ASN A N   1 
ATOM   864  C  CA  . ASN A 1 111 ? -7.756  -13.448 -3.208  1.00 29.43 ? 287  ASN A CA  1 
ATOM   865  C  C   . ASN A 1 111 ? -8.800  -12.425 -2.781  1.00 30.00 ? 287  ASN A C   1 
ATOM   866  O  O   . ASN A 1 111 ? -8.480  -11.263 -2.510  1.00 30.69 ? 287  ASN A O   1 
ATOM   867  C  CB  . ASN A 1 111 ? -7.628  -14.569 -2.153  1.00 27.96 ? 287  ASN A CB  1 
ATOM   868  C  CG  . ASN A 1 111 ? -6.993  -14.109 -0.845  1.00 29.60 ? 287  ASN A CG  1 
ATOM   869  O  OD1 . ASN A 1 111 ? -7.245  -13.004 -0.351  1.00 31.28 ? 287  ASN A OD1 1 
ATOM   870  N  ND2 . ASN A 1 111 ? -6.185  -14.982 -0.259  1.00 27.70 ? 287  ASN A ND2 1 
ATOM   871  N  N   . ALA A 1 112 ? -10.052 -12.859 -2.745  1.00 29.57 ? 288  ALA A N   1 
ATOM   872  C  CA  . ALA A 1 112 ? -11.157 -11.984 -2.373  1.00 28.48 ? 288  ALA A CA  1 
ATOM   873  C  C   . ALA A 1 112 ? -10.954 -11.331 -1.025  1.00 27.78 ? 288  ALA A C   1 
ATOM   874  O  O   . ALA A 1 112 ? -11.370 -10.199 -0.816  1.00 27.31 ? 288  ALA A O   1 
ATOM   875  C  CB  . ALA A 1 112 ? -12.463 -12.762 -2.367  1.00 26.52 ? 288  ALA A CB  1 
ATOM   876  N  N   . ALA A 1 113 ? -10.320 -12.047 -0.106  1.00 27.96 ? 289  ALA A N   1 
ATOM   877  C  CA  . ALA A 1 113 ? -10.092 -11.509 1.229   1.00 29.35 ? 289  ALA A CA  1 
ATOM   878  C  C   . ALA A 1 113 ? -9.228  -10.261 1.155   1.00 29.43 ? 289  ALA A C   1 
ATOM   879  O  O   . ALA A 1 113 ? -9.581  -9.220  1.711   1.00 29.87 ? 289  ALA A O   1 
ATOM   880  C  CB  . ALA A 1 113 ? -9.426  -12.558 2.110   1.00 31.06 ? 289  ALA A CB  1 
ATOM   881  N  N   . ALA A 1 114 ? -8.103  -10.378 0.454   1.00 28.80 ? 290  ALA A N   1 
ATOM   882  C  CA  . ALA A 1 114 ? -7.163  -9.280  0.292   1.00 28.62 ? 290  ALA A CA  1 
ATOM   883  C  C   . ALA A 1 114 ? -7.861  -8.085  -0.337  1.00 29.40 ? 290  ALA A C   1 
ATOM   884  O  O   . ALA A 1 114 ? -7.813  -6.962  0.178   1.00 31.73 ? 290  ALA A O   1 
ATOM   885  C  CB  . ALA A 1 114 ? -5.997  -9.724  -0.582  1.00 27.97 ? 290  ALA A CB  1 
ATOM   886  N  N   . LEU A 1 115 ? -8.514  -8.336  -1.461  1.00 29.30 ? 291  LEU A N   1 
ATOM   887  C  CA  . LEU A 1 115 ? -9.227  -7.292  -2.170  1.00 28.02 ? 291  LEU A CA  1 
ATOM   888  C  C   . LEU A 1 115 ? -10.235 -6.594  -1.254  1.00 28.51 ? 291  LEU A C   1 
ATOM   889  O  O   . LEU A 1 115 ? -10.260 -5.372  -1.169  1.00 30.99 ? 291  LEU A O   1 
ATOM   890  C  CB  . LEU A 1 115 ? -9.925  -7.897  -3.392  1.00 25.81 ? 291  LEU A CB  1 
ATOM   891  C  CG  . LEU A 1 115 ? -8.980  -8.515  -4.438  1.00 27.52 ? 291  LEU A CG  1 
ATOM   892  C  CD1 . LEU A 1 115 ? -9.786  -9.266  -5.499  1.00 25.09 ? 291  LEU A CD1 1 
ATOM   893  C  CD2 . LEU A 1 115 ? -8.137  -7.422  -5.091  1.00 26.34 ? 291  LEU A CD2 1 
ATOM   894  N  N   . GLU A 1 116 ? -11.048 -7.368  -0.547  1.00 28.20 ? 292  GLU A N   1 
ATOM   895  C  CA  . GLU A 1 116 ? -12.050 -6.784  0.342   1.00 30.44 ? 292  GLU A CA  1 
ATOM   896  C  C   . GLU A 1 116 ? -11.392 -5.857  1.380   1.00 29.11 ? 292  GLU A C   1 
ATOM   897  O  O   . GLU A 1 116 ? -11.830 -4.718  1.592   1.00 26.65 ? 292  GLU A O   1 
ATOM   898  C  CB  . GLU A 1 116 ? -12.840 -7.895  1.056   1.00 34.09 ? 292  GLU A CB  1 
ATOM   899  C  CG  . GLU A 1 116 ? -14.150 -7.420  1.693   1.00 40.50 ? 292  GLU A CG  1 
ATOM   900  C  CD  . GLU A 1 116 ? -14.831 -8.482  2.556   1.00 44.81 ? 292  GLU A CD  1 
ATOM   901  O  OE1 . GLU A 1 116 ? -15.056 -9.617  2.068   1.00 48.07 ? 292  GLU A OE1 1 
ATOM   902  O  OE2 . GLU A 1 116 ? -15.151 -8.176  3.726   1.00 46.57 ? 292  GLU A OE2 1 
ATOM   903  N  N   . ALA A 1 117 ? -10.339 -6.356  2.019   1.00 27.81 ? 293  ALA A N   1 
ATOM   904  C  CA  . ALA A 1 117 ? -9.632  -5.579  3.020   1.00 27.53 ? 293  ALA A CA  1 
ATOM   905  C  C   . ALA A 1 117 ? -9.214  -4.221  2.448   1.00 26.65 ? 293  ALA A C   1 
ATOM   906  O  O   . ALA A 1 117 ? -9.366  -3.191  3.098   1.00 27.04 ? 293  ALA A O   1 
ATOM   907  C  CB  . ALA A 1 117 ? -8.406  -6.350  3.503   1.00 27.27 ? 293  ALA A CB  1 
ATOM   908  N  N   . ALA A 1 118 ? -8.699  -4.219  1.226   1.00 26.82 ? 294  ALA A N   1 
ATOM   909  C  CA  . ALA A 1 118 ? -8.261  -2.977  0.602   1.00 26.13 ? 294  ALA A CA  1 
ATOM   910  C  C   . ALA A 1 118 ? -9.390  -1.966  0.474   1.00 26.89 ? 294  ALA A C   1 
ATOM   911  O  O   . ALA A 1 118 ? -9.240  -0.806  0.869   1.00 26.75 ? 294  ALA A O   1 
ATOM   912  C  CB  . ALA A 1 118 ? -7.672  -3.262  -0.768  1.00 24.48 ? 294  ALA A CB  1 
ATOM   913  N  N   . GLN A 1 119 ? -10.521 -2.409  -0.075  1.00 26.21 ? 295  GLN A N   1 
ATOM   914  C  CA  . GLN A 1 119 ? -11.656 -1.521  -0.286  1.00 25.51 ? 295  GLN A CA  1 
ATOM   915  C  C   . GLN A 1 119 ? -12.250 -1.006  1.007   1.00 25.98 ? 295  GLN A C   1 
ATOM   916  O  O   . GLN A 1 119 ? -12.728 0.128   1.068   1.00 24.59 ? 295  GLN A O   1 
ATOM   917  C  CB  . GLN A 1 119 ? -12.730 -2.219  -1.112  1.00 25.77 ? 295  GLN A CB  1 
ATOM   918  C  CG  . GLN A 1 119 ? -12.242 -2.684  -2.463  1.00 26.57 ? 295  GLN A CG  1 
ATOM   919  C  CD  . GLN A 1 119 ? -13.380 -3.020  -3.394  1.00 27.53 ? 295  GLN A CD  1 
ATOM   920  O  OE1 . GLN A 1 119 ? -13.997 -2.133  -3.997  1.00 29.54 ? 295  GLN A OE1 1 
ATOM   921  N  NE2 . GLN A 1 119 ? -13.676 -4.302  -3.512  1.00 28.77 ? 295  GLN A NE2 1 
ATOM   922  N  N   . ASP A 1 120 ? -12.219 -1.838  2.039   1.00 25.63 ? 296  ASP A N   1 
ATOM   923  C  CA  . ASP A 1 120 ? -12.742 -1.435  3.335   1.00 27.23 ? 296  ASP A CA  1 
ATOM   924  C  C   . ASP A 1 120 ? -11.801 -0.363  3.885   1.00 25.84 ? 296  ASP A C   1 
ATOM   925  O  O   . ASP A 1 120 ? -12.241 0.645   4.433   1.00 26.97 ? 296  ASP A O   1 
ATOM   926  C  CB  . ASP A 1 120 ? -12.796 -2.634  4.287   1.00 28.21 ? 296  ASP A CB  1 
ATOM   927  C  CG  . ASP A 1 120 ? -13.539 -2.319  5.564   1.00 29.03 ? 296  ASP A CG  1 
ATOM   928  O  OD1 . ASP A 1 120 ? -13.464 -3.121  6.521   1.00 33.00 ? 296  ASP A OD1 1 
ATOM   929  O  OD2 . ASP A 1 120 ? -14.205 -1.268  5.609   1.00 31.21 ? 296  ASP A OD2 1 
ATOM   930  N  N   . LEU A 1 121 ? -10.501 -0.591  3.739   1.00 25.65 ? 297  LEU A N   1 
ATOM   931  C  CA  . LEU A 1 121 ? -9.512  0.375   4.194   1.00 25.23 ? 297  LEU A CA  1 
ATOM   932  C  C   . LEU A 1 121 ? -9.760  1.678   3.430   1.00 25.98 ? 297  LEU A C   1 
ATOM   933  O  O   . LEU A 1 121 ? -9.909  2.749   4.026   1.00 27.95 ? 297  LEU A O   1 
ATOM   934  C  CB  . LEU A 1 121 ? -8.098  -0.144  3.909   1.00 25.77 ? 297  LEU A CB  1 
ATOM   935  C  CG  . LEU A 1 121 ? -6.915  0.819   4.112   1.00 27.20 ? 297  LEU A CG  1 
ATOM   936  C  CD1 . LEU A 1 121 ? -6.842  1.266   5.572   1.00 27.18 ? 297  LEU A CD1 1 
ATOM   937  C  CD2 . LEU A 1 121 ? -5.619  0.132   3.708   1.00 25.03 ? 297  LEU A CD2 1 
ATOM   938  N  N   . ILE A 1 122 ? -9.812  1.582   2.104   1.00 24.62 ? 298  ILE A N   1 
ATOM   939  C  CA  . ILE A 1 122 ? -10.050 2.758   1.281   1.00 23.61 ? 298  ILE A CA  1 
ATOM   940  C  C   . ILE A 1 122 ? -11.313 3.465   1.754   1.00 24.78 ? 298  ILE A C   1 
ATOM   941  O  O   . ILE A 1 122 ? -11.342 4.690   1.872   1.00 24.48 ? 298  ILE A O   1 
ATOM   942  C  CB  . ILE A 1 122 ? -10.236 2.381   -0.200  1.00 22.54 ? 298  ILE A CB  1 
ATOM   943  C  CG1 . ILE A 1 122 ? -8.927  1.814   -0.753  1.00 22.44 ? 298  ILE A CG1 1 
ATOM   944  C  CG2 . ILE A 1 122 ? -10.709 3.603   -0.998  1.00 18.09 ? 298  ILE A CG2 1 
ATOM   945  C  CD1 . ILE A 1 122 ? -9.001  1.430   -2.207  1.00 19.68 ? 298  ILE A CD1 1 
ATOM   946  N  N   . GLN A 1 123 ? -12.360 2.691   2.028   1.00 24.00 ? 299  GLN A N   1 
ATOM   947  C  CA  . GLN A 1 123 ? -13.610 3.288   2.473   1.00 25.35 ? 299  GLN A CA  1 
ATOM   948  C  C   . GLN A 1 123 ? -13.457 4.080   3.758   1.00 26.13 ? 299  GLN A C   1 
ATOM   949  O  O   . GLN A 1 123 ? -13.970 5.198   3.862   1.00 27.49 ? 299  GLN A O   1 
ATOM   950  C  CB  . GLN A 1 123 ? -14.709 2.229   2.666   1.00 24.62 ? 299  GLN A CB  1 
ATOM   951  C  CG  . GLN A 1 123 ? -16.074 2.840   3.013   1.00 23.26 ? 299  GLN A CG  1 
ATOM   952  C  CD  . GLN A 1 123 ? -17.181 1.807   3.078   1.00 23.98 ? 299  GLN A CD  1 
ATOM   953  O  OE1 . GLN A 1 123 ? -17.158 0.914   3.928   1.00 26.39 ? 299  GLN A OE1 1 
ATOM   954  N  NE2 . GLN A 1 123 ? -18.151 1.917   2.179   1.00 17.71 ? 299  GLN A NE2 1 
ATOM   955  N  N   . CYS A 1 124 ? -12.754 3.530   4.744   1.00 26.65 ? 300  CYS A N   1 
ATOM   956  C  CA  . CYS A 1 124 ? -12.624 4.283   5.980   1.00 29.72 ? 300  CYS A CA  1 
ATOM   957  C  C   . CYS A 1 124 ? -11.715 5.495   5.768   1.00 29.23 ? 300  CYS A C   1 
ATOM   958  O  O   . CYS A 1 124 ? -11.864 6.513   6.441   1.00 27.44 ? 300  CYS A O   1 
ATOM   959  C  CB  . CYS A 1 124 ? -12.117 3.391   7.117   1.00 31.69 ? 300  CYS A CB  1 
ATOM   960  S  SG  . CYS A 1 124 ? -10.352 2.982   7.096   1.00 38.82 ? 300  CYS A SG  1 
ATOM   961  N  N   . ALA A 1 125 ? -10.807 5.401   4.804   1.00 28.66 ? 301  ALA A N   1 
ATOM   962  C  CA  . ALA A 1 125 ? -9.899  6.508   4.524   1.00 27.76 ? 301  ALA A CA  1 
ATOM   963  C  C   . ALA A 1 125 ? -10.676 7.745   4.097   1.00 28.06 ? 301  ALA A C   1 
ATOM   964  O  O   . ALA A 1 125 ? -10.427 8.845   4.593   1.00 28.39 ? 301  ALA A O   1 
ATOM   965  C  CB  . ALA A 1 125 ? -8.913  6.119   3.432   1.00 26.38 ? 301  ALA A CB  1 
ATOM   966  N  N   . VAL A 1 126 ? -11.615 7.567   3.176   1.00 27.36 ? 302  VAL A N   1 
ATOM   967  C  CA  . VAL A 1 126 ? -12.403 8.697   2.700   1.00 29.06 ? 302  VAL A CA  1 
ATOM   968  C  C   . VAL A 1 126 ? -13.406 9.137   3.753   1.00 29.55 ? 302  VAL A C   1 
ATOM   969  O  O   . VAL A 1 126 ? -13.668 10.335  3.913   1.00 29.70 ? 302  VAL A O   1 
ATOM   970  C  CB  . VAL A 1 126 ? -13.186 8.351   1.435   1.00 29.31 ? 302  VAL A CB  1 
ATOM   971  C  CG1 . VAL A 1 126 ? -13.608 9.623   0.728   1.00 27.13 ? 302  VAL A CG1 1 
ATOM   972  C  CG2 . VAL A 1 126 ? -12.352 7.483   0.545   1.00 33.21 ? 302  VAL A CG2 1 
ATOM   973  N  N   . VAL A 1 127 ? -13.976 8.165   4.461   1.00 28.45 ? 303  VAL A N   1 
ATOM   974  C  CA  . VAL A 1 127 ? -14.946 8.465   5.501   1.00 28.01 ? 303  VAL A CA  1 
ATOM   975  C  C   . VAL A 1 127 ? -14.267 9.189   6.665   1.00 30.40 ? 303  VAL A C   1 
ATOM   976  O  O   . VAL A 1 127 ? -14.800 10.178  7.183   1.00 29.58 ? 303  VAL A O   1 
ATOM   977  C  CB  . VAL A 1 127 ? -15.624 7.170   5.996   1.00 27.69 ? 303  VAL A CB  1 
ATOM   978  C  CG1 . VAL A 1 127 ? -16.524 7.454   7.201   1.00 23.69 ? 303  VAL A CG1 1 
ATOM   979  C  CG2 . VAL A 1 127 ? -16.449 6.571   4.865   1.00 26.32 ? 303  VAL A CG2 1 
ATOM   980  N  N   . GLU A 1 128 ? -13.084 8.721   7.059   1.00 32.15 ? 304  GLU A N   1 
ATOM   981  C  CA  . GLU A 1 128 ? -12.347 9.330   8.173   1.00 34.88 ? 304  GLU A CA  1 
ATOM   982  C  C   . GLU A 1 128 ? -11.714 10.677  7.806   1.00 34.69 ? 304  GLU A C   1 
ATOM   983  O  O   . GLU A 1 128 ? -11.318 11.443  8.682   1.00 34.45 ? 304  GLU A O   1 
ATOM   984  C  CB  . GLU A 1 128 ? -11.235 8.395   8.654   1.00 38.57 ? 304  GLU A CB  1 
ATOM   985  C  CG  . GLU A 1 128 ? -11.686 6.997   9.010   1.00 45.77 ? 304  GLU A CG  1 
ATOM   986  C  CD  . GLU A 1 128 ? -12.255 6.889   10.398  1.00 48.21 ? 304  GLU A CD  1 
ATOM   987  O  OE1 . GLU A 1 128 ? -13.166 7.679   10.737  1.00 50.57 ? 304  GLU A OE1 1 
ATOM   988  O  OE2 . GLU A 1 128 ? -11.786 6.005   11.143  1.00 48.59 ? 304  GLU A OE2 1 
ATOM   989  N  N   . GLY A 1 129 ? -11.598 10.959  6.515   1.00 34.43 ? 305  GLY A N   1 
ATOM   990  C  CA  . GLY A 1 129 ? -10.997 12.215  6.112   1.00 33.66 ? 305  GLY A CA  1 
ATOM   991  C  C   . GLY A 1 129 ? -9.516  12.115  5.778   1.00 32.97 ? 305  GLY A C   1 
ATOM   992  O  O   . GLY A 1 129 ? -8.839  13.135  5.651   1.00 34.00 ? 305  GLY A O   1 
ATOM   993  N  N   . TYR A 1 130 ? -8.997  10.898  5.642   1.00 32.10 ? 306  TYR A N   1 
ATOM   994  C  CA  . TYR A 1 130 ? -7.588  10.729  5.287   1.00 30.85 ? 306  TYR A CA  1 
ATOM   995  C  C   . TYR A 1 130 ? -7.443  10.952  3.787   1.00 30.92 ? 306  TYR A C   1 
ATOM   996  O  O   . TYR A 1 130 ? -6.338  11.166  3.277   1.00 28.99 ? 306  TYR A O   1 
ATOM   997  C  CB  . TYR A 1 130 ? -7.090  9.329   5.648   1.00 29.86 ? 306  TYR A CB  1 
ATOM   998  C  CG  . TYR A 1 130 ? -7.017  9.078   7.135   1.00 31.60 ? 306  TYR A CG  1 
ATOM   999  C  CD1 . TYR A 1 130 ? -7.936  8.243   7.764   1.00 31.30 ? 306  TYR A CD1 1 
ATOM   1000 C  CD2 . TYR A 1 130 ? -6.030  9.687   7.918   1.00 32.00 ? 306  TYR A CD2 1 
ATOM   1001 C  CE1 . TYR A 1 130 ? -7.881  8.018   9.135   1.00 33.15 ? 306  TYR A CE1 1 
ATOM   1002 C  CE2 . TYR A 1 130 ? -5.964  9.469   9.295   1.00 31.98 ? 306  TYR A CE2 1 
ATOM   1003 C  CZ  . TYR A 1 130 ? -6.896  8.633   9.896   1.00 32.82 ? 306  TYR A CZ  1 
ATOM   1004 O  OH  . TYR A 1 130 ? -6.861  8.419   11.260  1.00 33.08 ? 306  TYR A OH  1 
ATOM   1005 N  N   . LEU A 1 131 ? -8.579  10.880  3.094   1.00 30.81 ? 307  LEU A N   1 
ATOM   1006 C  CA  . LEU A 1 131 ? -8.651  11.087  1.654   1.00 30.59 ? 307  LEU A CA  1 
ATOM   1007 C  C   . LEU A 1 131 ? -9.732  12.121  1.377   1.00 31.45 ? 307  LEU A C   1 
ATOM   1008 O  O   . LEU A 1 131 ? -10.733 12.192  2.094   1.00 32.25 ? 307  LEU A O   1 
ATOM   1009 C  CB  . LEU A 1 131 ? -9.033  9.793   0.922   1.00 29.59 ? 307  LEU A CB  1 
ATOM   1010 C  CG  . LEU A 1 131 ? -7.997  8.702   0.652   1.00 29.73 ? 307  LEU A CG  1 
ATOM   1011 C  CD1 . LEU A 1 131 ? -8.676  7.539   -0.057  1.00 29.81 ? 307  LEU A CD1 1 
ATOM   1012 C  CD2 . LEU A 1 131 ? -6.871  9.257   -0.214  1.00 30.04 ? 307  LEU A CD2 1 
ATOM   1013 N  N   . THR A 1 132 ? -9.531  12.920  0.337   1.00 30.26 ? 308  THR A N   1 
ATOM   1014 C  CA  . THR A 1 132 ? -10.519 13.913  -0.041  1.00 30.38 ? 308  THR A CA  1 
ATOM   1015 C  C   . THR A 1 132 ? -11.742 13.170  -0.595  1.00 31.24 ? 308  THR A C   1 
ATOM   1016 O  O   . THR A 1 132 ? -11.613 12.103  -1.211  1.00 30.03 ? 308  THR A O   1 
ATOM   1017 C  CB  . THR A 1 132 ? -9.968  14.857  -1.119  1.00 31.72 ? 308  THR A CB  1 
ATOM   1018 O  OG1 . THR A 1 132 ? -9.473  14.091  -2.226  1.00 32.03 ? 308  THR A OG1 1 
ATOM   1019 C  CG2 . THR A 1 132 ? -8.843  15.701  -0.551  1.00 32.22 ? 308  THR A CG2 1 
ATOM   1020 N  N   . PRO A 1 133 ? -12.942 13.722  -0.378  1.00 31.71 ? 309  PRO A N   1 
ATOM   1021 C  CA  . PRO A 1 133 ? -14.176 13.093  -0.862  1.00 32.46 ? 309  PRO A CA  1 
ATOM   1022 C  C   . PRO A 1 133 ? -14.230 12.895  -2.377  1.00 32.57 ? 309  PRO A C   1 
ATOM   1023 O  O   . PRO A 1 133 ? -15.055 12.123  -2.879  1.00 32.35 ? 309  PRO A O   1 
ATOM   1024 C  CB  . PRO A 1 133 ? -15.270 14.029  -0.340  1.00 31.90 ? 309  PRO A CB  1 
ATOM   1025 C  CG  . PRO A 1 133 ? -14.583 15.361  -0.304  1.00 32.86 ? 309  PRO A CG  1 
ATOM   1026 C  CD  . PRO A 1 133 ? -13.227 15.013  0.271   1.00 31.30 ? 309  PRO A CD  1 
ATOM   1027 N  N   . ASN A 1 134 ? -13.353 13.582  -3.105  1.00 32.05 ? 310  ASN A N   1 
ATOM   1028 C  CA  . ASN A 1 134 ? -13.309 13.445  -4.562  1.00 31.36 ? 310  ASN A CA  1 
ATOM   1029 C  C   . ASN A 1 134 ? -11.942 12.923  -4.991  1.00 31.19 ? 310  ASN A C   1 
ATOM   1030 O  O   . ASN A 1 134 ? -11.441 13.254  -6.067  1.00 31.41 ? 310  ASN A O   1 
ATOM   1031 C  CB  . ASN A 1 134 ? -13.586 14.791  -5.241  1.00 32.11 ? 310  ASN A CB  1 
ATOM   1032 C  CG  . ASN A 1 134 ? -12.409 15.739  -5.160  1.00 33.51 ? 310  ASN A CG  1 
ATOM   1033 O  OD1 . ASN A 1 134 ? -11.647 15.726  -4.194  1.00 34.09 ? 310  ASN A OD1 1 
ATOM   1034 N  ND2 . ASN A 1 134 ? -12.266 16.586  -6.172  1.00 33.59 ? 310  ASN A ND2 1 
ATOM   1035 N  N   . TYR A 1 135 ? -11.341 12.104  -4.137  1.00 28.97 ? 311  TYR A N   1 
ATOM   1036 C  CA  . TYR A 1 135 ? -10.029 11.531  -4.417  1.00 27.76 ? 311  TYR A CA  1 
ATOM   1037 C  C   . TYR A 1 135 ? -10.076 10.698  -5.698  1.00 27.42 ? 311  TYR A C   1 
ATOM   1038 O  O   . TYR A 1 135 ? -11.149 10.334  -6.194  1.00 25.26 ? 311  TYR A O   1 
ATOM   1039 C  CB  . TYR A 1 135 ? -9.585  10.643  -3.250  1.00 27.51 ? 311  TYR A CB  1 
ATOM   1040 C  CG  . TYR A 1 135 ? -10.319 9.319   -3.196  1.00 28.55 ? 311  TYR A CG  1 
ATOM   1041 C  CD1 . TYR A 1 135 ? -9.841  8.207   -3.889  1.00 28.60 ? 311  TYR A CD1 1 
ATOM   1042 C  CD2 . TYR A 1 135 ? -11.526 9.195   -2.497  1.00 27.96 ? 311  TYR A CD2 1 
ATOM   1043 C  CE1 . TYR A 1 135 ? -10.547 6.994   -3.893  1.00 28.89 ? 311  TYR A CE1 1 
ATOM   1044 C  CE2 . TYR A 1 135 ? -12.241 7.997   -2.498  1.00 28.57 ? 311  TYR A CE2 1 
ATOM   1045 C  CZ  . TYR A 1 135 ? -11.746 6.904   -3.198  1.00 28.89 ? 311  TYR A CZ  1 
ATOM   1046 O  OH  . TYR A 1 135 ? -12.456 5.730   -3.210  1.00 30.10 ? 311  TYR A OH  1 
ATOM   1047 N  N   . LEU A 1 136 ? -8.897  10.398  -6.224  1.00 27.74 ? 312  LEU A N   1 
ATOM   1048 C  CA  . LEU A 1 136 ? -8.790  9.601   -7.433  1.00 28.86 ? 312  LEU A CA  1 
ATOM   1049 C  C   . LEU A 1 136 ? -7.964  8.355   -7.168  1.00 28.94 ? 312  LEU A C   1 
ATOM   1050 O  O   . LEU A 1 136 ? -6.924  8.406   -6.498  1.00 27.91 ? 312  LEU A O   1 
ATOM   1051 C  CB  . LEU A 1 136 ? -8.161  10.421  -8.562  1.00 29.01 ? 312  LEU A CB  1 
ATOM   1052 C  CG  . LEU A 1 136 ? -9.091  11.460  -9.192  1.00 29.65 ? 312  LEU A CG  1 
ATOM   1053 C  CD1 . LEU A 1 136 ? -8.287  12.389  -10.085 1.00 29.45 ? 312  LEU A CD1 1 
ATOM   1054 C  CD2 . LEU A 1 136 ? -10.197 10.747  -9.981  1.00 28.64 ? 312  LEU A CD2 1 
ATOM   1055 N  N   . LEU A 1 137 ? -8.451  7.239   -7.697  1.00 29.08 ? 313  LEU A N   1 
ATOM   1056 C  CA  . LEU A 1 137 ? -7.798  5.949   -7.545  1.00 30.20 ? 313  LEU A CA  1 
ATOM   1057 C  C   . LEU A 1 137 ? -7.056  5.594   -8.821  1.00 30.54 ? 313  LEU A C   1 
ATOM   1058 O  O   . LEU A 1 137 ? -7.581  5.781   -9.920  1.00 31.60 ? 313  LEU A O   1 
ATOM   1059 C  CB  . LEU A 1 137 ? -8.844  4.860   -7.261  1.00 29.29 ? 313  LEU A CB  1 
ATOM   1060 C  CG  . LEU A 1 137 ? -8.389  3.414   -7.494  1.00 30.15 ? 313  LEU A CG  1 
ATOM   1061 C  CD1 . LEU A 1 137 ? -7.525  2.966   -6.324  1.00 30.74 ? 313  LEU A CD1 1 
ATOM   1062 C  CD2 . LEU A 1 137 ? -9.596  2.493   -7.649  1.00 29.47 ? 313  LEU A CD2 1 
ATOM   1063 N  N   . MET A 1 138 ? -5.836  5.086   -8.683  1.00 30.20 ? 314  MET A N   1 
ATOM   1064 C  CA  . MET A 1 138 ? -5.076  4.673   -9.854  1.00 31.17 ? 314  MET A CA  1 
ATOM   1065 C  C   . MET A 1 138 ? -4.024  3.629   -9.537  1.00 30.24 ? 314  MET A C   1 
ATOM   1066 O  O   . MET A 1 138 ? -3.659  3.413   -8.378  1.00 29.78 ? 314  MET A O   1 
ATOM   1067 C  CB  . MET A 1 138 ? -4.447  5.879   -10.571 1.00 32.76 ? 314  MET A CB  1 
ATOM   1068 C  CG  . MET A 1 138 ? -3.695  6.856   -9.704  1.00 36.63 ? 314  MET A CG  1 
ATOM   1069 S  SD  . MET A 1 138 ? -3.302  8.370   -10.630 1.00 39.78 ? 314  MET A SD  1 
ATOM   1070 C  CE  . MET A 1 138 ? -4.811  9.228   -10.491 1.00 41.57 ? 314  MET A CE  1 
ATOM   1071 N  N   . GLY A 1 139 ? -3.565  2.951   -10.583 1.00 29.34 ? 315  GLY A N   1 
ATOM   1072 C  CA  . GLY A 1 139 ? -2.562  1.926   -10.408 1.00 27.81 ? 315  GLY A CA  1 
ATOM   1073 C  C   . GLY A 1 139 ? -1.179  2.514   -10.568 1.00 26.98 ? 315  GLY A C   1 
ATOM   1074 O  O   . GLY A 1 139 ? -1.010  3.557   -11.204 1.00 24.13 ? 315  GLY A O   1 
ATOM   1075 N  N   . HIS A 1 140 ? -0.197  1.837   -9.980  1.00 27.22 ? 316  HIS A N   1 
ATOM   1076 C  CA  . HIS A 1 140 ? 1.199   2.249   -10.047 1.00 27.95 ? 316  HIS A CA  1 
ATOM   1077 C  C   . HIS A 1 140 ? 1.596   2.577   -11.497 1.00 28.99 ? 316  HIS A C   1 
ATOM   1078 O  O   . HIS A 1 140 ? 2.035   3.693   -11.800 1.00 27.13 ? 316  HIS A O   1 
ATOM   1079 C  CB  . HIS A 1 140 ? 2.081   1.114   -9.520  1.00 27.86 ? 316  HIS A CB  1 
ATOM   1080 C  CG  . HIS A 1 140 ? 3.149   1.558   -8.569  1.00 27.66 ? 316  HIS A CG  1 
ATOM   1081 N  ND1 . HIS A 1 140 ? 4.016   0.674   -7.963  1.00 28.68 ? 316  HIS A ND1 1 
ATOM   1082 C  CD2 . HIS A 1 140 ? 3.484   2.787   -8.108  1.00 28.78 ? 316  HIS A CD2 1 
ATOM   1083 C  CE1 . HIS A 1 140 ? 4.838   1.338   -7.169  1.00 29.18 ? 316  HIS A CE1 1 
ATOM   1084 N  NE2 . HIS A 1 140 ? 4.537   2.623   -7.240  1.00 30.51 ? 316  HIS A NE2 1 
ATOM   1085 N  N   . SER A 1 141 ? 1.411   1.603   -12.385 1.00 29.30 ? 317  SER A N   1 
ATOM   1086 C  CA  . SER A 1 141 ? 1.771   1.756   -13.792 1.00 31.67 ? 317  SER A CA  1 
ATOM   1087 C  C   . SER A 1 141 ? 1.068   2.875   -14.568 1.00 31.79 ? 317  SER A C   1 
ATOM   1088 O  O   . SER A 1 141 ? 1.377   3.096   -15.733 1.00 31.17 ? 317  SER A O   1 
ATOM   1089 C  CB  . SER A 1 141 ? 1.578   0.428   -14.530 1.00 31.35 ? 317  SER A CB  1 
ATOM   1090 O  OG  . SER A 1 141 ? 0.234   -0.012  -14.473 1.00 33.90 ? 317  SER A OG  1 
ATOM   1091 N  N   . ASP A 1 142 ? 0.125   3.572   -13.943 1.00 31.63 ? 318  ASP A N   1 
ATOM   1092 C  CA  . ASP A 1 142 ? -0.552  4.665   -14.632 1.00 32.37 ? 318  ASP A CA  1 
ATOM   1093 C  C   . ASP A 1 142 ? 0.273   5.922   -14.470 1.00 32.68 ? 318  ASP A C   1 
ATOM   1094 O  O   . ASP A 1 142 ? 0.203   6.837   -15.295 1.00 30.73 ? 318  ASP A O   1 
ATOM   1095 C  CB  . ASP A 1 142 ? -1.931  4.965   -14.035 1.00 33.05 ? 318  ASP A CB  1 
ATOM   1096 C  CG  . ASP A 1 142 ? -2.973  3.934   -14.396 1.00 34.96 ? 318  ASP A CG  1 
ATOM   1097 O  OD1 . ASP A 1 142 ? -2.888  3.352   -15.497 1.00 35.85 ? 318  ASP A OD1 1 
ATOM   1098 O  OD2 . ASP A 1 142 ? -3.895  3.725   -13.580 1.00 34.07 ? 318  ASP A OD2 1 
ATOM   1099 N  N   . VAL A 1 143 ? 1.048   5.961   -13.390 1.00 33.07 ? 319  VAL A N   1 
ATOM   1100 C  CA  . VAL A 1 143 ? 1.851   7.131   -13.066 1.00 33.53 ? 319  VAL A CA  1 
ATOM   1101 C  C   . VAL A 1 143 ? 3.300   7.056   -13.512 1.00 32.42 ? 319  VAL A C   1 
ATOM   1102 O  O   . VAL A 1 143 ? 3.857   8.042   -13.980 1.00 33.17 ? 319  VAL A O   1 
ATOM   1103 C  CB  . VAL A 1 143 ? 1.838   7.387   -11.557 1.00 34.69 ? 319  VAL A CB  1 
ATOM   1104 C  CG1 . VAL A 1 143 ? 2.451   8.737   -11.269 1.00 37.89 ? 319  VAL A CG1 1 
ATOM   1105 C  CG2 . VAL A 1 143 ? 0.423   7.312   -11.031 1.00 35.18 ? 319  VAL A CG2 1 
ATOM   1106 N  N   . VAL A 1 144 ? 3.921   5.900   -13.342 1.00 31.38 ? 320  VAL A N   1 
ATOM   1107 C  CA  . VAL A 1 144 ? 5.309   5.744   -13.752 1.00 31.39 ? 320  VAL A CA  1 
ATOM   1108 C  C   . VAL A 1 144 ? 5.498   4.447   -14.502 1.00 30.56 ? 320  VAL A C   1 
ATOM   1109 O  O   . VAL A 1 144 ? 4.632   3.570   -14.486 1.00 29.61 ? 320  VAL A O   1 
ATOM   1110 C  CB  . VAL A 1 144 ? 6.271   5.749   -12.554 1.00 32.38 ? 320  VAL A CB  1 
ATOM   1111 C  CG1 . VAL A 1 144 ? 6.200   7.084   -11.840 1.00 31.31 ? 320  VAL A CG1 1 
ATOM   1112 C  CG2 . VAL A 1 144 ? 5.917   4.613   -11.604 1.00 32.97 ? 320  VAL A CG2 1 
ATOM   1113 N  N   . ASN A 1 145 ? 6.638   4.331   -15.161 1.00 29.86 ? 321  ASN A N   1 
ATOM   1114 C  CA  . ASN A 1 145 ? 6.947   3.138   -15.920 1.00 31.58 ? 321  ASN A CA  1 
ATOM   1115 C  C   . ASN A 1 145 ? 7.362   2.040   -14.951 1.00 32.24 ? 321  ASN A C   1 
ATOM   1116 O  O   . ASN A 1 145 ? 8.543   1.910   -14.607 1.00 33.03 ? 321  ASN A O   1 
ATOM   1117 C  CB  . ASN A 1 145 ? 8.080   3.433   -16.903 1.00 33.68 ? 321  ASN A CB  1 
ATOM   1118 C  CG  . ASN A 1 145 ? 8.469   2.221   -17.707 1.00 34.85 ? 321  ASN A CG  1 
ATOM   1119 O  OD1 . ASN A 1 145 ? 7.617   1.574   -18.313 1.00 35.26 ? 321  ASN A OD1 1 
ATOM   1120 N  ND2 . ASN A 1 145 ? 9.761   1.904   -17.720 1.00 35.17 ? 321  ASN A ND2 1 
ATOM   1121 N  N   . ILE A 1 146 ? 6.395   1.245   -14.513 1.00 32.09 ? 322  ILE A N   1 
ATOM   1122 C  CA  . ILE A 1 146 ? 6.684   0.183   -13.562 1.00 31.40 ? 322  ILE A CA  1 
ATOM   1123 C  C   . ILE A 1 146 ? 5.769   -1.017  -13.749 1.00 30.60 ? 322  ILE A C   1 
ATOM   1124 O  O   . ILE A 1 146 ? 4.619   -0.878  -14.161 1.00 29.49 ? 322  ILE A O   1 
ATOM   1125 C  CB  . ILE A 1 146 ? 6.541   0.707   -12.109 1.00 31.12 ? 322  ILE A CB  1 
ATOM   1126 C  CG1 . ILE A 1 146 ? 7.182   -0.264  -11.125 1.00 31.44 ? 322  ILE A CG1 1 
ATOM   1127 C  CG2 . ILE A 1 146 ? 5.069   0.871   -11.748 1.00 32.34 ? 322  ILE A CG2 1 
ATOM   1128 C  CD1 . ILE A 1 146 ? 7.238   0.288   -9.707  1.00 31.94 ? 322  ILE A CD1 1 
ATOM   1129 N  N   . LEU A 1 147 ? 6.303   -2.194  -13.449 1.00 31.43 ? 323  LEU A N   1 
ATOM   1130 C  CA  . LEU A 1 147 ? 5.555   -3.440  -13.549 1.00 32.03 ? 323  LEU A CA  1 
ATOM   1131 C  C   . LEU A 1 147 ? 4.882   -3.609  -12.184 1.00 30.86 ? 323  LEU A C   1 
ATOM   1132 O  O   . LEU A 1 147 ? 5.310   -4.407  -11.344 1.00 31.79 ? 323  LEU A O   1 
ATOM   1133 C  CB  . LEU A 1 147 ? 6.517   -4.600  -13.824 1.00 34.95 ? 323  LEU A CB  1 
ATOM   1134 C  CG  . LEU A 1 147 ? 6.002   -5.777  -14.655 1.00 38.31 ? 323  LEU A CG  1 
ATOM   1135 C  CD1 . LEU A 1 147 ? 4.770   -6.356  -13.998 1.00 40.19 ? 323  LEU A CD1 1 
ATOM   1136 C  CD2 . LEU A 1 147 ? 5.684   -5.318  -16.073 1.00 38.15 ? 323  LEU A CD2 1 
ATOM   1137 N  N   . SER A 1 148 ? 3.846   -2.812  -11.968 1.00 28.07 ? 324  SER A N   1 
ATOM   1138 C  CA  . SER A 1 148 ? 3.082   -2.810  -10.730 1.00 25.88 ? 324  SER A CA  1 
ATOM   1139 C  C   . SER A 1 148 ? 1.782   -2.104  -11.089 1.00 25.55 ? 324  SER A C   1 
ATOM   1140 O  O   . SER A 1 148 ? 1.793   -1.145  -11.847 1.00 25.65 ? 324  SER A O   1 
ATOM   1141 C  CB  . SER A 1 148 ? 3.848   -2.032  -9.659  1.00 24.32 ? 324  SER A CB  1 
ATOM   1142 O  OG  . SER A 1 148 ? 3.054   -1.783  -8.515  1.00 22.82 ? 324  SER A OG  1 
ATOM   1143 N  N   . PRO A 1 149 ? 0.649   -2.552  -10.534 1.00 26.52 ? 325  PRO A N   1 
ATOM   1144 C  CA  . PRO A 1 149 ? 0.510   -3.661  -9.592  1.00 27.28 ? 325  PRO A CA  1 
ATOM   1145 C  C   . PRO A 1 149 ? 0.245   -5.008  -10.242 1.00 27.88 ? 325  PRO A C   1 
ATOM   1146 O  O   . PRO A 1 149 ? -0.252  -5.914  -9.579  1.00 27.69 ? 325  PRO A O   1 
ATOM   1147 C  CB  . PRO A 1 149 ? -0.666  -3.216  -8.747  1.00 27.55 ? 325  PRO A CB  1 
ATOM   1148 C  CG  . PRO A 1 149 ? -1.591  -2.651  -9.821  1.00 27.53 ? 325  PRO A CG  1 
ATOM   1149 C  CD  . PRO A 1 149 ? -0.645  -1.867  -10.729 1.00 25.94 ? 325  PRO A CD  1 
ATOM   1150 N  N   . GLY A 1 150 ? 0.574   -5.144  -11.524 1.00 28.05 ? 326  GLY A N   1 
ATOM   1151 C  CA  . GLY A 1 150 ? 0.326   -6.401  -12.218 1.00 28.57 ? 326  GLY A CA  1 
ATOM   1152 C  C   . GLY A 1 150 ? -0.999  -6.332  -12.964 1.00 30.75 ? 326  GLY A C   1 
ATOM   1153 O  O   . GLY A 1 150 ? -2.016  -5.941  -12.378 1.00 30.84 ? 326  GLY A O   1 
ATOM   1154 N  N   . GLN A 1 151 ? -0.999  -6.696  -14.248 1.00 32.75 ? 327  GLN A N   1 
ATOM   1155 C  CA  . GLN A 1 151 ? -2.218  -6.660  -15.070 1.00 34.40 ? 327  GLN A CA  1 
ATOM   1156 C  C   . GLN A 1 151 ? -3.438  -7.251  -14.378 1.00 34.56 ? 327  GLN A C   1 
ATOM   1157 O  O   . GLN A 1 151 ? -4.527  -6.674  -14.411 1.00 35.05 ? 327  GLN A O   1 
ATOM   1158 C  CB  . GLN A 1 151 ? -2.022  -7.421  -16.387 1.00 35.14 ? 327  GLN A CB  1 
ATOM   1159 C  CG  . GLN A 1 151 ? -1.502  -6.604  -17.566 1.00 40.00 ? 327  GLN A CG  1 
ATOM   1160 C  CD  . GLN A 1 151 ? -2.410  -5.437  -17.953 1.00 40.29 ? 327  GLN A CD  1 
ATOM   1161 O  OE1 . GLN A 1 151 ? -3.608  -5.422  -17.649 1.00 39.84 ? 327  GLN A OE1 1 
ATOM   1162 N  NE2 . GLN A 1 151 ? -1.839  -4.460  -18.644 1.00 39.54 ? 327  GLN A NE2 1 
ATOM   1163 N  N   . ALA A 1 152 ? -3.252  -8.419  -13.778 1.00 34.64 ? 328  ALA A N   1 
ATOM   1164 C  CA  . ALA A 1 152 ? -4.330  -9.116  -13.093 1.00 34.85 ? 328  ALA A CA  1 
ATOM   1165 C  C   . ALA A 1 152 ? -4.995  -8.220  -12.046 1.00 34.72 ? 328  ALA A C   1 
ATOM   1166 O  O   . ALA A 1 152 ? -6.217  -8.040  -12.048 1.00 33.96 ? 328  ALA A O   1 
ATOM   1167 C  CB  . ALA A 1 152 ? -3.785  -10.377 -12.444 1.00 35.53 ? 328  ALA A CB  1 
ATOM   1168 N  N   . LEU A 1 153 ? -4.180  -7.658  -11.160 1.00 33.35 ? 329  LEU A N   1 
ATOM   1169 C  CA  . LEU A 1 153 ? -4.684  -6.785  -10.105 1.00 33.53 ? 329  LEU A CA  1 
ATOM   1170 C  C   . LEU A 1 153 ? -5.212  -5.490  -10.735 1.00 32.87 ? 329  LEU A C   1 
ATOM   1171 O  O   . LEU A 1 153 ? -6.238  -4.950  -10.315 1.00 33.07 ? 329  LEU A O   1 
ATOM   1172 C  CB  . LEU A 1 153 ? -3.558  -6.471  -9.110  1.00 32.17 ? 329  LEU A CB  1 
ATOM   1173 C  CG  . LEU A 1 153 ? -3.929  -6.159  -7.654  1.00 33.85 ? 329  LEU A CG  1 
ATOM   1174 C  CD1 . LEU A 1 153 ? -2.692  -5.706  -6.895  1.00 31.29 ? 329  LEU A CD1 1 
ATOM   1175 C  CD2 . LEU A 1 153 ? -4.985  -5.082  -7.599  1.00 33.24 ? 329  LEU A CD2 1 
ATOM   1176 N  N   . TYR A 1 154 ? -4.504  -5.000  -11.750 1.00 32.40 ? 330  TYR A N   1 
ATOM   1177 C  CA  . TYR A 1 154 ? -4.893  -3.775  -12.434 1.00 32.72 ? 330  TYR A CA  1 
ATOM   1178 C  C   . TYR A 1 154 ? -6.314  -3.890  -12.970 1.00 32.96 ? 330  TYR A C   1 
ATOM   1179 O  O   . TYR A 1 154 ? -7.148  -3.006  -12.759 1.00 33.47 ? 330  TYR A O   1 
ATOM   1180 C  CB  . TYR A 1 154 ? -3.949  -3.494  -13.602 1.00 32.48 ? 330  TYR A CB  1 
ATOM   1181 C  CG  . TYR A 1 154 ? -4.171  -2.142  -14.257 1.00 31.85 ? 330  TYR A CG  1 
ATOM   1182 C  CD1 . TYR A 1 154 ? -3.533  -0.995  -13.773 1.00 30.63 ? 330  TYR A CD1 1 
ATOM   1183 C  CD2 . TYR A 1 154 ? -5.030  -2.005  -15.346 1.00 29.84 ? 330  TYR A CD2 1 
ATOM   1184 C  CE1 . TYR A 1 154 ? -3.745  0.251   -14.357 1.00 29.70 ? 330  TYR A CE1 1 
ATOM   1185 C  CE2 . TYR A 1 154 ? -5.250  -0.763  -15.937 1.00 30.76 ? 330  TYR A CE2 1 
ATOM   1186 C  CZ  . TYR A 1 154 ? -4.606  0.362   -15.437 1.00 31.10 ? 330  TYR A CZ  1 
ATOM   1187 O  OH  . TYR A 1 154 ? -4.839  1.599   -16.010 1.00 30.32 ? 330  TYR A OH  1 
ATOM   1188 N  N   . ASN A 1 155 ? -6.580  -4.981  -13.676 1.00 33.53 ? 331  ASN A N   1 
ATOM   1189 C  CA  . ASN A 1 155 ? -7.897  -5.202  -14.247 1.00 34.06 ? 331  ASN A CA  1 
ATOM   1190 C  C   . ASN A 1 155 ? -8.971  -5.159  -13.166 1.00 34.03 ? 331  ASN A C   1 
ATOM   1191 O  O   . ASN A 1 155 ? -10.096 -4.721  -13.417 1.00 33.66 ? 331  ASN A O   1 
ATOM   1192 C  CB  . ASN A 1 155 ? -7.935  -6.540  -14.998 1.00 34.38 ? 331  ASN A CB  1 
ATOM   1193 C  CG  . ASN A 1 155 ? -7.036  -6.542  -16.244 1.00 35.96 ? 331  ASN A CG  1 
ATOM   1194 O  OD1 . ASN A 1 155 ? -6.863  -5.512  -16.899 1.00 35.51 ? 331  ASN A OD1 1 
ATOM   1195 N  ND2 . ASN A 1 155 ? -6.483  -7.702  -16.578 1.00 34.10 ? 331  ASN A ND2 1 
ATOM   1196 N  N   . ILE A 1 156 ? -8.620  -5.590  -11.959 1.00 33.65 ? 332  ILE A N   1 
ATOM   1197 C  CA  . ILE A 1 156 ? -9.574  -5.586  -10.861 1.00 33.96 ? 332  ILE A CA  1 
ATOM   1198 C  C   . ILE A 1 156 ? -9.828  -4.175  -10.338 1.00 34.09 ? 332  ILE A C   1 
ATOM   1199 O  O   . ILE A 1 156 ? -10.964 -3.692  -10.360 1.00 34.00 ? 332  ILE A O   1 
ATOM   1200 C  CB  . ILE A 1 156 ? -9.083  -6.436  -9.671  1.00 36.27 ? 332  ILE A CB  1 
ATOM   1201 C  CG1 . ILE A 1 156 ? -8.703  -7.846  -10.135 1.00 37.11 ? 332  ILE A CG1 1 
ATOM   1202 C  CG2 . ILE A 1 156 ? -10.173 -6.500  -8.605  1.00 35.74 ? 332  ILE A CG2 1 
ATOM   1203 C  CD1 . ILE A 1 156 ? -9.865  -8.689  -10.579 1.00 37.93 ? 332  ILE A CD1 1 
ATOM   1204 N  N   . ILE A 1 157 ? -8.775  -3.510  -9.866  1.00 33.59 ? 333  ILE A N   1 
ATOM   1205 C  CA  . ILE A 1 157 ? -8.945  -2.170  -9.311  1.00 34.48 ? 333  ILE A CA  1 
ATOM   1206 C  C   . ILE A 1 157 ? -9.505  -1.194  -10.331 1.00 35.16 ? 333  ILE A C   1 
ATOM   1207 O  O   . ILE A 1 157 ? -10.120 -0.190  -9.965  1.00 36.56 ? 333  ILE A O   1 
ATOM   1208 C  CB  . ILE A 1 157 ? -7.624  -1.587  -8.773  1.00 35.20 ? 333  ILE A CB  1 
ATOM   1209 C  CG1 . ILE A 1 157 ? -6.696  -1.228  -9.933  1.00 33.98 ? 333  ILE A CG1 1 
ATOM   1210 C  CG2 . ILE A 1 157 ? -6.967  -2.580  -7.836  1.00 33.20 ? 333  ILE A CG2 1 
ATOM   1211 C  CD1 . ILE A 1 157 ? -5.531  -0.373  -9.521  1.00 34.97 ? 333  ILE A CD1 1 
ATOM   1212 N  N   . SER A 1 158 ? -9.295  -1.483  -11.611 1.00 34.48 ? 334  SER A N   1 
ATOM   1213 C  CA  . SER A 1 158 ? -9.799  -0.605  -12.658 1.00 34.91 ? 334  SER A CA  1 
ATOM   1214 C  C   . SER A 1 158 ? -11.321 -0.489  -12.581 1.00 33.67 ? 334  SER A C   1 
ATOM   1215 O  O   . SER A 1 158 ? -11.897 0.448   -13.128 1.00 34.09 ? 334  SER A O   1 
ATOM   1216 C  CB  . SER A 1 158 ? -9.404  -1.134  -14.039 1.00 34.83 ? 334  SER A CB  1 
ATOM   1217 O  OG  . SER A 1 158 ? -10.151 -2.294  -14.360 1.00 35.27 ? 334  SER A OG  1 
ATOM   1218 N  N   . THR A 1 159 ? -11.972 -1.436  -11.903 1.00 32.49 ? 335  THR A N   1 
ATOM   1219 C  CA  . THR A 1 159 ? -13.431 -1.409  -11.785 1.00 32.27 ? 335  THR A CA  1 
ATOM   1220 C  C   . THR A 1 159 ? -13.918 -0.799  -10.474 1.00 31.30 ? 335  THR A C   1 
ATOM   1221 O  O   . THR A 1 159 ? -15.119 -0.654  -10.270 1.00 32.16 ? 335  THR A O   1 
ATOM   1222 C  CB  . THR A 1 159 ? -14.063 -2.826  -11.892 1.00 31.95 ? 335  THR A CB  1 
ATOM   1223 O  OG1 . THR A 1 159 ? -13.850 -3.543  -10.671 1.00 32.88 ? 335  THR A OG1 1 
ATOM   1224 C  CG2 . THR A 1 159 ? -13.439 -3.611  -13.037 1.00 32.90 ? 335  THR A CG2 1 
ATOM   1225 N  N   . TRP A 1 160 ? -13.000 -0.439  -9.584  1.00 29.07 ? 336  TRP A N   1 
ATOM   1226 C  CA  . TRP A 1 160 ? -13.411 0.137   -8.310  1.00 28.41 ? 336  TRP A CA  1 
ATOM   1227 C  C   . TRP A 1 160 ? -13.860 1.588   -8.469  1.00 29.62 ? 336  TRP A C   1 
ATOM   1228 O  O   . TRP A 1 160 ? -13.652 2.209   -9.510  1.00 29.72 ? 336  TRP A O   1 
ATOM   1229 C  CB  . TRP A 1 160 ? -12.274 0.063   -7.293  1.00 27.85 ? 336  TRP A CB  1 
ATOM   1230 C  CG  . TRP A 1 160 ? -11.901 -1.330  -6.871  1.00 27.82 ? 336  TRP A CG  1 
ATOM   1231 C  CD1 . TRP A 1 160 ? -12.526 -2.499  -7.214  1.00 27.19 ? 336  TRP A CD1 1 
ATOM   1232 C  CD2 . TRP A 1 160 ? -10.808 -1.695  -6.026  1.00 28.18 ? 336  TRP A CD2 1 
ATOM   1233 N  NE1 . TRP A 1 160 ? -11.885 -3.569  -6.636  1.00 25.96 ? 336  TRP A NE1 1 
ATOM   1234 C  CE2 . TRP A 1 160 ? -10.826 -3.104  -5.903  1.00 28.70 ? 336  TRP A CE2 1 
ATOM   1235 C  CE3 . TRP A 1 160 ? -9.811  -0.967  -5.359  1.00 27.17 ? 336  TRP A CE3 1 
ATOM   1236 C  CZ2 . TRP A 1 160 ? -9.885  -3.797  -5.140  1.00 29.71 ? 336  TRP A CZ2 1 
ATOM   1237 C  CZ3 . TRP A 1 160 ? -8.876  -1.659  -4.601  1.00 28.21 ? 336  TRP A CZ3 1 
ATOM   1238 C  CH2 . TRP A 1 160 ? -8.921  -3.060  -4.498  1.00 28.61 ? 336  TRP A CH2 1 
ATOM   1239 N  N   . PRO A 1 161 ? -14.497 2.149   -7.431  1.00 30.36 ? 337  PRO A N   1 
ATOM   1240 C  CA  . PRO A 1 161 ? -14.941 3.540   -7.542  1.00 29.81 ? 337  PRO A CA  1 
ATOM   1241 C  C   . PRO A 1 161 ? -13.803 4.554   -7.560  1.00 29.19 ? 337  PRO A C   1 
ATOM   1242 O  O   . PRO A 1 161 ? -12.729 4.324   -6.995  1.00 26.75 ? 337  PRO A O   1 
ATOM   1243 C  CB  . PRO A 1 161 ? -15.876 3.703   -6.341  1.00 28.90 ? 337  PRO A CB  1 
ATOM   1244 C  CG  . PRO A 1 161 ? -15.339 2.728   -5.362  1.00 29.68 ? 337  PRO A CG  1 
ATOM   1245 C  CD  . PRO A 1 161 ? -15.028 1.527   -6.209  1.00 29.62 ? 337  PRO A CD  1 
ATOM   1246 N  N   . HIS A 1 162 ? -14.067 5.672   -8.232  1.00 29.67 ? 338  HIS A N   1 
ATOM   1247 C  CA  . HIS A 1 162 ? -13.123 6.775   -8.386  1.00 29.30 ? 338  HIS A CA  1 
ATOM   1248 C  C   . HIS A 1 162 ? -11.860 6.437   -9.164  1.00 29.02 ? 338  HIS A C   1 
ATOM   1249 O  O   . HIS A 1 162 ? -10.894 7.199   -9.146  1.00 27.73 ? 338  HIS A O   1 
ATOM   1250 C  CB  . HIS A 1 162 ? -12.759 7.372   -7.024  1.00 27.16 ? 338  HIS A CB  1 
ATOM   1251 C  CG  . HIS A 1 162 ? -13.863 8.178   -6.419  1.00 26.31 ? 338  HIS A CG  1 
ATOM   1252 N  ND1 . HIS A 1 162 ? -13.639 9.180   -5.502  1.00 26.13 ? 338  HIS A ND1 1 
ATOM   1253 C  CD2 . HIS A 1 162 ? -15.200 8.163   -6.644  1.00 26.28 ? 338  HIS A CD2 1 
ATOM   1254 C  CE1 . HIS A 1 162 ? -14.790 9.753   -5.191  1.00 27.34 ? 338  HIS A CE1 1 
ATOM   1255 N  NE2 . HIS A 1 162 ? -15.752 9.155   -5.870  1.00 27.78 ? 338  HIS A NE2 1 
ATOM   1256 N  N   . PHE A 1 163 ? -11.866 5.295   -9.846  1.00 29.17 ? 339  PHE A N   1 
ATOM   1257 C  CA  . PHE A 1 163 ? -10.714 4.923   -10.649 1.00 32.74 ? 339  PHE A CA  1 
ATOM   1258 C  C   . PHE A 1 163 ? -10.649 5.937   -11.795 1.00 35.09 ? 339  PHE A C   1 
ATOM   1259 O  O   . PHE A 1 163 ? -11.670 6.229   -12.435 1.00 33.64 ? 339  PHE A O   1 
ATOM   1260 C  CB  . PHE A 1 163 ? -10.870 3.513   -11.228 1.00 33.21 ? 339  PHE A CB  1 
ATOM   1261 C  CG  . PHE A 1 163 ? -9.738  3.112   -12.127 1.00 32.84 ? 339  PHE A CG  1 
ATOM   1262 C  CD1 . PHE A 1 163 ? -8.507  2.749   -11.591 1.00 32.63 ? 339  PHE A CD1 1 
ATOM   1263 C  CD2 . PHE A 1 163 ? -9.874  3.178   -13.510 1.00 33.03 ? 339  PHE A CD2 1 
ATOM   1264 C  CE1 . PHE A 1 163 ? -7.423  2.461   -12.419 1.00 32.35 ? 339  PHE A CE1 1 
ATOM   1265 C  CE2 . PHE A 1 163 ? -8.798  2.893   -14.349 1.00 32.13 ? 339  PHE A CE2 1 
ATOM   1266 C  CZ  . PHE A 1 163 ? -7.568  2.535   -13.802 1.00 32.48 ? 339  PHE A CZ  1 
ATOM   1267 N  N   . LYS A 1 164 ? -9.458  6.476   -12.044 1.00 36.77 ? 340  LYS A N   1 
ATOM   1268 C  CA  . LYS A 1 164 ? -9.258  7.461   -13.105 1.00 39.41 ? 340  LYS A CA  1 
ATOM   1269 C  C   . LYS A 1 164 ? -9.461  6.793   -14.468 1.00 40.31 ? 340  LYS A C   1 
ATOM   1270 O  O   . LYS A 1 164 ? -8.491  6.498   -15.167 1.00 39.63 ? 340  LYS A O   1 
ATOM   1271 C  CB  . LYS A 1 164 ? -7.841  8.031   -13.002 1.00 40.96 ? 340  LYS A CB  1 
ATOM   1272 C  CG  . LYS A 1 164 ? -7.638  9.390   -13.647 1.00 43.37 ? 340  LYS A CG  1 
ATOM   1273 C  CD  . LYS A 1 164 ? -6.172  9.815   -13.544 1.00 46.31 ? 340  LYS A CD  1 
ATOM   1274 C  CE  . LYS A 1 164 ? -5.969  11.264  -13.956 1.00 48.18 ? 340  LYS A CE  1 
ATOM   1275 N  NZ  . LYS A 1 164 ? -6.509  11.532  -15.319 1.00 50.57 ? 340  LYS A NZ  1 
ATOM   1276 N  N   . HIS A 1 165 ? -10.723 6.553   -14.833 1.00 43.15 ? 341  HIS A N   1 
ATOM   1277 C  CA  . HIS A 1 165 ? -11.069 5.894   -16.099 1.00 43.40 ? 341  HIS A CA  1 
ATOM   1278 C  C   . HIS A 1 165 ? -10.342 6.535   -17.283 1.00 42.79 ? 341  HIS A C   1 
ATOM   1279 O  O   . HIS A 1 165 ? -9.826  7.651   -17.186 1.00 42.07 ? 341  HIS A O   1 
ATOM   1280 C  CB  . HIS A 1 165 ? -12.594 5.935   -16.352 1.00 43.76 ? 341  HIS A CB  1 
ATOM   1281 C  CG  . HIS A 1 165 ? -13.408 5.060   -15.436 1.00 44.38 ? 341  HIS A CG  1 
ATOM   1282 N  ND1 . HIS A 1 165 ? -14.140 5.562   -14.379 1.00 44.79 ? 341  HIS A ND1 1 
ATOM   1283 C  CD2 . HIS A 1 165 ? -13.649 3.726   -15.453 1.00 44.76 ? 341  HIS A CD2 1 
ATOM   1284 C  CE1 . HIS A 1 165 ? -14.797 4.578   -13.788 1.00 40.58 ? 341  HIS A CE1 1 
ATOM   1285 N  NE2 . HIS A 1 165 ? -14.519 3.454   -14.421 1.00 42.10 ? 341  HIS A NE2 1 
ATOM   1286 O  OXT . HIS A 1 165 ? -10.332 5.788   -18.372 1.00 41.99 ? 341  HIS A OXT 1 
ATOM   1287 N  N   . ALA B 2 1   ? 8.593   0.315   -5.733  0.60 25.34 ? 996  ALA P N   1 
ATOM   1288 C  CA  . ALA B 2 1   ? 8.650   1.722   -5.267  0.60 28.25 ? 996  ALA P CA  1 
ATOM   1289 C  C   . ALA B 2 1   ? 9.514   2.663   -6.141  0.60 29.30 ? 996  ALA P C   1 
ATOM   1290 O  O   . ALA B 2 1   ? 10.465  2.224   -6.790  0.60 29.96 ? 996  ALA P O   1 
ATOM   1291 C  CB  . ALA B 2 1   ? 9.167   1.773   -3.846  0.60 25.19 ? 996  ALA P CB  1 
HETATM 1292 N  N   . GMA B 2 2   ? 9.138   3.964   -6.149  0.60 30.33 ? 997  GMA P N   1 
HETATM 1293 C  CA  . GMA B 2 2   ? 9.819   5.018   -6.946  0.60 31.11 ? 997  GMA P CA  1 
HETATM 1294 C  CD  . GMA B 2 2   ? 8.925   5.421   -8.132  0.60 31.17 ? 997  GMA P CD  1 
HETATM 1295 O  O1  . GMA B 2 2   ? 9.254   6.438   -8.778  0.60 32.15 ? 997  GMA P O1  1 
HETATM 1296 C  CB  . GMA B 2 2   ? 10.102  6.263   -6.086  0.60 33.28 ? 997  GMA P CB  1 
HETATM 1297 C  CG  . GMA B 2 2   ? 11.000  6.070   -4.870  0.60 35.08 ? 997  GMA P CG  1 
HETATM 1298 C  C   . GMA B 2 2   ? 10.866  7.171   -3.821  0.60 37.01 ? 997  GMA P C   1 
HETATM 1299 O  O   . GMA B 2 2   ? 9.707   7.469   -3.441  0.60 38.34 ? 997  GMA P O   1 
HETATM 1300 N  N2  . GMA B 2 2   ? 7.914   4.656   -8.359  0.60 32.94 ? 997  GMA P N2  1 
ATOM   1301 N  N   . LYS B 2 3   ? 11.998  7.728   -3.370  0.60 38.66 ? 998  LYS P N   1 
ATOM   1302 C  CA  . LYS B 2 3   ? 12.088  8.818   -2.308  0.60 39.87 ? 998  LYS P CA  1 
ATOM   1303 C  C   . LYS B 2 3   ? 11.127  9.990   -2.610  0.60 41.06 ? 998  LYS P C   1 
ATOM   1304 O  O   . LYS B 2 3   ? 10.276  10.331  -1.751  0.60 42.50 ? 998  LYS P O   1 
ATOM   1305 C  CB  . LYS B 2 3   ? 13.511  9.402   -2.202  0.60 40.95 ? 998  LYS P CB  1 
ATOM   1306 C  CG  . LYS B 2 3   ? 14.623  8.409   -1.886  0.60 40.36 ? 998  LYS P CG  1 
ATOM   1307 C  CD  . LYS B 2 3   ? 15.975  9.122   -1.796  0.60 40.41 ? 998  LYS P CD  1 
ATOM   1308 C  CE  . LYS B 2 3   ? 17.153  8.204   -1.474  0.60 40.72 ? 998  LYS P CE  1 
ATOM   1309 N  NZ  . LYS B 2 3   ? 18.430  8.942   -1.404  0.60 40.22 ? 998  LYS P NZ  1 
HETATM 1310 N  N   . NH2 B 2 4   ? 11.296  10.539  -3.787  0.60 40.92 ? 999  NH2 P N   1 
HETATM 1311 NI NI  . NI  C 3 .   ? -15.456 -0.682  7.270   1.00 38.05 ? 900  NI  A NI  1 
HETATM 1312 C  C1  . AMU D 4 .   ? 11.584  -5.026  -6.445  0.60 26.29 ? 1001 AMU P C1  1 
HETATM 1313 C  C2  . AMU D 4 .   ? 10.847  -3.762  -5.953  0.60 25.75 ? 1001 AMU P C2  1 
HETATM 1314 C  C3  . AMU D 4 .   ? 9.917   -3.206  -7.105  0.60 26.03 ? 1001 AMU P C3  1 
HETATM 1315 C  C4  . AMU D 4 .   ? 10.781  -2.880  -8.323  0.60 27.28 ? 1001 AMU P C4  1 
HETATM 1316 C  C5  . AMU D 4 .   ? 11.589  -4.119  -8.781  0.60 27.77 ? 1001 AMU P C5  1 
HETATM 1317 C  C6  . AMU D 4 .   ? 12.542  -3.856  -9.955  0.60 28.04 ? 1001 AMU P C6  1 
HETATM 1318 C  C7  . AMU D 4 .   ? 9.982   -3.374  -3.615  0.60 23.48 ? 1001 AMU P C7  1 
HETATM 1319 C  C8  . AMU D 4 .   ? 9.037   -3.911  -2.537  0.60 21.69 ? 1001 AMU P C8  1 
HETATM 1320 C  C9  . AMU D 4 .   ? 7.881   -1.937  -6.185  0.60 24.84 ? 1001 AMU P C9  1 
HETATM 1321 C  C10 . AMU D 4 .   ? 7.593   -0.567  -5.562  0.60 24.36 ? 1001 AMU P C10 1 
HETATM 1322 C  C11 . AMU D 4 .   ? 6.916   -2.262  -7.338  0.60 21.21 ? 1001 AMU P C11 1 
HETATM 1323 O  O1  . AMU D 4 .   ? 10.666  -6.094  -6.665  0.60 23.92 ? 1001 AMU P O1  1 
HETATM 1324 O  O3  . AMU D 4 .   ? 9.254   -1.976  -6.675  0.60 26.49 ? 1001 AMU P O3  1 
HETATM 1325 O  O4  . AMU D 4 .   ? 9.850   -2.510  -9.343  0.60 26.63 ? 1001 AMU P O4  1 
HETATM 1326 O  O5  . AMU D 4 .   ? 12.348  -4.667  -7.656  0.60 27.82 ? 1001 AMU P O5  1 
HETATM 1327 O  O6  . AMU D 4 .   ? 12.930  -2.491  -10.054 0.60 30.33 ? 1001 AMU P O6  1 
HETATM 1328 O  O7  . AMU D 4 .   ? 10.651  -2.357  -3.396  0.60 20.38 ? 1001 AMU P O7  1 
HETATM 1329 O  O10 . AMU D 4 .   ? 6.534   -0.324  -4.965  0.60 25.60 ? 1001 AMU P O10 1 
HETATM 1330 N  N2  . AMU D 4 .   ? 10.029  -4.059  -4.769  0.60 24.08 ? 1001 AMU P N2  1 
HETATM 1331 O  O   . HOH E 5 .   ? 16.665  4.717   -3.700  1.00 37.90 ? 1001 HOH A O   1 
HETATM 1332 O  O   . HOH E 5 .   ? -1.466  1.417   -16.362 1.00 28.92 ? 1002 HOH A O   1 
HETATM 1333 O  O   . HOH E 5 .   ? -13.184 12.719  2.649   1.00 30.71 ? 1003 HOH A O   1 
HETATM 1334 O  O   . HOH E 5 .   ? 9.778   -11.680 -1.851  1.00 41.44 ? 1004 HOH A O   1 
HETATM 1335 O  O   . HOH E 5 .   ? 12.866  -3.778  9.264   1.00 35.15 ? 1005 HOH A O   1 
HETATM 1336 O  O   . HOH E 5 .   ? -6.665  -8.593  10.639  1.00 31.26 ? 1006 HOH A O   1 
HETATM 1337 O  O   . HOH E 5 .   ? -15.554 -2.829  8.120   1.00 32.27 ? 1007 HOH A O   1 
HETATM 1338 O  O   . HOH E 5 .   ? 4.940   -13.067 -14.924 1.00 43.57 ? 1008 HOH A O   1 
HETATM 1339 O  O   . HOH E 5 .   ? -7.849  -9.634  -13.406 1.00 44.93 ? 1009 HOH A O   1 
HETATM 1340 O  O   . HOH E 5 .   ? -16.687 -8.447  5.884   1.00 30.12 ? 1010 HOH A O   1 
HETATM 1341 O  O   . HOH E 5 .   ? 15.393  -7.326  3.370   1.00 33.36 ? 1011 HOH A O   1 
HETATM 1342 O  O   . HOH E 5 .   ? -8.671  -4.857  15.882  1.00 35.93 ? 1012 HOH A O   1 
HETATM 1343 O  O   . HOH E 5 .   ? -10.674 -6.512  10.001  1.00 40.76 ? 1013 HOH A O   1 
HETATM 1344 O  O   . HOH E 5 .   ? 14.911  -7.722  6.976   1.00 43.42 ? 1014 HOH A O   1 
HETATM 1345 O  O   . HOH E 5 .   ? -10.200 -14.805 -0.052  1.00 34.56 ? 1015 HOH A O   1 
HETATM 1346 O  O   . HOH E 5 .   ? -4.443  -18.425 4.640   0.5  31.89 ? 1016 HOH A O   1 
HETATM 1347 O  O   . HOH E 5 .   ? -5.718  18.339  0.097   1.00 42.25 ? 1017 HOH A O   1 
HETATM 1348 O  O   . HOH E 5 .   ? 12.308  8.119   1.942   1.00 34.16 ? 1018 HOH A O   1 
HETATM 1349 O  O   . HOH E 5 .   ? -17.646 -1.629  9.708   1.00 40.08 ? 1019 HOH A O   1 
HETATM 1350 O  O   . HOH E 5 .   ? -15.225 1.289   6.011   1.00 29.24 ? 1020 HOH A O   1 
HETATM 1351 O  O   . HOH E 5 .   ? 7.805   -4.434  -10.112 1.00 38.52 ? 1021 HOH A O   1 
HETATM 1352 O  O   . HOH E 5 .   ? -9.665  -12.941 -6.472  1.00 35.03 ? 1022 HOH A O   1 
HETATM 1353 O  O   . HOH E 5 .   ? -11.904 3.230   -4.546  1.00 25.99 ? 1023 HOH A O   1 
HETATM 1354 O  O   . HOH E 5 .   ? 1.473   7.194   10.443  1.00 26.59 ? 1024 HOH A O   1 
HETATM 1355 O  O   . HOH E 5 .   ? 8.899   4.737   13.842  1.00 34.18 ? 1025 HOH A O   1 
HETATM 1356 O  O   . HOH E 5 .   ? -6.604  -6.256  9.136   1.00 36.45 ? 1026 HOH A O   1 
HETATM 1357 O  O   . HOH E 5 .   ? -13.983 1.081   -1.310  1.00 27.47 ? 1027 HOH A O   1 
HETATM 1358 O  O   . HOH E 5 .   ? 8.696   5.972   3.357   1.00 32.07 ? 1028 HOH A O   1 
HETATM 1359 O  O   . HOH E 5 .   ? 3.371   -10.289 16.037  1.00 27.86 ? 1029 HOH A O   1 
HETATM 1360 O  O   . HOH E 5 .   ? 16.918  2.381   -5.776  1.00 44.79 ? 1030 HOH A O   1 
HETATM 1361 O  O   . HOH E 5 .   ? 7.402   6.072   9.694   1.00 33.46 ? 1031 HOH A O   1 
HETATM 1362 O  O   . HOH E 5 .   ? 4.784   11.207  -11.507 1.00 35.64 ? 1032 HOH A O   1 
HETATM 1363 O  O   . HOH E 5 .   ? 13.904  0.149   16.025  1.00 49.37 ? 1033 HOH A O   1 
HETATM 1364 O  O   . HOH E 5 .   ? -7.754  4.804   -17.490 1.00 45.66 ? 1034 HOH A O   1 
HETATM 1365 O  O   . HOH E 5 .   ? -0.538  13.851  9.296   1.00 34.06 ? 1035 HOH A O   1 
HETATM 1366 O  O   . HOH E 5 .   ? 0.677   -13.525 -10.819 1.00 36.53 ? 1036 HOH A O   1 
HETATM 1367 O  O   . HOH E 5 .   ? 1.089   -3.370  -13.856 1.00 47.04 ? 1037 HOH A O   1 
HETATM 1368 O  O   . HOH E 5 .   ? -10.418 -15.646 -3.752  1.00 36.50 ? 1038 HOH A O   1 
HETATM 1369 O  O   . HOH E 5 .   ? -12.454 0.481   -3.802  1.00 42.85 ? 1039 HOH A O   1 
HETATM 1370 O  O   . HOH E 5 .   ? 10.254  -9.494  1.867   1.00 35.81 ? 1040 HOH A O   1 
HETATM 1371 O  O   . HOH E 5 .   ? -17.676 11.379  -1.504  1.00 44.11 ? 1041 HOH A O   1 
HETATM 1372 O  O   . HOH E 5 .   ? 2.506   10.856  -13.856 1.00 35.26 ? 1042 HOH A O   1 
HETATM 1373 O  O   . HOH E 5 .   ? 7.864   2.574   14.680  1.00 45.41 ? 1043 HOH A O   1 
HETATM 1374 O  O   . HOH E 5 .   ? 9.291   8.809   4.775   1.00 37.77 ? 1044 HOH A O   1 
HETATM 1375 O  O   . HOH E 5 .   ? 6.827   13.088  -4.326  1.00 42.00 ? 1045 HOH A O   1 
HETATM 1376 O  O   . HOH E 5 .   ? 10.342  10.330  2.579   1.00 35.18 ? 1046 HOH A O   1 
HETATM 1377 O  O   . HOH E 5 .   ? 9.302   -9.125  -0.705  1.00 33.92 ? 1047 HOH A O   1 
HETATM 1378 O  O   . HOH F 5 .   ? 11.040  -6.757  -1.671  1.00 44.80 ? 1101 HOH P O   1 
# 
